data_8C9M
#
_entry.id   8C9M
#
_entity_poly.entity_id   1
_entity_poly.type   'polypeptide(L)'
_entity_poly.pdbx_seq_one_letter_code
;MGQTKSKIKSKYASYLSFIKILLKRGGVKVSTKNLIKLFQIIEQFCPWFPEQGTLDLKDWKRIGKELKQAGRKGNIIPLT
VWNDWAIIKAALEPFQTEEDSVSVSDAPGSCIIDCNENTRKKSQKETEGLHCEYVAEPVMAQSTQNVDYNQLQEVIYPET
LKLEGKGPELVGPSESKPRGTSPLPAGQVPVTLQPQKQVKENKTQPPVAYQYWPPAELQYRPPPESQYGYPGMPPAPQGR
APYPQPPTRRLNPTAPPSRQGSELHEIIDKSRKEGDTEAWQFPVTLEPMPPGEGAQEGEPPTVEARYKSFSIKMLKDMKE
GVKQYGPNSPYMRTLLDSIAHGHRLIPYDWEILAKSSLSPSQFLQFKTWWIDGVQEQVRRNRAANPPVNIDADQLLGIGQ
NWSTISQQALMQNEAIEQVRAICLRAWEKIQDPGSTCPSFNTVRQGSKEPYPDFVARLQDVAQKSIADEKARKVIVELMA
YENANPECQSAIKPLKGKVPAGSDVISEYVKACDGIGGAMHKAMLMAQAITGVVLGGQVRTFGGKCYNCGQIGHLKKNCP
VLNKQNITIQATTTGREPPDLCPRCKKGKHWASQCRSKFDKNGQPLSGNEQRGQPQAPQQTGAFPIQPFVPQGFQGQQPP
LSQVFQGISQLPQYNNCPPPQAAVQQ
;
_entity_poly.pdbx_strand_id   A,B,C,D,E,F
#
# COMPACT_ATOMS: atom_id res chain seq x y z
N GLU A 304 -1.68 16.22 -19.65
CA GLU A 304 -1.00 15.93 -18.38
C GLU A 304 0.20 15.03 -18.60
N ALA A 305 0.95 15.27 -19.68
CA ALA A 305 2.11 14.43 -19.93
C ALA A 305 3.38 15.17 -19.53
N ARG A 306 4.41 15.15 -20.40
CA ARG A 306 5.72 15.78 -20.21
C ARG A 306 6.55 15.25 -19.03
N TYR A 307 6.40 13.98 -18.69
CA TYR A 307 7.14 13.31 -17.62
C TYR A 307 6.96 13.89 -16.20
N LYS A 308 7.52 15.09 -15.96
CA LYS A 308 7.50 15.72 -14.64
C LYS A 308 7.80 17.22 -14.66
N SER A 309 7.02 18.02 -13.92
CA SER A 309 7.29 19.45 -13.75
C SER A 309 7.88 19.66 -12.38
N PHE A 310 8.27 20.89 -12.06
CA PHE A 310 8.80 21.19 -10.74
C PHE A 310 7.77 21.04 -9.63
N SER A 311 6.51 20.82 -9.97
CA SER A 311 5.49 20.60 -8.95
C SER A 311 4.25 19.98 -9.56
N ILE A 312 3.80 18.86 -9.01
CA ILE A 312 2.63 18.17 -9.55
C ILE A 312 1.42 18.08 -8.64
N LYS A 313 1.62 17.58 -7.42
CA LYS A 313 0.49 17.32 -6.51
C LYS A 313 -0.52 18.43 -6.47
N MET A 314 -0.08 19.64 -6.14
CA MET A 314 -0.94 20.79 -5.96
C MET A 314 -1.71 21.12 -7.15
N LEU A 315 -1.11 20.94 -8.31
CA LEU A 315 -1.77 21.28 -9.52
C LEU A 315 -2.84 20.19 -9.84
N LYS A 316 -2.53 18.97 -9.49
CA LYS A 316 -3.46 17.86 -9.71
C LYS A 316 -4.67 18.04 -8.84
N ASP A 317 -4.42 18.40 -7.60
CA ASP A 317 -5.46 18.63 -6.62
C ASP A 317 -6.39 19.75 -7.05
N MET A 318 -5.84 20.87 -7.46
CA MET A 318 -6.65 21.98 -7.83
C MET A 318 -7.43 21.72 -9.04
N LYS A 319 -6.84 21.02 -10.02
CA LYS A 319 -7.61 20.69 -11.21
C LYS A 319 -8.84 19.93 -10.86
N GLU A 320 -8.70 18.97 -9.96
CA GLU A 320 -9.85 18.17 -9.58
C GLU A 320 -10.79 18.97 -8.81
N GLY A 321 -10.27 19.84 -7.98
CA GLY A 321 -11.06 20.73 -7.12
C GLY A 321 -11.96 21.65 -7.92
N VAL A 322 -11.45 22.22 -8.92
CA VAL A 322 -12.21 23.06 -9.67
C VAL A 322 -13.33 22.28 -10.31
N LYS A 323 -12.99 21.13 -10.88
CA LYS A 323 -14.02 20.29 -11.52
C LYS A 323 -15.15 19.90 -10.55
N GLN A 324 -14.81 19.53 -9.32
CA GLN A 324 -15.88 19.08 -8.40
C GLN A 324 -16.42 20.11 -7.43
N TYR A 325 -15.80 21.24 -7.29
CA TYR A 325 -16.38 22.19 -6.40
C TYR A 325 -16.69 23.52 -7.09
N GLY A 326 -15.90 23.85 -8.11
CA GLY A 326 -16.12 25.13 -8.89
C GLY A 326 -15.00 26.16 -8.58
N PRO A 327 -14.59 26.96 -9.59
CA PRO A 327 -13.55 28.00 -9.55
C PRO A 327 -13.66 28.96 -8.38
N ASN A 328 -14.86 29.32 -8.01
CA ASN A 328 -15.02 30.27 -6.90
C ASN A 328 -15.42 29.65 -5.62
N SER A 329 -15.30 28.37 -5.53
CA SER A 329 -15.73 27.70 -4.33
C SER A 329 -14.80 28.01 -3.21
N PRO A 330 -15.27 27.94 -1.95
CA PRO A 330 -14.53 28.13 -0.72
C PRO A 330 -13.28 27.26 -0.70
N TYR A 331 -13.39 26.08 -1.15
CA TYR A 331 -12.27 25.22 -1.22
C TYR A 331 -11.21 25.75 -2.15
N MET A 332 -11.58 26.06 -3.38
CA MET A 332 -10.59 26.56 -4.30
C MET A 332 -10.05 27.89 -3.87
N ARG A 333 -10.91 28.72 -3.30
CA ARG A 333 -10.49 30.05 -2.93
C ARG A 333 -9.55 30.00 -1.82
N THR A 334 -9.72 29.02 -0.94
CA THR A 334 -8.78 28.83 0.14
C THR A 334 -7.40 28.43 -0.38
N LEU A 335 -7.35 27.50 -1.32
CA LEU A 335 -6.05 27.09 -1.82
C LEU A 335 -5.38 28.16 -2.55
N LEU A 336 -6.16 28.95 -3.33
CA LEU A 336 -5.57 30.10 -4.03
C LEU A 336 -4.94 31.06 -3.06
N ASP A 337 -5.67 31.34 -1.98
CA ASP A 337 -5.19 32.29 -1.00
C ASP A 337 -3.94 31.82 -0.42
N SER A 338 -3.91 30.54 -0.10
CA SER A 338 -2.74 29.91 0.48
C SER A 338 -1.56 29.98 -0.42
N ILE A 339 -1.70 29.56 -1.61
CA ILE A 339 -0.60 29.50 -2.46
C ILE A 339 -0.16 30.79 -2.98
N ALA A 340 -1.09 31.71 -3.18
CA ALA A 340 -0.75 33.03 -3.68
C ALA A 340 0.04 33.85 -2.72
N HIS A 341 -0.31 33.79 -1.43
CA HIS A 341 0.41 34.61 -0.47
C HIS A 341 1.74 33.98 -0.10
N GLY A 342 1.82 32.67 -0.23
CA GLY A 342 3.00 31.90 0.10
C GLY A 342 4.05 31.80 -1.03
N HIS A 343 3.79 30.95 -2.02
CA HIS A 343 4.77 30.72 -3.09
C HIS A 343 4.71 31.84 -4.09
N ARG A 344 5.38 32.95 -3.81
CA ARG A 344 5.20 34.09 -4.67
C ARG A 344 5.37 33.71 -6.13
N LEU A 345 4.43 34.19 -6.97
CA LEU A 345 4.36 33.79 -8.37
C LEU A 345 4.69 34.88 -9.39
N ILE A 346 5.14 34.45 -10.57
CA ILE A 346 5.41 35.35 -11.66
C ILE A 346 4.30 35.12 -12.69
N PRO A 347 4.06 35.99 -13.60
CA PRO A 347 3.04 35.92 -14.61
C PRO A 347 3.09 34.54 -15.31
N TYR A 348 4.29 34.01 -15.58
CA TYR A 348 4.41 32.64 -16.17
C TYR A 348 3.73 31.58 -15.31
N ASP A 349 3.95 31.65 -14.04
CA ASP A 349 3.40 30.74 -13.15
C ASP A 349 1.96 30.79 -13.14
N TRP A 350 1.41 31.98 -13.16
CA TRP A 350 -0.03 32.14 -13.15
C TRP A 350 -0.59 31.58 -14.44
N GLU A 351 0.12 31.73 -15.52
CA GLU A 351 -0.33 31.25 -16.76
C GLU A 351 -0.52 29.77 -16.66
N ILE A 352 0.49 29.08 -16.03
CA ILE A 352 0.42 27.60 -15.83
C ILE A 352 -0.61 27.20 -14.82
N LEU A 353 -0.69 27.94 -13.70
CA LEU A 353 -1.53 27.55 -12.57
C LEU A 353 -2.96 27.51 -13.02
N ALA A 354 -3.38 28.55 -13.74
CA ALA A 354 -4.72 28.59 -14.30
C ALA A 354 -4.89 27.56 -15.46
N LYS A 355 -3.93 27.49 -16.33
CA LYS A 355 -4.04 26.61 -17.48
C LYS A 355 -4.19 25.21 -17.10
N SER A 356 -3.51 24.81 -16.04
CA SER A 356 -3.54 23.45 -15.56
C SER A 356 -4.68 23.13 -14.59
N SER A 357 -5.48 24.13 -14.14
CA SER A 357 -6.53 23.85 -13.18
C SER A 357 -7.94 24.24 -13.66
N LEU A 358 -8.03 25.21 -14.56
CA LEU A 358 -9.32 25.65 -15.07
C LEU A 358 -9.67 24.89 -16.32
N SER A 359 -10.96 24.70 -16.53
CA SER A 359 -11.43 24.02 -17.76
C SER A 359 -11.17 24.99 -18.90
N PRO A 360 -10.93 24.53 -20.10
CA PRO A 360 -10.60 25.29 -21.24
C PRO A 360 -11.37 26.55 -21.34
N SER A 361 -12.69 26.50 -21.19
CA SER A 361 -13.45 27.71 -21.34
C SER A 361 -13.30 28.61 -20.19
N GLN A 362 -13.05 28.05 -19.04
CA GLN A 362 -12.92 28.81 -17.86
C GLN A 362 -11.62 29.59 -17.90
N PHE A 363 -10.58 28.91 -18.39
CA PHE A 363 -9.22 29.54 -18.63
C PHE A 363 -9.34 30.71 -19.51
N LEU A 364 -10.07 30.57 -20.59
CA LEU A 364 -10.20 31.65 -21.52
C LEU A 364 -10.87 32.82 -20.90
N GLN A 365 -11.86 32.60 -20.03
CA GLN A 365 -12.47 33.74 -19.38
C GLN A 365 -11.40 34.39 -18.40
N PHE A 366 -10.63 33.55 -17.74
CA PHE A 366 -9.64 34.04 -16.78
C PHE A 366 -8.72 34.91 -17.39
N LYS A 367 -8.15 34.49 -18.47
CA LYS A 367 -7.12 35.26 -19.16
C LYS A 367 -7.68 36.54 -19.77
N THR A 368 -8.89 36.52 -20.25
CA THR A 368 -9.46 37.72 -20.79
C THR A 368 -9.59 38.74 -19.71
N TRP A 369 -10.08 38.32 -18.57
CA TRP A 369 -10.23 39.17 -17.45
C TRP A 369 -8.89 39.63 -16.94
N TRP A 370 -7.90 38.76 -17.04
CA TRP A 370 -6.57 39.08 -16.57
C TRP A 370 -6.06 40.20 -17.23
N ILE A 371 -6.19 40.20 -18.55
CA ILE A 371 -5.68 41.28 -19.35
C ILE A 371 -6.38 42.54 -18.97
N ASP A 372 -7.69 42.49 -18.78
CA ASP A 372 -8.39 43.71 -18.42
C ASP A 372 -7.90 44.27 -17.13
N GLY A 373 -7.64 43.39 -16.17
CA GLY A 373 -7.19 43.81 -14.88
C GLY A 373 -5.86 44.52 -14.99
N VAL A 374 -4.98 44.01 -15.84
CA VAL A 374 -3.70 44.62 -16.06
C VAL A 374 -3.90 45.99 -16.57
N GLN A 375 -4.78 46.17 -17.49
CA GLN A 375 -4.95 47.45 -18.04
C GLN A 375 -5.34 48.42 -17.05
N GLU A 376 -6.16 48.01 -16.12
CA GLU A 376 -6.57 48.87 -15.06
C GLU A 376 -5.36 49.34 -14.26
N GLN A 377 -4.48 48.42 -13.91
CA GLN A 377 -3.36 48.78 -13.06
C GLN A 377 -2.38 49.57 -13.75
N VAL A 378 -2.24 49.40 -15.04
CA VAL A 378 -1.35 50.22 -15.80
C VAL A 378 -1.83 51.68 -15.78
N ARG A 379 -3.15 51.89 -15.84
CA ARG A 379 -3.66 53.23 -15.74
C ARG A 379 -3.26 53.83 -14.45
N ARG A 380 -3.36 53.05 -13.39
CA ARG A 380 -3.02 53.52 -12.06
C ARG A 380 -1.54 53.82 -11.91
N ASN A 381 -0.71 53.00 -12.53
CA ASN A 381 0.71 53.17 -12.42
C ASN A 381 1.19 54.40 -13.13
N ARG A 382 0.57 54.71 -14.24
CA ARG A 382 0.90 55.94 -14.96
C ARG A 382 0.35 57.14 -14.22
N ALA A 383 -0.71 56.94 -13.47
CA ALA A 383 -1.29 58.03 -12.72
C ALA A 383 -0.64 58.22 -11.36
N ALA A 384 0.38 57.42 -11.03
CA ALA A 384 1.02 57.54 -9.73
C ALA A 384 1.92 58.75 -9.68
N ASN A 385 2.15 59.26 -8.47
CA ASN A 385 3.06 60.37 -8.27
C ASN A 385 4.04 60.03 -7.13
N PRO A 386 5.27 59.60 -7.45
CA PRO A 386 5.91 59.48 -8.75
C PRO A 386 5.28 58.32 -9.51
N PRO A 387 5.37 58.29 -10.86
CA PRO A 387 4.93 57.21 -11.72
C PRO A 387 5.65 55.91 -11.38
N VAL A 388 4.94 54.81 -11.48
CA VAL A 388 5.54 53.51 -11.24
C VAL A 388 5.86 52.86 -12.54
N ASN A 389 7.13 52.45 -12.71
CA ASN A 389 7.58 51.90 -13.99
C ASN A 389 7.20 50.44 -14.23
N ILE A 390 5.91 50.19 -14.37
CA ILE A 390 5.41 48.85 -14.62
C ILE A 390 4.36 48.90 -15.72
N ASP A 391 4.74 48.41 -16.88
CA ASP A 391 3.87 48.35 -18.06
C ASP A 391 3.13 47.08 -18.13
N ALA A 392 2.14 47.05 -19.01
CA ALA A 392 1.29 45.93 -19.23
C ALA A 392 2.05 44.70 -19.54
N ASP A 393 3.16 44.87 -20.26
CA ASP A 393 4.00 43.77 -20.64
C ASP A 393 4.60 43.04 -19.46
N GLN A 394 4.87 43.75 -18.41
CA GLN A 394 5.43 43.19 -17.24
C GLN A 394 4.42 42.48 -16.43
N LEU A 395 3.24 43.01 -16.38
CA LEU A 395 2.20 42.36 -15.62
C LEU A 395 1.65 41.08 -16.32
N LEU A 396 1.50 41.10 -17.63
CA LEU A 396 1.11 39.88 -18.33
C LEU A 396 2.21 38.89 -18.62
N GLY A 397 3.47 39.34 -18.71
CA GLY A 397 4.58 38.38 -19.03
C GLY A 397 4.58 38.20 -20.54
N ILE A 398 4.35 39.29 -21.24
CA ILE A 398 4.30 39.30 -22.67
C ILE A 398 5.14 40.39 -23.21
N GLY A 399 6.13 40.07 -24.02
CA GLY A 399 6.93 41.12 -24.64
C GLY A 399 8.41 40.80 -24.71
N GLN A 400 9.19 41.77 -25.16
CA GLN A 400 10.62 41.57 -25.31
C GLN A 400 11.36 41.57 -23.99
N ASN A 401 10.94 42.40 -23.07
CA ASN A 401 11.61 42.50 -21.78
C ASN A 401 11.05 41.57 -20.74
N TRP A 402 9.81 41.12 -20.89
CA TRP A 402 9.24 40.20 -19.92
C TRP A 402 8.57 39.03 -20.59
N SER A 403 9.39 38.13 -21.08
CA SER A 403 8.97 36.96 -21.84
C SER A 403 9.10 35.69 -21.02
N THR A 404 10.28 35.11 -21.06
CA THR A 404 10.58 33.87 -20.38
C THR A 404 10.78 34.06 -18.89
N ILE A 405 10.88 32.94 -18.20
CA ILE A 405 11.03 32.92 -16.75
C ILE A 405 12.25 33.72 -16.33
N SER A 406 13.33 33.60 -17.07
CA SER A 406 14.52 34.29 -16.70
C SER A 406 14.35 35.78 -16.59
N GLN A 407 13.46 36.38 -17.38
CA GLN A 407 13.28 37.79 -17.24
C GLN A 407 12.25 38.07 -16.17
N GLN A 408 11.25 37.19 -16.07
CA GLN A 408 10.21 37.45 -15.10
C GLN A 408 10.71 37.25 -13.70
N ALA A 409 11.76 36.45 -13.55
CA ALA A 409 12.40 36.22 -12.26
C ALA A 409 13.00 37.44 -11.67
N LEU A 410 13.22 38.44 -12.45
CA LEU A 410 13.82 39.61 -11.97
C LEU A 410 12.81 40.69 -11.59
N MET A 411 11.52 40.33 -11.61
CA MET A 411 10.48 41.31 -11.26
C MET A 411 10.60 41.71 -9.84
N GLN A 412 10.25 42.93 -9.55
CA GLN A 412 10.30 43.45 -8.22
C GLN A 412 9.05 43.10 -7.49
N ASN A 413 9.08 43.17 -6.18
CA ASN A 413 7.95 42.81 -5.39
C ASN A 413 6.76 43.70 -5.65
N GLU A 414 6.99 44.89 -6.07
CA GLU A 414 5.90 45.76 -6.38
C GLU A 414 5.11 45.21 -7.53
N ALA A 415 5.84 44.74 -8.55
CA ALA A 415 5.20 44.15 -9.75
C ALA A 415 4.56 42.81 -9.43
N ILE A 416 5.21 42.01 -8.65
CA ILE A 416 4.72 40.72 -8.32
C ILE A 416 3.44 40.81 -7.59
N GLU A 417 3.40 41.65 -6.61
CA GLU A 417 2.23 41.83 -5.85
C GLU A 417 1.13 42.29 -6.67
N GLN A 418 1.40 43.21 -7.55
CA GLN A 418 0.39 43.76 -8.33
C GLN A 418 -0.18 42.74 -9.22
N VAL A 419 0.64 41.86 -9.77
CA VAL A 419 0.14 40.74 -10.53
C VAL A 419 -0.77 39.86 -9.70
N ARG A 420 -0.34 39.55 -8.48
CA ARG A 420 -1.14 38.66 -7.60
C ARG A 420 -2.51 39.22 -7.37
N ALA A 421 -2.59 40.50 -7.12
CA ALA A 421 -3.82 41.11 -6.87
C ALA A 421 -4.68 41.02 -8.03
N ILE A 422 -4.12 41.24 -9.21
CA ILE A 422 -4.88 41.21 -10.39
C ILE A 422 -5.45 39.91 -10.67
N CYS A 423 -4.64 38.88 -10.56
CA CYS A 423 -5.10 37.53 -10.84
C CYS A 423 -6.10 37.07 -9.95
N LEU A 424 -5.99 37.34 -8.69
CA LEU A 424 -6.96 36.85 -7.81
C LEU A 424 -8.31 37.51 -8.07
N ARG A 425 -8.29 38.76 -8.46
CA ARG A 425 -9.50 39.41 -8.85
C ARG A 425 -10.04 38.81 -10.08
N ALA A 426 -9.17 38.52 -11.02
CA ALA A 426 -9.57 37.94 -12.25
C ALA A 426 -10.21 36.60 -12.03
N TRP A 427 -9.66 35.85 -11.08
CA TRP A 427 -10.14 34.54 -10.78
C TRP A 427 -11.49 34.61 -10.29
N GLU A 428 -11.75 35.51 -9.41
CA GLU A 428 -13.07 35.67 -8.90
C GLU A 428 -14.06 36.09 -9.95
N LYS A 429 -13.60 36.73 -11.01
CA LYS A 429 -14.52 37.10 -12.09
C LYS A 429 -14.90 35.89 -13.01
N ILE A 430 -14.40 34.67 -12.71
CA ILE A 430 -14.76 33.49 -13.57
C ILE A 430 -16.20 33.11 -13.32
N GLN A 431 -16.96 32.97 -14.40
CA GLN A 431 -18.40 32.64 -14.30
C GLN A 431 -18.63 31.33 -13.57
N ASP A 432 -19.48 31.37 -12.53
CA ASP A 432 -19.83 30.15 -11.75
C ASP A 432 -20.51 29.17 -12.60
N PRO A 433 -20.10 27.94 -12.62
CA PRO A 433 -20.72 26.86 -13.28
C PRO A 433 -22.06 26.59 -12.68
N GLY A 434 -23.09 26.52 -13.50
CA GLY A 434 -24.42 26.16 -13.02
C GLY A 434 -24.74 24.70 -13.32
N SER A 435 -23.76 24.01 -13.89
CA SER A 435 -23.94 22.62 -14.29
C SER A 435 -22.77 21.69 -13.95
N THR A 436 -21.54 22.18 -13.93
CA THR A 436 -20.40 21.31 -13.73
C THR A 436 -20.47 20.74 -12.33
N CYS A 437 -20.37 19.41 -12.23
CA CYS A 437 -20.41 18.69 -10.95
C CYS A 437 -20.69 19.55 -9.72
N PRO A 438 -21.92 20.03 -9.53
CA PRO A 438 -22.32 20.81 -8.39
C PRO A 438 -22.40 19.77 -7.31
N SER A 439 -21.26 19.46 -6.70
CA SER A 439 -21.12 18.28 -5.87
C SER A 439 -22.05 18.21 -4.69
N PHE A 440 -22.56 19.33 -4.22
CA PHE A 440 -23.53 19.25 -3.18
C PHE A 440 -24.76 18.47 -3.59
N ASN A 441 -24.98 18.25 -4.89
CA ASN A 441 -26.11 17.42 -5.29
C ASN A 441 -25.67 16.28 -6.17
N THR A 442 -24.40 15.92 -6.14
CA THR A 442 -23.97 14.77 -6.87
C THR A 442 -23.63 13.69 -5.96
N VAL A 443 -23.32 14.05 -4.73
CA VAL A 443 -23.05 13.04 -3.73
C VAL A 443 -24.22 12.35 -3.31
N ARG A 444 -24.21 11.08 -3.48
CA ARG A 444 -25.32 10.27 -3.14
C ARG A 444 -24.90 9.15 -2.28
N GLN A 445 -25.79 8.70 -1.48
CA GLN A 445 -25.49 7.62 -0.57
C GLN A 445 -25.37 6.33 -1.33
N GLY A 446 -24.29 5.60 -1.11
CA GLY A 446 -24.15 4.29 -1.81
C GLY A 446 -25.01 3.26 -1.15
N SER A 447 -25.26 2.17 -1.88
CA SER A 447 -26.22 1.17 -1.42
C SER A 447 -25.90 0.55 -0.12
N LYS A 448 -24.67 0.50 0.22
CA LYS A 448 -24.26 -0.12 1.43
C LYS A 448 -23.55 0.83 2.36
N GLU A 449 -23.62 2.12 2.10
CA GLU A 449 -22.84 3.04 2.92
C GLU A 449 -23.56 3.39 4.15
N PRO A 450 -22.92 3.37 5.34
CA PRO A 450 -23.51 3.82 6.60
C PRO A 450 -23.97 5.25 6.45
N TYR A 451 -25.14 5.56 7.01
CA TYR A 451 -25.65 6.90 6.90
C TYR A 451 -24.66 7.90 7.52
N PRO A 452 -24.08 7.68 8.71
CA PRO A 452 -23.12 8.61 9.29
C PRO A 452 -21.95 8.98 8.36
N ASP A 453 -21.51 8.05 7.48
CA ASP A 453 -20.39 8.36 6.60
C ASP A 453 -20.89 9.27 5.51
N PHE A 454 -22.08 8.97 5.01
CA PHE A 454 -22.71 9.76 4.05
C PHE A 454 -22.82 11.15 4.42
N VAL A 455 -23.33 11.37 5.62
CA VAL A 455 -23.61 12.72 6.03
C VAL A 455 -22.30 13.44 6.14
N ALA A 456 -21.30 12.81 6.73
CA ALA A 456 -20.06 13.50 6.92
C ALA A 456 -19.53 13.89 5.63
N ARG A 457 -19.60 13.02 4.66
CA ARG A 457 -19.17 13.33 3.33
C ARG A 457 -19.91 14.51 2.78
N LEU A 458 -21.19 14.52 2.95
CA LEU A 458 -22.01 15.57 2.46
C LEU A 458 -21.62 16.86 3.03
N GLN A 459 -21.41 16.89 4.34
CA GLN A 459 -21.03 18.10 4.96
C GLN A 459 -19.73 18.55 4.53
N ASP A 460 -18.81 17.64 4.29
CA ASP A 460 -17.52 18.00 3.86
C ASP A 460 -17.58 18.72 2.60
N VAL A 461 -18.35 18.18 1.67
CA VAL A 461 -18.54 18.83 0.42
C VAL A 461 -19.21 20.13 0.52
N ALA A 462 -20.21 20.23 1.40
CA ALA A 462 -20.88 21.49 1.59
C ALA A 462 -19.89 22.54 2.09
N GLN A 463 -18.99 22.18 2.97
CA GLN A 463 -17.99 23.13 3.45
C GLN A 463 -17.09 23.55 2.37
N LYS A 464 -16.85 22.69 1.46
CA LYS A 464 -15.98 22.96 0.39
C LYS A 464 -16.68 23.64 -0.85
N SER A 465 -17.99 23.68 -0.88
CA SER A 465 -18.64 24.31 -2.01
C SER A 465 -19.60 25.41 -1.70
N ILE A 466 -20.29 25.34 -0.62
CA ILE A 466 -21.22 26.39 -0.31
C ILE A 466 -20.63 27.43 0.58
N ALA A 467 -20.64 28.69 0.17
CA ALA A 467 -19.93 29.70 0.96
C ALA A 467 -20.69 30.20 2.20
N ASP A 468 -21.95 30.58 2.08
CA ASP A 468 -22.63 31.04 3.28
C ASP A 468 -23.20 29.94 4.12
N GLU A 469 -22.64 29.79 5.31
CA GLU A 469 -23.04 28.83 6.30
C GLU A 469 -24.52 28.70 6.50
N LYS A 470 -25.24 29.77 6.46
CA LYS A 470 -26.66 29.70 6.64
C LYS A 470 -27.29 28.83 5.59
N ALA A 471 -26.95 29.09 4.35
CA ALA A 471 -27.45 28.35 3.25
C ALA A 471 -26.92 26.98 3.25
N ARG A 472 -25.69 26.85 3.65
CA ARG A 472 -25.01 25.58 3.70
C ARG A 472 -25.74 24.62 4.57
N LYS A 473 -26.12 25.05 5.71
CA LYS A 473 -26.88 24.27 6.62
C LYS A 473 -28.15 23.78 5.99
N VAL A 474 -28.91 24.68 5.34
CA VAL A 474 -30.18 24.26 4.70
C VAL A 474 -29.96 23.21 3.67
N ILE A 475 -28.97 23.40 2.85
CA ILE A 475 -28.70 22.49 1.78
C ILE A 475 -28.34 21.17 2.27
N VAL A 476 -27.48 21.08 3.29
CA VAL A 476 -27.15 19.79 3.85
C VAL A 476 -28.37 19.07 4.39
N GLU A 477 -29.20 19.76 5.06
CA GLU A 477 -30.39 19.15 5.59
C GLU A 477 -31.30 18.57 4.46
N LEU A 478 -31.46 19.33 3.42
CA LEU A 478 -32.29 18.91 2.35
C LEU A 478 -31.70 17.72 1.64
N MET A 479 -30.41 17.81 1.32
CA MET A 479 -29.71 16.74 0.61
C MET A 479 -29.53 15.50 1.47
N ALA A 480 -29.43 15.69 2.79
CA ALA A 480 -29.28 14.57 3.71
C ALA A 480 -30.46 13.63 3.52
N TYR A 481 -31.65 14.19 3.28
CA TYR A 481 -32.84 13.35 2.96
C TYR A 481 -32.85 12.92 1.51
N GLU A 482 -32.75 13.88 0.63
CA GLU A 482 -32.98 13.64 -0.79
C GLU A 482 -32.04 12.67 -1.44
N ASN A 483 -30.79 12.72 -1.09
CA ASN A 483 -29.85 11.83 -1.73
C ASN A 483 -29.57 10.60 -0.93
N ALA A 484 -30.39 10.30 0.04
CA ALA A 484 -30.15 9.12 0.83
C ALA A 484 -30.66 7.92 0.09
N ASN A 485 -30.17 6.75 0.44
CA ASN A 485 -30.66 5.57 -0.24
C ASN A 485 -31.94 5.21 0.34
N PRO A 486 -32.75 4.41 -0.32
CA PRO A 486 -34.08 3.97 0.06
C PRO A 486 -34.16 3.39 1.44
N GLU A 487 -33.15 2.72 1.83
CA GLU A 487 -33.11 2.13 3.11
C GLU A 487 -33.21 3.16 4.21
N CYS A 488 -32.59 4.31 3.97
CA CYS A 488 -32.57 5.33 4.96
C CYS A 488 -33.67 6.27 4.77
N GLN A 489 -34.14 6.45 3.53
CA GLN A 489 -35.23 7.41 3.36
C GLN A 489 -36.44 6.94 4.06
N SER A 490 -36.63 5.70 4.11
CA SER A 490 -37.77 5.20 4.79
C SER A 490 -37.71 5.47 6.27
N ALA A 491 -36.53 5.72 6.81
CA ALA A 491 -36.39 6.03 8.21
C ALA A 491 -36.51 7.50 8.42
N ILE A 492 -36.14 8.29 7.42
CA ILE A 492 -36.18 9.71 7.57
C ILE A 492 -37.48 10.31 7.23
N LYS A 493 -38.16 9.77 6.25
CA LYS A 493 -39.44 10.27 5.83
C LYS A 493 -40.46 10.55 6.88
N PRO A 494 -40.67 9.75 7.85
CA PRO A 494 -41.62 9.98 8.93
C PRO A 494 -41.12 11.04 9.94
N LEU A 495 -39.84 11.40 9.83
CA LEU A 495 -39.17 12.37 10.75
C LEU A 495 -39.11 13.76 10.04
N LYS A 496 -38.82 13.75 8.75
CA LYS A 496 -38.63 14.94 7.97
C LYS A 496 -39.71 15.89 8.10
N GLY A 497 -39.39 17.08 8.50
CA GLY A 497 -40.34 18.12 8.63
C GLY A 497 -40.99 18.17 9.99
N LYS A 498 -40.75 17.17 10.81
CA LYS A 498 -41.33 17.12 12.15
C LYS A 498 -40.27 17.27 13.21
N VAL A 499 -39.08 17.58 12.79
CA VAL A 499 -38.00 17.75 13.73
C VAL A 499 -38.23 18.99 14.51
N PRO A 500 -38.20 18.93 15.82
CA PRO A 500 -38.43 20.03 16.74
C PRO A 500 -37.30 21.00 16.69
N ALA A 501 -37.59 22.22 17.04
CA ALA A 501 -36.61 23.27 17.03
C ALA A 501 -35.57 22.97 18.06
N GLY A 502 -34.39 23.53 17.87
CA GLY A 502 -33.31 23.34 18.83
C GLY A 502 -32.46 22.15 18.46
N SER A 503 -33.06 20.99 18.46
CA SER A 503 -32.34 19.82 18.05
C SER A 503 -31.92 19.91 16.63
N ASP A 504 -30.68 19.58 16.36
CA ASP A 504 -30.14 19.63 15.03
C ASP A 504 -30.77 18.58 14.14
N VAL A 505 -31.08 18.99 12.93
CA VAL A 505 -31.82 18.16 12.05
C VAL A 505 -31.09 16.97 11.62
N ILE A 506 -29.83 17.16 11.16
CA ILE A 506 -29.08 15.99 10.69
C ILE A 506 -28.62 15.15 11.84
N SER A 507 -28.59 15.72 13.00
CA SER A 507 -28.32 14.93 14.16
C SER A 507 -29.43 13.90 14.35
N GLU A 508 -30.69 14.37 14.21
CA GLU A 508 -31.85 13.43 14.34
C GLU A 508 -31.86 12.47 13.23
N TYR A 509 -31.47 12.86 12.11
CA TYR A 509 -31.51 12.01 11.02
C TYR A 509 -30.56 10.84 11.21
N VAL A 510 -29.36 11.11 11.78
CA VAL A 510 -28.42 10.02 12.12
C VAL A 510 -29.02 9.09 13.10
N LYS A 511 -29.67 9.62 14.12
CA LYS A 511 -30.27 8.76 15.12
C LYS A 511 -31.28 7.89 14.52
N ALA A 512 -32.12 8.42 13.69
CA ALA A 512 -33.15 7.65 13.08
C ALA A 512 -32.61 6.54 12.27
N CYS A 513 -31.53 6.76 11.59
CA CYS A 513 -31.00 5.72 10.76
C CYS A 513 -30.01 4.85 11.45
N ASP A 514 -29.87 4.99 12.77
CA ASP A 514 -28.86 4.24 13.47
C ASP A 514 -29.21 2.86 13.54
N GLY A 515 -28.46 2.05 12.89
CA GLY A 515 -28.68 0.67 12.87
C GLY A 515 -28.85 0.14 11.49
N ILE A 516 -29.14 1.02 10.52
CA ILE A 516 -29.38 0.53 9.19
C ILE A 516 -28.14 0.08 8.56
N GLY A 517 -28.19 -1.13 8.05
CA GLY A 517 -27.08 -1.73 7.39
C GLY A 517 -26.50 -2.85 8.19
N GLY A 518 -26.92 -2.99 9.43
CA GLY A 518 -26.35 -4.08 10.27
C GLY A 518 -27.18 -5.37 10.16
N ALA A 519 -26.88 -6.35 11.03
CA ALA A 519 -27.52 -7.64 10.99
C ALA A 519 -28.97 -7.49 11.42
N MET A 520 -29.19 -6.66 12.41
CA MET A 520 -30.50 -6.42 12.92
C MET A 520 -31.42 -5.96 11.85
N HIS A 521 -30.95 -4.99 11.06
CA HIS A 521 -31.73 -4.42 9.99
C HIS A 521 -32.06 -5.45 8.99
N LYS A 522 -31.08 -6.28 8.62
CA LYS A 522 -31.36 -7.32 7.66
C LYS A 522 -32.37 -8.30 8.16
N ALA A 523 -32.30 -8.64 9.37
CA ALA A 523 -33.25 -9.60 9.90
C ALA A 523 -34.65 -9.05 9.76
N MET A 524 -34.80 -7.79 10.07
CA MET A 524 -36.10 -7.18 9.98
C MET A 524 -36.59 -7.27 8.60
N LEU A 525 -35.76 -6.94 7.65
CA LEU A 525 -36.18 -6.98 6.30
C LEU A 525 -36.46 -8.40 5.80
N MET A 526 -35.78 -9.38 6.31
CA MET A 526 -36.12 -10.72 5.96
C MET A 526 -37.48 -11.08 6.42
N ALA A 527 -37.89 -10.51 7.58
CA ALA A 527 -39.24 -10.73 8.08
C ALA A 527 -40.22 -10.15 7.09
N GLN A 528 -39.89 -9.02 6.57
CA GLN A 528 -40.76 -8.33 5.65
C GLN A 528 -40.86 -9.05 4.35
N ALA A 529 -39.79 -9.73 3.97
CA ALA A 529 -39.79 -10.53 2.73
C ALA A 529 -40.76 -11.70 2.85
N ILE A 530 -40.72 -12.35 3.99
CA ILE A 530 -41.60 -13.49 4.20
C ILE A 530 -43.01 -13.06 4.45
N THR A 531 -43.19 -12.03 5.25
CA THR A 531 -44.50 -11.53 5.56
C THR A 531 -45.00 -10.53 4.53
N GLU B 304 -3.47 25.14 2.69
CA GLU B 304 -2.51 24.05 2.82
C GLU B 304 -1.79 23.80 1.51
N ALA B 305 -1.43 24.86 0.80
CA ALA B 305 -0.75 24.67 -0.48
C ALA B 305 0.75 24.95 -0.30
N ARG B 306 1.35 25.72 -1.22
CA ARG B 306 2.77 26.09 -1.26
C ARG B 306 3.76 24.94 -1.42
N TYR B 307 3.35 23.88 -2.11
CA TYR B 307 4.20 22.72 -2.42
C TYR B 307 4.74 21.92 -1.20
N LYS B 308 5.69 22.52 -0.46
CA LYS B 308 6.35 21.85 0.66
C LYS B 308 7.04 22.80 1.65
N SER B 309 6.83 22.60 2.96
CA SER B 309 7.52 23.39 3.98
C SER B 309 8.60 22.51 4.56
N PHE B 310 9.43 23.05 5.45
CA PHE B 310 10.45 22.25 6.10
C PHE B 310 9.89 21.18 7.02
N SER B 311 8.58 21.18 7.26
CA SER B 311 7.97 20.14 8.07
C SER B 311 6.48 20.12 7.88
N ILE B 312 5.94 18.95 7.56
CA ILE B 312 4.52 18.82 7.26
C ILE B 312 3.71 17.92 8.20
N LYS B 313 4.19 16.71 8.47
CA LYS B 313 3.37 15.73 9.17
C LYS B 313 2.88 16.16 10.53
N MET B 314 3.75 16.77 11.33
CA MET B 314 3.39 17.24 12.65
C MET B 314 2.40 18.30 12.63
N LEU B 315 2.46 19.16 11.63
CA LEU B 315 1.56 20.26 11.57
C LEU B 315 0.16 19.73 11.11
N LYS B 316 0.19 18.75 10.24
CA LYS B 316 -1.05 18.15 9.74
C LYS B 316 -1.75 17.45 10.87
N ASP B 317 -0.98 16.72 11.64
CA ASP B 317 -1.49 15.98 12.78
C ASP B 317 -2.13 16.90 13.81
N MET B 318 -1.44 17.96 14.17
CA MET B 318 -1.94 18.84 15.16
C MET B 318 -3.14 19.55 14.70
N LYS B 319 -3.19 19.95 13.43
CA LYS B 319 -4.38 20.62 12.94
C LYS B 319 -5.58 19.75 13.12
N GLU B 320 -5.43 18.47 12.81
CA GLU B 320 -6.55 17.57 12.93
C GLU B 320 -6.88 17.35 14.35
N GLY B 321 -5.85 17.28 15.16
CA GLY B 321 -6.00 17.06 16.60
C GLY B 321 -6.78 18.16 17.28
N VAL B 322 -6.51 19.34 16.97
CA VAL B 322 -7.20 20.36 17.55
C VAL B 322 -8.64 20.28 17.15
N LYS B 323 -8.89 20.07 15.87
CA LYS B 323 -10.29 19.95 15.40
C LYS B 323 -11.06 18.83 16.11
N GLN B 324 -10.44 17.67 16.32
CA GLN B 324 -11.20 16.57 16.95
C GLN B 324 -11.02 16.38 18.42
N TYR B 325 -10.09 17.01 19.05
CA TYR B 325 -10.00 16.83 20.45
C TYR B 325 -10.11 18.15 21.23
N GLY B 326 -9.66 19.24 20.59
CA GLY B 326 -9.76 20.61 21.23
C GLY B 326 -8.34 21.11 21.63
N PRO B 327 -8.08 22.43 21.54
CA PRO B 327 -6.82 23.14 21.83
C PRO B 327 -6.22 22.79 23.19
N ASN B 328 -7.04 22.60 24.18
CA ASN B 328 -6.51 22.28 25.51
C ASN B 328 -6.60 20.86 25.88
N SER B 329 -6.85 20.02 24.94
CA SER B 329 -7.01 18.63 25.25
C SER B 329 -5.70 18.03 25.62
N PRO B 330 -5.69 16.95 26.42
CA PRO B 330 -4.54 16.17 26.85
C PRO B 330 -3.70 15.75 25.66
N TYR B 331 -4.31 15.38 24.61
CA TYR B 331 -3.62 15.03 23.44
C TYR B 331 -2.84 16.19 22.87
N MET B 332 -3.50 17.30 22.65
CA MET B 332 -2.79 18.44 22.10
C MET B 332 -1.77 18.96 23.05
N ARG B 333 -2.07 18.93 24.33
CA ARG B 333 -1.18 19.50 25.31
C ARG B 333 0.04 18.68 25.40
N THR B 334 -0.09 17.39 25.21
CA THR B 334 1.06 16.51 25.18
C THR B 334 1.97 16.82 24.00
N LEU B 335 1.40 17.00 22.82
CA LEU B 335 2.25 17.28 21.68
C LEU B 335 2.91 18.57 21.80
N LEU B 336 2.20 19.58 22.33
CA LEU B 336 2.81 20.90 22.54
C LEU B 336 3.99 20.79 23.47
N ASP B 337 3.83 20.04 24.54
CA ASP B 337 4.89 19.89 25.51
C ASP B 337 6.05 19.27 24.90
N SER B 338 5.80 18.25 24.11
CA SER B 338 6.85 17.52 23.41
C SER B 338 7.60 18.40 22.47
N ILE B 339 6.93 19.06 21.62
CA ILE B 339 7.59 19.81 20.66
C ILE B 339 8.18 21.06 21.14
N ALA B 340 7.57 21.68 22.13
CA ALA B 340 8.10 22.91 22.69
C ALA B 340 9.38 22.73 23.41
N HIS B 341 9.51 21.65 24.19
CA HIS B 341 10.73 21.46 24.95
C HIS B 341 11.85 20.93 24.07
N GLY B 342 11.47 20.24 23.01
CA GLY B 342 12.40 19.64 22.07
C GLY B 342 12.90 20.56 20.96
N HIS B 343 12.06 20.82 19.95
CA HIS B 343 12.49 21.61 18.79
C HIS B 343 12.42 23.08 19.12
N ARG B 344 13.44 23.60 19.78
CA ARG B 344 13.33 24.95 20.27
C ARG B 344 12.86 25.89 19.16
N LEU B 345 11.87 26.74 19.52
CA LEU B 345 11.20 27.60 18.55
C LEU B 345 11.46 29.09 18.68
N ILE B 346 11.31 29.80 17.57
CA ILE B 346 11.44 31.24 17.55
C ILE B 346 10.02 31.79 17.37
N PRO B 347 9.77 33.01 17.65
CA PRO B 347 8.48 33.66 17.55
C PRO B 347 7.86 33.37 16.16
N TYR B 348 8.67 33.39 15.09
CA TYR B 348 8.14 33.04 13.72
C TYR B 348 7.53 31.64 13.69
N ASP B 349 8.19 30.72 14.29
CA ASP B 349 7.74 29.40 14.33
C ASP B 349 6.48 29.28 15.03
N TRP B 350 6.34 29.96 16.14
CA TRP B 350 5.13 29.90 16.90
C TRP B 350 4.00 30.51 16.10
N GLU B 351 4.30 31.53 15.35
CA GLU B 351 3.32 32.17 14.57
C GLU B 351 2.75 31.16 13.61
N ILE B 352 3.64 30.36 12.98
CA ILE B 352 3.20 29.29 12.02
C ILE B 352 2.53 28.14 12.71
N LEU B 353 3.06 27.71 13.85
CA LEU B 353 2.61 26.49 14.52
C LEU B 353 1.17 26.67 14.92
N ALA B 354 0.87 27.83 15.50
CA ALA B 354 -0.51 28.15 15.85
C ALA B 354 -1.38 28.41 14.60
N LYS B 355 -0.86 29.16 13.67
CA LYS B 355 -1.62 29.53 12.49
C LYS B 355 -2.05 28.37 11.72
N SER B 356 -1.20 27.35 11.66
CA SER B 356 -1.48 26.14 10.92
C SER B 356 -2.24 25.06 11.68
N SER B 357 -2.47 25.25 13.01
CA SER B 357 -3.17 24.20 13.77
C SER B 357 -4.45 24.66 14.45
N LEU B 358 -4.56 25.96 14.74
CA LEU B 358 -5.75 26.48 15.40
C LEU B 358 -6.73 26.98 14.37
N SER B 359 -8.00 26.90 14.70
CA SER B 359 -9.05 27.40 13.79
C SER B 359 -8.93 28.92 13.80
N PRO B 360 -9.28 29.59 12.77
CA PRO B 360 -9.16 31.00 12.58
C PRO B 360 -9.50 31.78 13.80
N SER B 361 -10.62 31.48 14.45
CA SER B 361 -10.98 32.25 15.61
C SER B 361 -10.17 31.91 16.78
N GLN B 362 -9.72 30.70 16.84
CA GLN B 362 -8.96 30.24 17.93
C GLN B 362 -7.58 30.88 17.90
N PHE B 363 -7.04 30.97 16.67
CA PHE B 363 -5.73 31.66 16.40
C PHE B 363 -5.79 33.07 16.86
N LEU B 364 -6.86 33.75 16.55
CA LEU B 364 -6.97 35.12 16.93
C LEU B 364 -6.99 35.29 18.41
N GLN B 365 -7.62 34.35 19.13
CA GLN B 365 -7.58 34.48 20.57
C GLN B 365 -6.10 34.23 21.06
N PHE B 366 -5.44 33.26 20.43
CA PHE B 366 -4.08 32.91 20.82
C PHE B 366 -3.21 34.01 20.74
N LYS B 367 -3.22 34.67 19.62
CA LYS B 367 -2.31 35.78 19.38
C LYS B 367 -2.63 36.99 20.26
N THR B 368 -3.88 37.23 20.54
CA THR B 368 -4.21 38.32 21.41
C THR B 368 -3.64 38.08 22.76
N TRP B 369 -3.79 36.88 23.24
CA TRP B 369 -3.28 36.50 24.52
C TRP B 369 -1.76 36.52 24.50
N TRP B 370 -1.19 36.16 23.36
CA TRP B 370 0.24 36.13 23.24
C TRP B 370 0.81 37.37 23.49
N ILE B 371 0.22 38.41 22.88
CA ILE B 371 0.74 39.74 23.04
C ILE B 371 0.65 40.10 24.49
N ASP B 372 -0.48 39.82 25.13
CA ASP B 372 -0.60 40.21 26.50
C ASP B 372 0.45 39.59 27.35
N GLY B 373 0.76 38.32 27.09
CA GLY B 373 1.74 37.60 27.84
C GLY B 373 3.09 38.27 27.70
N VAL B 374 3.41 38.72 26.50
CA VAL B 374 4.65 39.39 26.26
C VAL B 374 4.72 40.60 27.07
N GLN B 375 3.67 41.35 27.15
CA GLN B 375 3.72 42.55 27.89
C GLN B 375 4.01 42.30 29.28
N GLU B 376 3.48 41.24 29.83
CA GLU B 376 3.76 40.90 31.18
C GLU B 376 5.26 40.68 31.37
N GLN B 377 5.88 39.93 30.47
CA GLN B 377 7.28 39.59 30.66
C GLN B 377 8.15 40.72 30.45
N VAL B 378 7.76 41.65 29.61
CA VAL B 378 8.53 42.84 29.42
C VAL B 378 8.55 43.66 30.73
N ARG B 379 7.44 43.70 31.44
CA ARG B 379 7.43 44.39 32.70
C ARG B 379 8.42 43.77 33.62
N ARG B 380 8.46 42.45 33.62
CA ARG B 380 9.38 41.73 34.49
C ARG B 380 10.82 41.95 34.11
N ASN B 381 11.10 42.02 32.82
CA ASN B 381 12.44 42.19 32.35
C ASN B 381 13.00 43.54 32.68
N ARG B 382 12.14 44.54 32.63
CA ARG B 382 12.57 45.88 33.03
C ARG B 382 12.69 45.98 34.52
N ALA B 383 11.97 45.16 35.23
CA ALA B 383 12.05 45.17 36.67
C ALA B 383 13.15 44.28 37.20
N ALA B 384 13.95 43.69 36.33
CA ALA B 384 15.01 42.80 36.78
C ALA B 384 16.18 43.61 37.29
N ASN B 385 16.98 43.00 38.16
CA ASN B 385 18.19 43.62 38.68
C ASN B 385 19.34 42.61 38.63
N PRO B 386 20.20 42.67 37.59
CA PRO B 386 20.29 43.63 36.50
C PRO B 386 19.11 43.46 35.56
N PRO B 387 18.77 44.49 34.77
CA PRO B 387 17.70 44.47 33.79
C PRO B 387 18.03 43.52 32.67
N VAL B 388 17.01 42.89 32.12
CA VAL B 388 17.23 41.96 31.02
C VAL B 388 16.87 42.62 29.73
N ASN B 389 17.81 42.64 28.78
CA ASN B 389 17.59 43.37 27.51
C ASN B 389 16.72 42.61 26.51
N ILE B 390 15.45 42.44 26.83
CA ILE B 390 14.51 41.78 25.95
C ILE B 390 13.21 42.57 25.91
N ASP B 391 12.99 43.23 24.78
CA ASP B 391 11.78 44.02 24.55
C ASP B 391 10.71 43.23 23.91
N ALA B 392 9.52 43.81 23.89
CA ALA B 392 8.35 43.20 23.34
C ALA B 392 8.55 42.78 21.93
N ASP B 393 9.32 43.56 21.20
CA ASP B 393 9.59 43.29 19.81
C ASP B 393 10.32 41.97 19.61
N GLN B 394 11.15 41.61 20.53
CA GLN B 394 11.88 40.40 20.46
C GLN B 394 11.07 39.23 20.81
N LEU B 395 10.18 39.39 21.76
CA LEU B 395 9.35 38.29 22.15
C LEU B 395 8.23 37.99 21.10
N LEU B 396 7.64 39.03 20.51
CA LEU B 396 6.67 38.80 19.45
C LEU B 396 7.25 38.53 18.07
N GLY B 397 8.45 39.01 17.78
CA GLY B 397 9.03 38.80 16.41
C GLY B 397 8.45 39.87 15.51
N ILE B 398 8.32 41.07 16.07
CA ILE B 398 7.78 42.18 15.37
C ILE B 398 8.67 43.37 15.52
N GLY B 399 9.17 43.91 14.42
CA GLY B 399 9.98 45.12 14.51
C GLY B 399 11.16 45.13 13.58
N GLN B 400 12.00 46.16 13.71
CA GLN B 400 13.14 46.31 12.83
C GLN B 400 14.26 45.34 13.15
N ASN B 401 14.46 45.08 14.43
CA ASN B 401 15.54 44.19 14.86
C ASN B 401 15.13 42.75 14.94
N TRP B 402 13.84 42.47 15.10
CA TRP B 402 13.40 41.08 15.17
C TRP B 402 12.22 40.84 14.28
N SER B 403 12.50 40.75 13.00
CA SER B 403 11.50 40.59 11.95
C SER B 403 11.52 39.19 11.39
N THR B 404 12.37 38.99 10.39
CA THR B 404 12.50 37.74 9.69
C THR B 404 13.26 36.71 10.49
N ILE B 405 13.25 35.48 9.99
CA ILE B 405 13.89 34.35 10.64
C ILE B 405 15.35 34.64 10.88
N SER B 406 16.02 35.26 9.93
CA SER B 406 17.41 35.51 10.08
C SER B 406 17.75 36.31 11.32
N GLN B 407 16.87 37.20 11.75
CA GLN B 407 17.19 37.94 12.94
C GLN B 407 16.74 37.15 14.14
N GLN B 408 15.62 36.43 14.01
CA GLN B 408 15.12 35.71 15.17
C GLN B 408 15.99 34.55 15.50
N ALA B 409 16.73 34.06 14.52
CA ALA B 409 17.68 32.97 14.71
C ALA B 409 18.80 33.30 15.63
N LEU B 410 19.02 34.55 15.87
CA LEU B 410 20.08 34.94 16.69
C LEU B 410 19.65 35.20 18.14
N MET B 411 18.39 34.86 18.46
CA MET B 411 17.88 35.07 19.83
C MET B 411 18.61 34.21 20.78
N GLN B 412 18.78 34.70 21.99
CA GLN B 412 19.45 33.96 23.01
C GLN B 412 18.49 33.06 23.70
N ASN B 413 19.01 32.07 24.40
CA ASN B 413 18.17 31.11 25.04
C ASN B 413 17.30 31.72 26.11
N GLU B 414 17.71 32.81 26.66
CA GLU B 414 16.91 33.47 27.64
C GLU B 414 15.63 33.95 27.01
N ALA B 415 15.78 34.56 25.82
CA ALA B 415 14.61 35.06 25.06
C ALA B 415 13.74 33.94 24.53
N ILE B 416 14.36 32.90 24.04
CA ILE B 416 13.65 31.81 23.49
C ILE B 416 12.79 31.16 24.52
N GLU B 417 13.35 30.89 25.64
CA GLU B 417 12.65 30.28 26.69
C GLU B 417 11.52 31.09 27.11
N GLN B 418 11.73 32.37 27.21
CA GLN B 418 10.74 33.21 27.68
C GLN B 418 9.61 33.23 26.75
N VAL B 419 9.88 33.22 25.44
CA VAL B 419 8.82 33.08 24.47
C VAL B 419 8.03 31.80 24.65
N ARG B 420 8.74 30.69 24.84
CA ARG B 420 8.09 29.38 25.00
C ARG B 420 7.13 29.39 26.15
N ALA B 421 7.53 29.98 27.25
CA ALA B 421 6.71 30.02 28.39
C ALA B 421 5.52 30.78 28.13
N ILE B 422 5.67 31.89 27.44
CA ILE B 422 4.58 32.74 27.16
C ILE B 422 3.56 32.11 26.33
N CYS B 423 4.01 31.48 25.25
CA CYS B 423 3.10 30.84 24.34
C CYS B 423 2.38 29.74 24.90
N LEU B 424 3.01 28.93 25.69
CA LEU B 424 2.31 27.84 26.22
C LEU B 424 1.23 28.29 27.17
N ARG B 425 1.49 29.38 27.89
CA ARG B 425 0.48 29.95 28.72
C ARG B 425 -0.62 30.50 27.90
N ALA B 426 -0.27 31.14 26.81
CA ALA B 426 -1.24 31.72 25.95
C ALA B 426 -2.12 30.66 25.36
N TRP B 427 -1.53 29.53 25.05
CA TRP B 427 -2.26 28.44 24.46
C TRP B 427 -3.26 27.95 25.37
N GLU B 428 -2.90 27.78 26.60
CA GLU B 428 -3.84 27.33 27.57
C GLU B 428 -4.96 28.33 27.79
N LYS B 429 -4.74 29.59 27.52
CA LYS B 429 -5.81 30.56 27.65
C LYS B 429 -6.84 30.51 26.48
N ILE B 430 -6.66 29.59 25.51
CA ILE B 430 -7.64 29.51 24.36
C ILE B 430 -8.95 28.94 24.88
N GLN B 431 -10.05 29.63 24.57
CA GLN B 431 -11.39 29.20 25.03
C GLN B 431 -11.73 27.79 24.55
N ASP B 432 -12.10 26.92 25.49
CA ASP B 432 -12.51 25.53 25.15
C ASP B 432 -13.72 25.53 24.31
N PRO B 433 -13.73 24.84 23.20
CA PRO B 433 -14.84 24.64 22.36
C PRO B 433 -15.89 23.86 23.08
N GLY B 434 -17.12 24.36 23.07
CA GLY B 434 -18.24 23.63 23.65
C GLY B 434 -19.06 22.94 22.57
N SER B 435 -18.61 23.06 21.34
CA SER B 435 -19.32 22.52 20.19
C SER B 435 -18.46 21.80 19.16
N THR B 436 -17.20 22.22 18.97
CA THR B 436 -16.40 21.64 17.91
C THR B 436 -16.14 20.20 18.23
N CYS B 437 -16.42 19.31 17.27
CA CYS B 437 -16.23 17.87 17.40
C CYS B 437 -15.78 17.39 18.78
N PRO B 438 -16.65 17.41 19.80
CA PRO B 438 -16.37 16.94 21.13
C PRO B 438 -16.38 15.45 20.96
N SER B 439 -15.24 14.90 20.51
CA SER B 439 -15.19 13.54 20.01
C SER B 439 -15.62 12.47 20.98
N PHE B 440 -15.57 12.73 22.27
CA PHE B 440 -16.09 11.76 23.17
C PHE B 440 -17.55 11.49 22.95
N ASN B 441 -18.27 12.36 22.24
CA ASN B 441 -19.66 12.05 21.94
C ASN B 441 -19.94 12.09 20.45
N THR B 442 -18.91 11.98 19.63
CA THR B 442 -19.14 11.89 18.22
C THR B 442 -18.85 10.55 17.75
N VAL B 443 -18.03 9.85 18.48
CA VAL B 443 -17.74 8.48 18.12
C VAL B 443 -18.85 7.61 18.37
N ARG B 444 -19.28 6.96 17.35
CA ARG B 444 -20.38 6.09 17.43
C ARG B 444 -20.06 4.77 16.85
N GLN B 445 -20.70 3.78 17.33
CA GLN B 445 -20.44 2.45 16.87
C GLN B 445 -21.00 2.27 15.47
N GLY B 446 -20.18 1.76 14.55
CA GLY B 446 -20.71 1.53 13.18
C GLY B 446 -21.55 0.30 13.15
N SER B 447 -22.36 0.17 12.11
CA SER B 447 -23.35 -0.89 12.04
C SER B 447 -22.79 -2.26 12.09
N LYS B 448 -21.60 -2.42 11.66
CA LYS B 448 -21.00 -3.71 11.65
C LYS B 448 -19.77 -3.80 12.49
N GLU B 449 -19.52 -2.81 13.33
CA GLU B 449 -18.25 -2.83 14.06
C GLU B 449 -18.35 -3.66 15.28
N PRO B 450 -17.38 -4.54 15.58
CA PRO B 450 -17.34 -5.31 16.80
C PRO B 450 -17.35 -4.40 17.98
N TYR B 451 -18.09 -4.77 19.03
CA TYR B 451 -18.17 -3.92 20.19
C TYR B 451 -16.77 -3.69 20.79
N PRO B 452 -15.91 -4.71 20.97
CA PRO B 452 -14.59 -4.50 21.52
C PRO B 452 -13.77 -3.43 20.78
N ASP B 453 -13.98 -3.25 19.46
CA ASP B 453 -13.19 -2.26 18.75
C ASP B 453 -13.73 -0.90 19.09
N PHE B 454 -15.05 -0.78 19.13
CA PHE B 454 -15.70 0.40 19.51
C PHE B 454 -15.25 0.94 20.77
N VAL B 455 -15.19 0.05 21.75
CA VAL B 455 -14.91 0.48 23.09
C VAL B 455 -13.50 0.99 23.12
N ALA B 456 -12.57 0.28 22.46
CA ALA B 456 -11.21 0.68 22.50
C ALA B 456 -11.07 1.99 21.89
N ARG B 457 -11.75 2.21 20.80
CA ARG B 457 -11.74 3.50 20.15
C ARG B 457 -12.23 4.57 21.07
N LEU B 458 -13.29 4.31 21.75
CA LEU B 458 -13.88 5.25 22.66
C LEU B 458 -12.93 5.62 23.71
N GLN B 459 -12.28 4.65 24.29
CA GLN B 459 -11.35 4.91 25.33
C GLN B 459 -10.23 5.67 24.85
N ASP B 460 -9.76 5.40 23.64
CA ASP B 460 -8.66 6.08 23.10
C ASP B 460 -8.95 7.51 23.02
N VAL B 461 -10.11 7.84 22.51
CA VAL B 461 -10.54 9.20 22.42
C VAL B 461 -10.68 9.84 23.74
N ALA B 462 -11.22 9.10 24.71
CA ALA B 462 -11.37 9.65 26.04
C ALA B 462 -10.01 10.00 26.62
N GLN B 463 -9.01 9.17 26.38
CA GLN B 463 -7.66 9.49 26.86
C GLN B 463 -7.12 10.68 26.22
N LYS B 464 -7.50 10.90 25.02
CA LYS B 464 -7.02 11.99 24.28
C LYS B 464 -7.86 13.31 24.46
N SER B 465 -9.02 13.23 25.08
CA SER B 465 -9.81 14.43 25.26
C SER B 465 -10.20 14.77 26.66
N ILE B 466 -10.46 13.80 27.47
CA ILE B 466 -10.86 14.10 28.82
C ILE B 466 -9.70 14.07 29.76
N ALA B 467 -9.48 15.17 30.49
CA ALA B 467 -8.26 15.24 31.31
C ALA B 467 -8.34 14.49 32.64
N ASP B 468 -9.39 14.68 33.43
CA ASP B 468 -9.42 13.96 34.69
C ASP B 468 -9.96 12.56 34.56
N GLU B 469 -9.10 11.59 34.81
CA GLU B 469 -9.40 10.18 34.77
C GLU B 469 -10.68 9.80 35.46
N LYS B 470 -11.00 10.40 36.55
CA LYS B 470 -12.22 10.07 37.23
C LYS B 470 -13.41 10.30 36.34
N ALA B 471 -13.46 11.47 35.75
CA ALA B 471 -14.52 11.83 34.89
C ALA B 471 -14.47 11.05 33.64
N ARG B 472 -13.28 10.80 33.18
CA ARG B 472 -13.05 10.05 31.98
C ARG B 472 -13.69 8.71 32.04
N LYS B 473 -13.47 8.03 33.11
CA LYS B 473 -14.07 6.76 33.34
C LYS B 473 -15.57 6.82 33.24
N VAL B 474 -16.20 7.81 33.91
CA VAL B 474 -17.67 7.93 33.87
C VAL B 474 -18.16 8.13 32.47
N ILE B 475 -17.50 8.99 31.74
CA ILE B 475 -17.93 9.30 30.41
C ILE B 475 -17.83 8.14 29.52
N VAL B 476 -16.74 7.39 29.59
CA VAL B 476 -16.65 6.19 28.79
C VAL B 476 -17.76 5.20 29.08
N GLU B 477 -18.05 5.00 30.30
CA GLU B 477 -19.10 4.09 30.66
C GLU B 477 -20.47 4.54 30.07
N LEU B 478 -20.76 5.80 30.17
CA LEU B 478 -22.00 6.30 29.70
C LEU B 478 -22.08 6.19 28.20
N MET B 479 -21.02 6.63 27.51
CA MET B 479 -20.99 6.62 26.06
C MET B 479 -20.90 5.21 25.51
N ALA B 480 -20.29 4.29 26.27
CA ALA B 480 -20.17 2.89 25.86
C ALA B 480 -21.57 2.35 25.59
N TYR B 481 -22.54 2.76 26.42
CA TYR B 481 -23.96 2.38 26.18
C TYR B 481 -24.61 3.26 25.15
N GLU B 482 -24.54 4.55 25.35
CA GLU B 482 -25.31 5.49 24.56
C GLU B 482 -25.00 5.51 23.10
N ASN B 483 -23.76 5.39 22.74
CA ASN B 483 -23.42 5.46 21.34
C ASN B 483 -23.27 4.11 20.71
N ALA B 484 -23.74 3.08 21.35
CA ALA B 484 -23.63 1.76 20.78
C ALA B 484 -24.70 1.56 19.76
N ASN B 485 -24.49 0.63 18.86
CA ASN B 485 -25.52 0.39 17.86
C ASN B 485 -26.56 -0.42 18.48
N PRO B 486 -27.75 -0.47 17.94
CA PRO B 486 -28.93 -1.18 18.41
C PRO B 486 -28.69 -2.62 18.71
N GLU B 487 -27.86 -3.23 17.96
CA GLU B 487 -27.56 -4.60 18.17
C GLU B 487 -26.94 -4.83 19.52
N CYS B 488 -26.13 -3.88 19.96
CA CYS B 488 -25.45 -4.05 21.20
C CYS B 488 -26.21 -3.43 22.29
N GLN B 489 -27.01 -2.39 22.01
CA GLN B 489 -27.75 -1.79 23.13
C GLN B 489 -28.71 -2.75 23.67
N SER B 490 -29.23 -3.57 22.88
CA SER B 490 -30.16 -4.52 23.37
C SER B 490 -29.51 -5.53 24.30
N ALA B 491 -28.20 -5.67 24.22
CA ALA B 491 -27.49 -6.57 25.09
C ALA B 491 -27.07 -5.85 26.33
N ILE B 492 -26.84 -4.55 26.23
CA ILE B 492 -26.40 -3.81 27.37
C ILE B 492 -27.49 -3.31 28.22
N LYS B 493 -28.60 -2.94 27.65
CA LYS B 493 -29.72 -2.43 28.38
C LYS B 493 -30.17 -3.19 29.58
N PRO B 494 -30.26 -4.48 29.58
CA PRO B 494 -30.65 -5.27 30.72
C PRO B 494 -29.53 -5.38 31.80
N LEU B 495 -28.33 -4.94 31.42
CA LEU B 495 -27.12 -4.99 32.29
C LEU B 495 -26.88 -3.60 32.92
N LYS B 496 -27.09 -2.56 32.13
CA LYS B 496 -26.84 -1.20 32.52
C LYS B 496 -27.47 -0.83 33.77
N GLY B 497 -26.67 -0.39 34.70
CA GLY B 497 -27.15 0.05 35.95
C GLY B 497 -27.23 -1.06 36.98
N LYS B 498 -27.03 -2.30 36.57
CA LYS B 498 -27.09 -3.43 37.46
C LYS B 498 -25.74 -4.07 37.63
N VAL B 499 -24.73 -3.43 37.10
CA VAL B 499 -23.39 -3.96 37.20
C VAL B 499 -22.95 -3.83 38.62
N PRO B 500 -22.48 -4.90 39.23
CA PRO B 500 -22.02 -4.98 40.60
C PRO B 500 -20.74 -4.25 40.77
N ALA B 501 -20.51 -3.79 41.99
CA ALA B 501 -19.32 -3.05 42.30
C ALA B 501 -18.13 -3.93 42.13
N GLY B 502 -16.98 -3.31 41.91
CA GLY B 502 -15.74 -4.08 41.76
C GLY B 502 -15.48 -4.42 40.32
N SER B 503 -16.37 -5.19 39.74
CA SER B 503 -16.23 -5.51 38.35
C SER B 503 -16.33 -4.29 37.51
N ASP B 504 -15.43 -4.16 36.56
CA ASP B 504 -15.40 -3.02 35.69
C ASP B 504 -16.60 -3.02 34.75
N VAL B 505 -17.18 -1.85 34.57
CA VAL B 505 -18.39 -1.74 33.86
C VAL B 505 -18.26 -2.04 32.43
N ILE B 506 -17.25 -1.44 31.77
CA ILE B 506 -17.10 -1.71 30.34
C ILE B 506 -16.54 -3.07 30.09
N SER B 507 -15.94 -3.65 31.08
CA SER B 507 -15.54 -5.00 30.97
C SER B 507 -16.76 -5.89 30.82
N GLU B 508 -17.78 -5.63 31.65
CA GLU B 508 -19.05 -6.42 31.56
C GLU B 508 -19.74 -6.13 30.31
N TYR B 509 -19.67 -4.97 29.85
CA TYR B 509 -20.35 -4.65 28.69
C TYR B 509 -19.80 -5.41 27.49
N VAL B 510 -18.45 -5.56 27.44
CA VAL B 510 -17.84 -6.40 26.38
C VAL B 510 -18.30 -7.80 26.47
N LYS B 511 -18.36 -8.34 27.67
CA LYS B 511 -18.81 -9.72 27.82
C LYS B 511 -20.17 -9.87 27.32
N ALA B 512 -21.04 -8.98 27.69
CA ALA B 512 -22.40 -9.08 27.28
C ALA B 512 -22.55 -9.07 25.82
N CYS B 513 -21.77 -8.29 25.13
CA CYS B 513 -21.91 -8.21 23.72
C CYS B 513 -21.05 -9.18 22.98
N ASP B 514 -20.42 -10.12 23.68
CA ASP B 514 -19.51 -11.01 23.02
C ASP B 514 -20.21 -11.96 22.21
N GLY B 515 -20.02 -11.85 20.95
CA GLY B 515 -20.65 -12.69 20.03
C GLY B 515 -21.45 -11.95 19.02
N ILE B 516 -21.77 -10.69 19.30
CA ILE B 516 -22.60 -9.97 18.39
C ILE B 516 -21.87 -9.61 17.16
N GLY B 517 -22.46 -9.94 16.05
CA GLY B 517 -21.89 -9.68 14.77
C GLY B 517 -21.44 -10.94 14.09
N GLY B 518 -21.41 -12.03 14.80
CA GLY B 518 -20.96 -13.31 14.17
C GLY B 518 -22.11 -14.07 13.54
N ALA B 519 -21.84 -15.33 13.13
CA ALA B 519 -22.81 -16.16 12.46
C ALA B 519 -23.90 -16.55 13.44
N MET B 520 -23.50 -16.85 14.65
CA MET B 520 -24.40 -17.24 15.68
C MET B 520 -25.45 -16.21 15.89
N HIS B 521 -25.02 -14.95 15.99
CA HIS B 521 -25.91 -13.84 16.21
C HIS B 521 -26.87 -13.72 15.11
N LYS B 522 -26.38 -13.82 13.87
CA LYS B 522 -27.29 -13.74 12.74
C LYS B 522 -28.30 -14.83 12.73
N ALA B 523 -27.92 -15.98 13.07
CA ALA B 523 -28.87 -17.08 13.06
C ALA B 523 -29.98 -16.77 14.03
N MET B 524 -29.63 -16.27 15.18
CA MET B 524 -30.61 -15.96 16.17
C MET B 524 -31.57 -14.99 15.63
N LEU B 525 -31.07 -13.96 15.02
CA LEU B 525 -31.93 -12.96 14.49
C LEU B 525 -32.78 -13.46 13.32
N MET B 526 -32.30 -14.40 12.56
CA MET B 526 -33.13 -14.95 11.55
C MET B 526 -34.28 -15.68 12.14
N ALA B 527 -34.06 -16.29 13.32
CA ALA B 527 -35.15 -16.96 14.02
C ALA B 527 -36.19 -15.92 14.40
N GLN B 528 -35.74 -14.80 14.81
CA GLN B 528 -36.61 -13.74 15.26
C GLN B 528 -37.39 -13.18 14.11
N ALA B 529 -36.78 -13.17 12.94
CA ALA B 529 -37.47 -12.69 11.71
C ALA B 529 -38.63 -13.60 11.36
N ILE B 530 -38.40 -14.88 11.45
CA ILE B 530 -39.45 -15.83 11.11
C ILE B 530 -40.48 -15.92 12.19
N THR B 531 -40.04 -15.93 13.44
CA THR B 531 -40.93 -16.01 14.55
C THR B 531 -41.44 -14.64 15.00
N GLU C 304 5.53 12.82 21.37
CA GLU C 304 6.09 12.15 20.21
C GLU C 304 6.18 13.11 19.03
N ALA C 305 6.56 14.35 19.29
CA ALA C 305 6.66 15.31 18.19
C ALA C 305 8.13 15.49 17.80
N ARG C 306 8.57 16.76 17.64
CA ARG C 306 9.93 17.15 17.25
C ARG C 306 10.40 16.68 15.87
N TYR C 307 9.47 16.54 14.93
CA TYR C 307 9.76 16.15 13.53
C TYR C 307 10.41 14.77 13.35
N LYS C 308 11.69 14.63 13.73
CA LYS C 308 12.45 13.39 13.54
C LYS C 308 13.72 13.31 14.40
N SER C 309 13.96 12.14 15.01
CA SER C 309 15.19 11.89 15.77
C SER C 309 16.07 11.00 14.91
N PHE C 310 17.29 10.71 15.38
CA PHE C 310 18.18 9.82 14.66
C PHE C 310 17.67 8.39 14.59
N SER C 311 16.61 8.06 15.31
CA SER C 311 16.04 6.73 15.25
C SER C 311 14.63 6.71 15.80
N ILE C 312 13.67 6.22 15.02
CA ILE C 312 12.27 6.20 15.46
C ILE C 312 11.65 4.83 15.63
N LYS C 313 11.73 3.98 14.61
CA LYS C 313 11.04 2.70 14.62
C LYS C 313 11.18 1.94 15.92
N MET C 314 12.42 1.68 16.32
CA MET C 314 12.70 0.88 17.50
C MET C 314 12.14 1.43 18.72
N LEU C 315 12.11 2.75 18.83
CA LEU C 315 11.62 3.38 20.01
C LEU C 315 10.07 3.28 20.02
N LYS C 316 9.49 3.36 18.85
CA LYS C 316 8.03 3.26 18.72
C LYS C 316 7.59 1.88 19.09
N ASP C 317 8.32 0.91 18.60
CA ASP C 317 8.04 -0.49 18.87
C ASP C 317 8.13 -0.81 20.36
N MET C 318 9.18 -0.37 20.99
CA MET C 318 9.35 -0.68 22.38
C MET C 318 8.35 -0.02 23.21
N LYS C 319 7.99 1.23 22.87
CA LYS C 319 6.96 1.90 23.66
C LYS C 319 5.70 1.11 23.66
N GLU C 320 5.33 0.59 22.50
CA GLU C 320 4.10 -0.17 22.40
C GLU C 320 4.24 -1.44 23.11
N GLY C 321 5.41 -2.03 23.00
CA GLY C 321 5.74 -3.31 23.64
C GLY C 321 5.61 -3.27 25.15
N VAL C 322 6.11 -2.27 25.73
CA VAL C 322 6.01 -2.17 27.09
C VAL C 322 4.57 -2.06 27.48
N LYS C 323 3.83 -1.21 26.79
CA LYS C 323 2.38 -1.05 27.10
C LYS C 323 1.62 -2.37 26.99
N GLN C 324 1.88 -3.18 25.97
CA GLN C 324 1.10 -4.42 25.81
C GLN C 324 1.72 -5.68 26.34
N TYR C 325 2.95 -5.69 26.70
CA TYR C 325 3.48 -6.90 27.24
C TYR C 325 4.06 -6.71 28.65
N GLY C 326 4.55 -5.51 28.93
CA GLY C 326 5.13 -5.18 30.29
C GLY C 326 6.65 -5.06 30.22
N PRO C 327 7.27 -4.14 31.01
CA PRO C 327 8.69 -3.82 31.12
C PRO C 327 9.59 -5.04 31.28
N ASN C 328 9.15 -6.01 32.01
CA ASN C 328 10.00 -7.20 32.21
C ASN C 328 9.63 -8.37 31.40
N SER C 329 8.81 -8.16 30.42
CA SER C 329 8.36 -9.27 29.62
C SER C 329 9.47 -9.79 28.79
N PRO C 330 9.42 -11.07 28.39
CA PRO C 330 10.35 -11.77 27.52
C PRO C 330 10.56 -10.99 26.22
N TYR C 331 9.53 -10.46 25.70
CA TYR C 331 9.63 -9.68 24.53
C TYR C 331 10.47 -8.45 24.74
N MET C 332 10.14 -7.67 25.75
CA MET C 332 10.91 -6.46 25.98
C MET C 332 12.32 -6.79 26.39
N ARG C 333 12.50 -7.85 27.14
CA ARG C 333 13.81 -8.18 27.65
C ARG C 333 14.68 -8.62 26.55
N THR C 334 14.08 -9.27 25.56
CA THR C 334 14.83 -9.66 24.38
C THR C 334 15.31 -8.46 23.61
N LEU C 335 14.46 -7.47 23.38
CA LEU C 335 14.88 -6.32 22.63
C LEU C 335 15.91 -5.55 23.33
N LEU C 336 15.77 -5.43 24.68
CA LEU C 336 16.79 -4.74 25.47
C LEU C 336 18.13 -5.40 25.31
N ASP C 337 18.13 -6.73 25.39
CA ASP C 337 19.37 -7.47 25.29
C ASP C 337 19.99 -7.24 24.00
N SER C 338 19.18 -7.27 22.96
CA SER C 338 19.64 -7.05 21.60
C SER C 338 20.25 -5.70 21.43
N ILE C 339 19.55 -4.70 21.79
CA ILE C 339 20.02 -3.41 21.55
C ILE C 339 21.09 -2.97 22.43
N ALA C 340 21.10 -3.44 23.68
CA ALA C 340 22.13 -3.07 24.61
C ALA C 340 23.47 -3.63 24.27
N HIS C 341 23.53 -4.88 23.81
CA HIS C 341 24.82 -5.47 23.50
C HIS C 341 25.34 -4.98 22.17
N GLY C 342 24.41 -4.59 21.29
CA GLY C 342 24.73 -4.13 19.95
C GLY C 342 25.06 -2.65 19.84
N HIS C 343 24.04 -1.78 19.89
CA HIS C 343 24.25 -0.35 19.71
C HIS C 343 24.76 0.28 20.97
N ARG C 344 26.05 0.19 21.22
CA ARG C 344 26.53 0.62 22.51
C ARG C 344 26.01 2.01 22.85
N LEU C 345 25.53 2.14 24.11
CA LEU C 345 24.85 3.36 24.55
C LEU C 345 25.58 4.18 25.59
N ILE C 346 25.27 5.49 25.61
CA ILE C 346 25.82 6.38 26.60
C ILE C 346 24.67 6.71 27.55
N PRO C 347 24.91 7.20 28.71
CA PRO C 347 23.93 7.54 29.72
C PRO C 347 22.80 8.40 29.08
N TYR C 348 23.15 9.34 28.18
CA TYR C 348 22.10 10.14 27.47
C TYR C 348 21.11 9.26 26.71
N ASP C 349 21.63 8.29 26.05
CA ASP C 349 20.84 7.41 25.30
C ASP C 349 19.94 6.65 26.14
N TRP C 350 20.42 6.18 27.26
CA TRP C 350 19.59 5.42 28.16
C TRP C 350 18.50 6.30 28.71
N GLU C 351 18.81 7.54 28.94
CA GLU C 351 17.86 8.45 29.45
C GLU C 351 16.71 8.53 28.50
N ILE C 352 17.03 8.63 27.18
CA ILE C 352 15.97 8.69 26.11
C ILE C 352 15.28 7.38 25.93
N LEU C 353 16.02 6.27 25.94
CA LEU C 353 15.47 4.96 25.59
C LEU C 353 14.40 4.61 26.58
N ALA C 354 14.69 4.81 27.86
CA ALA C 354 13.70 4.59 28.90
C ALA C 354 12.57 5.65 28.85
N LYS C 355 12.93 6.89 28.69
CA LYS C 355 11.95 7.96 28.71
C LYS C 355 10.95 7.81 27.66
N SER C 356 11.37 7.33 26.50
CA SER C 356 10.50 7.15 25.36
C SER C 356 9.78 5.79 25.30
N SER C 357 10.08 4.86 26.22
CA SER C 357 9.43 3.55 26.14
C SER C 357 8.67 3.16 27.42
N LEU C 358 9.06 3.70 28.57
CA LEU C 358 8.39 3.39 29.82
C LEU C 358 7.32 4.40 30.11
N SER C 359 6.28 3.96 30.79
CA SER C 359 5.18 4.87 31.17
C SER C 359 5.76 5.80 32.24
N PRO C 360 5.29 7.00 32.38
CA PRO C 360 5.76 8.00 33.25
C PRO C 360 6.13 7.47 34.59
N SER C 361 5.27 6.67 35.22
CA SER C 361 5.59 6.19 36.53
C SER C 361 6.63 5.15 36.51
N GLN C 362 6.68 4.40 35.44
CA GLN C 362 7.59 3.35 35.31
C GLN C 362 8.99 3.91 35.15
N PHE C 363 9.08 4.98 34.33
CA PHE C 363 10.35 5.76 34.12
C PHE C 363 10.88 6.24 35.41
N LEU C 364 10.03 6.79 36.24
CA LEU C 364 10.49 7.33 37.49
C LEU C 364 11.03 6.25 38.36
N GLN C 365 10.44 5.05 38.33
CA GLN C 365 11.03 3.99 39.14
C GLN C 365 12.43 3.62 38.52
N PHE C 366 12.51 3.58 37.20
CA PHE C 366 13.75 3.21 36.52
C PHE C 366 14.82 4.03 36.90
N LYS C 367 14.61 5.32 36.81
CA LYS C 367 15.67 6.28 37.10
C LYS C 367 16.07 6.28 38.58
N THR C 368 15.14 6.08 39.45
CA THR C 368 15.48 6.02 40.85
C THR C 368 16.39 4.87 41.10
N TRP C 369 16.05 3.74 40.54
CA TRP C 369 16.85 2.57 40.66
C TRP C 369 18.18 2.75 39.98
N TRP C 370 18.19 3.49 38.89
CA TRP C 370 19.40 3.72 38.15
C TRP C 370 20.36 4.33 38.93
N ILE C 371 19.96 5.37 39.64
CA ILE C 371 20.85 6.12 40.47
C ILE C 371 21.40 5.22 41.54
N ASP C 372 20.55 4.40 42.14
CA ASP C 372 21.04 3.54 43.18
C ASP C 372 22.09 2.60 42.67
N GLY C 373 21.87 2.07 41.47
CA GLY C 373 22.78 1.15 40.88
C GLY C 373 24.14 1.80 40.69
N VAL C 374 24.13 3.05 40.27
CA VAL C 374 25.35 3.79 40.07
C VAL C 374 26.07 3.88 41.35
N GLN C 375 25.39 4.17 42.40
CA GLN C 375 26.06 4.32 43.64
C GLN C 375 26.75 3.11 44.02
N GLU C 376 26.14 1.98 43.77
CA GLU C 376 26.76 0.73 44.07
C GLU C 376 28.08 0.60 43.33
N GLN C 377 28.09 0.92 42.04
CA GLN C 377 29.29 0.71 41.26
C GLN C 377 30.33 1.66 41.58
N VAL C 378 29.97 2.84 42.02
CA VAL C 378 30.95 3.80 42.45
C VAL C 378 31.68 3.26 43.69
N ARG C 379 30.96 2.62 44.60
CA ARG C 379 31.60 2.04 45.74
C ARG C 379 32.61 1.05 45.31
N ARG C 380 32.25 0.23 44.32
CA ARG C 380 33.15 -0.79 43.81
C ARG C 380 34.36 -0.21 43.13
N ASN C 381 34.17 0.88 42.40
CA ASN C 381 35.25 1.49 41.68
C ASN C 381 36.27 2.11 42.58
N ARG C 382 35.80 2.67 43.67
CA ARG C 382 36.72 3.23 44.67
C ARG C 382 37.39 2.12 45.44
N ALA C 383 36.75 0.99 45.53
CA ALA C 383 37.32 -0.14 46.23
C ALA C 383 38.23 -0.98 45.34
N ALA C 384 38.42 -0.58 44.10
CA ALA C 384 39.21 -1.37 43.17
C ALA C 384 40.69 -1.21 43.46
N ASN C 385 41.47 -2.20 43.08
CA ASN C 385 42.92 -2.13 43.23
C ASN C 385 43.59 -2.52 41.89
N PRO C 386 44.01 -1.54 41.09
CA PRO C 386 44.03 -0.10 41.29
C PRO C 386 42.61 0.45 41.23
N PRO C 387 42.34 1.63 41.82
CA PRO C 387 41.07 2.33 41.74
C PRO C 387 40.70 2.66 40.30
N VAL C 388 39.42 2.58 39.99
CA VAL C 388 38.95 2.91 38.66
C VAL C 388 38.37 4.29 38.65
N ASN C 389 38.87 5.13 37.76
CA ASN C 389 38.45 6.55 37.75
C ASN C 389 37.10 6.80 37.08
N ILE C 390 36.05 6.31 37.70
CA ILE C 390 34.70 6.50 37.20
C ILE C 390 33.77 6.88 38.34
N ASP C 391 33.38 8.14 38.35
CA ASP C 391 32.47 8.69 39.36
C ASP C 391 31.06 8.60 38.94
N ALA C 392 30.18 8.84 39.89
CA ALA C 392 28.77 8.78 39.70
C ALA C 392 28.31 9.65 38.60
N ASP C 393 28.98 10.78 38.44
CA ASP C 393 28.65 11.73 37.41
C ASP C 393 28.81 11.17 36.01
N GLN C 394 29.77 10.31 35.84
CA GLN C 394 30.03 9.71 34.59
C GLN C 394 29.06 8.63 34.27
N LEU C 395 28.67 7.89 35.27
CA LEU C 395 27.72 6.84 35.05
C LEU C 395 26.28 7.36 34.82
N LEU C 396 25.86 8.39 35.54
CA LEU C 396 24.56 8.99 35.27
C LEU C 396 24.51 9.97 34.12
N GLY C 397 25.62 10.61 33.78
CA GLY C 397 25.58 11.62 32.66
C GLY C 397 25.08 12.93 33.25
N ILE C 398 25.53 13.20 34.46
CA ILE C 398 25.14 14.36 35.17
C ILE C 398 26.34 15.07 35.72
N GLY C 399 26.55 16.32 35.33
CA GLY C 399 27.68 17.06 35.90
C GLY C 399 28.40 17.93 34.90
N GLN C 400 29.49 18.54 35.34
CA GLN C 400 30.25 19.43 34.48
C GLN C 400 31.06 18.71 33.43
N ASN C 401 31.61 17.56 33.80
CA ASN C 401 32.44 16.81 32.88
C ASN C 401 31.68 15.82 32.05
N TRP C 402 30.50 15.39 32.51
CA TRP C 402 29.71 14.44 31.72
C TRP C 402 28.27 14.87 31.63
N SER C 403 28.04 15.86 30.79
CA SER C 403 26.75 16.49 30.59
C SER C 403 26.13 16.08 29.27
N THR C 404 26.48 16.83 28.23
CA THR C 404 25.97 16.62 26.90
C THR C 404 26.61 15.44 26.21
N ILE C 405 26.05 15.09 25.05
CA ILE C 405 26.50 13.96 24.27
C ILE C 405 27.96 14.09 23.93
N SER C 406 28.40 15.30 23.61
CA SER C 406 29.77 15.47 23.24
C SER C 406 30.75 15.03 24.30
N GLN C 407 30.40 15.13 25.57
CA GLN C 407 31.32 14.68 26.58
C GLN C 407 31.11 13.20 26.81
N GLN C 408 29.84 12.75 26.72
CA GLN C 408 29.60 11.36 27.01
C GLN C 408 30.13 10.48 25.92
N ALA C 409 30.29 11.03 24.73
CA ALA C 409 30.86 10.32 23.60
C ALA C 409 32.28 9.91 23.80
N LEU C 410 32.93 10.49 24.74
CA LEU C 410 34.29 10.20 24.97
C LEU C 410 34.48 9.18 26.07
N MET C 411 33.38 8.60 26.57
CA MET C 411 33.49 7.58 27.65
C MET C 411 34.20 6.39 27.15
N GLN C 412 34.93 5.75 28.06
CA GLN C 412 35.66 4.57 27.73
C GLN C 412 34.77 3.38 27.85
N ASN C 413 35.18 2.28 27.24
CA ASN C 413 34.37 1.09 27.25
C ASN C 413 34.17 0.55 28.64
N GLU C 414 35.05 0.82 29.53
CA GLU C 414 34.88 0.36 30.87
C GLU C 414 33.69 1.03 31.48
N ALA C 415 33.58 2.34 31.26
CA ALA C 415 32.44 3.12 31.77
C ALA C 415 31.14 2.76 31.07
N ILE C 416 31.19 2.59 29.79
CA ILE C 416 30.03 2.27 29.03
C ILE C 416 29.44 0.99 29.45
N GLU C 417 30.25 -0.01 29.58
CA GLU C 417 29.80 -1.27 29.98
C GLU C 417 29.21 -1.23 31.29
N GLN C 418 29.82 -0.51 32.19
CA GLN C 418 29.36 -0.46 33.49
C GLN C 418 28.04 0.16 33.55
N VAL C 419 27.82 1.20 32.76
CA VAL C 419 26.48 1.78 32.65
C VAL C 419 25.47 0.78 32.15
N ARG C 420 25.84 0.02 31.11
CA ARG C 420 24.91 -0.97 30.53
C ARG C 420 24.46 -1.96 31.56
N ALA C 421 25.39 -2.43 32.37
CA ALA C 421 25.08 -3.38 33.35
C ALA C 421 24.15 -2.84 34.31
N ILE C 422 24.38 -1.60 34.71
CA ILE C 422 23.58 -0.98 35.68
C ILE C 422 22.20 -0.81 35.26
N CYS C 423 22.02 -0.31 34.05
CA CYS C 423 20.71 -0.08 33.53
C CYS C 423 19.93 -1.25 33.34
N LEU C 424 20.51 -2.31 32.86
CA LEU C 424 19.75 -3.47 32.64
C LEU C 424 19.27 -4.05 33.95
N ARG C 425 20.08 -3.92 34.99
CA ARG C 425 19.66 -4.33 36.30
C ARG C 425 18.56 -3.47 36.78
N ALA C 426 18.69 -2.18 36.53
CA ALA C 426 17.69 -1.25 36.96
C ALA C 426 16.39 -1.53 36.30
N TRP C 427 16.46 -1.92 35.04
CA TRP C 427 15.27 -2.19 34.27
C TRP C 427 14.56 -3.30 34.82
N GLU C 428 15.25 -4.33 35.16
CA GLU C 428 14.63 -5.47 35.75
C GLU C 428 14.01 -5.15 37.10
N LYS C 429 14.50 -4.15 37.78
CA LYS C 429 13.90 -3.78 39.06
C LYS C 429 12.56 -2.98 38.89
N ILE C 430 12.09 -2.76 37.64
CA ILE C 430 10.80 -2.02 37.45
C ILE C 430 9.65 -2.90 37.88
N GLN C 431 8.78 -2.36 38.73
CA GLN C 431 7.63 -3.12 39.25
C GLN C 431 6.73 -3.63 38.14
N ASP C 432 6.45 -4.94 38.14
CA ASP C 432 5.55 -5.56 37.13
C ASP C 432 4.19 -5.03 37.26
N PRO C 433 3.59 -4.58 36.19
CA PRO C 433 2.24 -4.15 36.13
C PRO C 433 1.33 -5.29 36.39
N GLY C 434 0.38 -5.11 37.32
CA GLY C 434 -0.62 -6.14 37.58
C GLY C 434 -1.94 -5.80 36.90
N SER C 435 -1.94 -4.70 36.16
CA SER C 435 -3.14 -4.20 35.51
C SER C 435 -2.96 -3.73 34.06
N THR C 436 -1.79 -3.19 33.71
CA THR C 436 -1.62 -2.64 32.38
C THR C 436 -1.72 -3.74 31.36
N CYS C 437 -2.58 -3.55 30.36
CA CYS C 437 -2.80 -4.52 29.28
C CYS C 437 -2.06 -5.85 29.42
N PRO C 438 -2.46 -6.73 30.34
CA PRO C 438 -1.89 -8.02 30.54
C PRO C 438 -2.42 -8.80 29.38
N SER C 439 -1.73 -8.67 28.24
CA SER C 439 -2.28 -9.09 26.96
C SER C 439 -2.64 -10.54 26.86
N PHE C 440 -2.06 -11.40 27.69
CA PHE C 440 -2.50 -12.75 27.67
C PHE C 440 -3.96 -12.90 28.02
N ASN C 441 -4.58 -11.88 28.62
CA ASN C 441 -6.01 -11.98 28.87
C ASN C 441 -6.77 -10.81 28.27
N THR C 442 -6.18 -10.13 27.32
CA THR C 442 -6.90 -9.09 26.63
C THR C 442 -7.22 -9.49 25.28
N VAL C 443 -6.45 -10.43 24.76
CA VAL C 443 -6.73 -10.95 23.45
C VAL C 443 -7.90 -11.79 23.44
N ARG C 444 -8.84 -11.42 22.65
CA ARG C 444 -10.05 -12.13 22.54
C ARG C 444 -10.36 -12.44 21.15
N GLN C 445 -11.06 -13.49 20.95
CA GLN C 445 -11.40 -13.91 19.61
C GLN C 445 -12.45 -12.97 19.03
N GLY C 446 -12.20 -12.49 17.82
CA GLY C 446 -13.22 -11.59 17.19
C GLY C 446 -14.35 -12.41 16.66
N SER C 447 -15.48 -11.74 16.41
CA SER C 447 -16.70 -12.44 16.05
C SER C 447 -16.60 -13.26 14.82
N LYS C 448 -15.75 -12.90 13.93
CA LYS C 448 -15.61 -13.61 12.71
C LYS C 448 -14.25 -14.19 12.50
N GLU C 449 -13.43 -14.24 13.55
CA GLU C 449 -12.06 -14.69 13.34
C GLU C 449 -11.98 -16.15 13.40
N PRO C 450 -11.27 -16.76 12.53
CA PRO C 450 -11.00 -18.12 12.52
C PRO C 450 -10.35 -18.50 13.76
N TYR C 451 -10.72 -19.67 14.28
CA TYR C 451 -10.15 -20.10 15.55
C TYR C 451 -8.64 -20.35 15.40
N PRO C 452 -8.14 -21.06 14.36
CA PRO C 452 -6.72 -21.32 14.22
C PRO C 452 -5.90 -20.03 14.33
N ASP C 453 -6.45 -18.92 13.81
CA ASP C 453 -5.76 -17.61 13.85
C ASP C 453 -5.69 -17.10 15.29
N PHE C 454 -6.82 -17.09 15.95
CA PHE C 454 -6.91 -16.74 17.30
C PHE C 454 -5.90 -17.36 18.13
N VAL C 455 -5.74 -18.65 17.98
CA VAL C 455 -4.85 -19.39 18.77
C VAL C 455 -3.50 -18.99 18.53
N ALA C 456 -3.13 -18.82 17.29
CA ALA C 456 -1.79 -18.46 16.99
C ALA C 456 -1.49 -17.17 17.57
N ARG C 457 -2.41 -16.25 17.49
CA ARG C 457 -2.23 -14.95 18.10
C ARG C 457 -2.01 -15.07 19.58
N LEU C 458 -2.80 -15.88 20.21
CA LEU C 458 -2.71 -16.07 21.62
C LEU C 458 -1.39 -16.58 22.00
N GLN C 459 -0.90 -17.57 21.28
CA GLN C 459 0.36 -18.12 21.59
C GLN C 459 1.43 -17.16 21.39
N ASP C 460 1.33 -16.34 20.37
CA ASP C 460 2.32 -15.37 20.10
C ASP C 460 2.48 -14.48 21.23
N VAL C 461 1.36 -14.00 21.74
CA VAL C 461 1.37 -13.14 22.89
C VAL C 461 1.90 -13.80 24.09
N ALA C 462 1.54 -15.07 24.28
CA ALA C 462 2.04 -15.80 25.43
C ALA C 462 3.56 -15.91 25.35
N GLN C 463 4.10 -16.12 24.18
CA GLN C 463 5.57 -16.17 24.04
C GLN C 463 6.18 -14.87 24.35
N LYS C 464 5.50 -13.83 24.07
CA LYS C 464 5.98 -12.55 24.28
C LYS C 464 5.71 -11.97 25.72
N SER C 465 4.87 -12.63 26.50
CA SER C 465 4.60 -12.12 27.83
C SER C 465 4.86 -13.06 28.96
N ILE C 466 4.61 -14.31 28.79
CA ILE C 466 4.84 -15.23 29.86
C ILE C 466 6.18 -15.86 29.80
N ALA C 467 6.97 -15.75 30.87
CA ALA C 467 8.35 -16.22 30.78
C ALA C 467 8.53 -17.74 30.94
N ASP C 468 7.93 -18.35 31.96
CA ASP C 468 8.12 -19.79 32.08
C ASP C 468 7.17 -20.59 31.24
N GLU C 469 7.73 -21.29 30.27
CA GLU C 469 7.02 -22.15 29.36
C GLU C 469 6.01 -23.06 29.99
N LYS C 470 6.30 -23.58 31.13
CA LYS C 470 5.36 -24.44 31.78
C LYS C 470 4.06 -23.73 32.06
N ALA C 471 4.17 -22.56 32.64
CA ALA C 471 3.04 -21.77 32.95
C ALA C 471 2.40 -21.25 31.71
N ARG C 472 3.22 -20.92 30.76
CA ARG C 472 2.78 -20.39 29.49
C ARG C 472 1.82 -21.34 28.83
N LYS C 473 2.18 -22.58 28.78
CA LYS C 473 1.34 -23.58 28.24
C LYS C 473 -0.01 -23.63 28.91
N VAL C 474 -0.01 -23.63 30.26
CA VAL C 474 -1.31 -23.67 30.99
C VAL C 474 -2.17 -22.49 30.65
N ILE C 475 -1.58 -21.33 30.62
CA ILE C 475 -2.32 -20.14 30.36
C ILE C 475 -2.91 -20.13 29.02
N VAL C 476 -2.16 -20.53 28.01
CA VAL C 476 -2.72 -20.61 26.68
C VAL C 476 -3.89 -21.55 26.61
N GLU C 477 -3.79 -22.68 27.21
CA GLU C 477 -4.85 -23.62 27.20
C GLU C 477 -6.15 -23.04 27.85
N LEU C 478 -5.98 -22.38 28.96
CA LEU C 478 -7.10 -21.83 29.66
C LEU C 478 -7.73 -20.72 28.86
N MET C 479 -6.90 -19.81 28.34
CA MET C 479 -7.39 -18.66 27.58
C MET C 479 -7.93 -19.07 26.22
N ALA C 480 -7.42 -20.13 25.68
CA ALA C 480 -7.92 -20.61 24.41
C ALA C 480 -9.38 -20.86 24.52
N TYR C 481 -9.80 -21.46 25.64
CA TYR C 481 -11.26 -21.64 25.89
C TYR C 481 -11.95 -20.36 26.30
N GLU C 482 -11.41 -19.73 27.31
CA GLU C 482 -12.09 -18.62 27.95
C GLU C 482 -12.31 -17.42 27.08
N ASN C 483 -11.38 -17.08 26.26
CA ASN C 483 -11.56 -15.91 25.45
C ASN C 483 -12.06 -16.22 24.07
N ALA C 484 -12.55 -17.40 23.85
CA ALA C 484 -13.05 -17.74 22.55
C ALA C 484 -14.43 -17.16 22.36
N ASN C 485 -14.85 -17.00 21.13
CA ASN C 485 -16.18 -16.48 20.92
C ASN C 485 -17.12 -17.56 21.11
N PRO C 486 -18.39 -17.28 21.33
CA PRO C 486 -19.49 -18.20 21.59
C PRO C 486 -19.60 -19.30 20.58
N GLU C 487 -19.32 -18.99 19.38
CA GLU C 487 -19.40 -19.95 18.34
C GLU C 487 -18.44 -21.10 18.57
N CYS C 488 -17.28 -20.78 19.13
CA CYS C 488 -16.29 -21.79 19.32
C CYS C 488 -16.39 -22.35 20.68
N GLN C 489 -16.89 -21.58 21.65
CA GLN C 489 -16.96 -22.17 22.99
C GLN C 489 -17.92 -23.29 23.01
N SER C 490 -18.91 -23.22 22.24
CA SER C 490 -19.84 -24.28 22.21
C SER C 490 -19.24 -25.55 21.65
N ALA C 491 -18.16 -25.44 20.92
CA ALA C 491 -17.49 -26.59 20.37
C ALA C 491 -16.47 -27.10 21.34
N ILE C 492 -15.91 -26.20 22.14
CA ILE C 492 -14.89 -26.60 23.06
C ILE C 492 -15.40 -27.08 24.35
N LYS C 493 -16.47 -26.51 24.83
CA LYS C 493 -17.05 -26.90 26.08
C LYS C 493 -17.26 -28.35 26.34
N PRO C 494 -17.73 -29.15 25.44
CA PRO C 494 -17.91 -30.57 25.61
C PRO C 494 -16.58 -31.36 25.57
N LEU C 495 -15.52 -30.67 25.16
CA LEU C 495 -14.15 -31.27 25.01
C LEU C 495 -13.29 -30.89 26.25
N LYS C 496 -13.44 -29.65 26.70
CA LYS C 496 -12.67 -29.10 27.77
C LYS C 496 -12.66 -29.93 28.97
N GLY C 497 -11.50 -30.32 29.40
CA GLY C 497 -11.35 -31.09 30.57
C GLY C 497 -11.40 -32.57 30.32
N LYS C 498 -11.76 -32.97 29.11
CA LYS C 498 -11.83 -34.39 28.76
C LYS C 498 -10.77 -34.76 27.76
N VAL C 499 -9.87 -33.85 27.50
CA VAL C 499 -8.80 -34.11 26.57
C VAL C 499 -7.87 -35.10 27.17
N PRO C 500 -7.57 -36.19 26.49
CA PRO C 500 -6.70 -37.27 26.92
C PRO C 500 -5.30 -36.82 26.96
N ALA C 501 -4.53 -37.48 27.80
CA ALA C 501 -3.14 -37.15 27.97
C ALA C 501 -2.41 -37.42 26.69
N GLY C 502 -1.28 -36.76 26.51
CA GLY C 502 -0.46 -36.98 25.32
C GLY C 502 -0.86 -36.03 24.21
N SER C 503 -2.08 -36.13 23.76
CA SER C 503 -2.55 -35.21 22.76
C SER C 503 -2.57 -33.82 23.27
N ASP C 504 -2.04 -32.90 22.48
CA ASP C 504 -1.98 -31.52 22.86
C ASP C 504 -3.38 -30.90 22.92
N VAL C 505 -3.60 -30.12 23.95
CA VAL C 505 -4.88 -29.62 24.22
C VAL C 505 -5.36 -28.66 23.22
N ILE C 506 -4.52 -27.67 22.87
CA ILE C 506 -4.98 -26.69 21.89
C ILE C 506 -4.97 -27.26 20.51
N SER C 507 -4.27 -28.33 20.31
CA SER C 507 -4.36 -29.03 19.08
C SER C 507 -5.78 -29.57 18.91
N GLU C 508 -6.30 -30.18 19.98
CA GLU C 508 -7.70 -30.71 19.93
C GLU C 508 -8.67 -29.63 19.82
N TYR C 509 -8.42 -28.55 20.41
CA TYR C 509 -9.32 -27.51 20.36
C TYR C 509 -9.49 -26.98 18.96
N VAL C 510 -8.37 -26.89 18.20
CA VAL C 510 -8.44 -26.50 16.78
C VAL C 510 -9.25 -27.47 16.00
N LYS C 511 -9.05 -28.76 16.25
CA LYS C 511 -9.80 -29.75 15.50
C LYS C 511 -11.24 -29.60 15.76
N ALA C 512 -11.61 -29.44 16.99
CA ALA C 512 -12.98 -29.32 17.33
C ALA C 512 -13.63 -28.17 16.66
N CYS C 513 -12.94 -27.08 16.54
CA CYS C 513 -13.54 -25.93 15.94
C CYS C 513 -13.34 -25.85 14.47
N ASP C 514 -12.81 -26.91 13.85
CA ASP C 514 -12.51 -26.84 12.44
C ASP C 514 -13.71 -26.85 11.67
N GLY C 515 -13.95 -25.77 11.01
CA GLY C 515 -15.09 -25.62 10.22
C GLY C 515 -15.93 -24.46 10.60
N ILE C 516 -15.73 -23.95 11.82
CA ILE C 516 -16.56 -22.88 12.26
C ILE C 516 -16.25 -21.61 11.58
N GLY C 517 -17.26 -21.00 11.03
CA GLY C 517 -17.13 -19.78 10.33
C GLY C 517 -17.34 -19.96 8.86
N GLY C 518 -17.40 -21.18 8.39
CA GLY C 518 -17.61 -21.42 6.94
C GLY C 518 -19.09 -21.52 6.58
N ALA C 519 -19.37 -21.93 5.32
CA ALA C 519 -20.73 -22.00 4.82
C ALA C 519 -21.47 -23.12 5.52
N MET C 520 -20.77 -24.22 5.73
CA MET C 520 -21.32 -25.36 6.38
C MET C 520 -21.87 -25.01 7.72
N HIS C 521 -21.06 -24.28 8.49
CA HIS C 521 -21.44 -23.87 9.82
C HIS C 521 -22.64 -23.02 9.79
N LYS C 522 -22.68 -22.06 8.86
CA LYS C 522 -23.85 -21.22 8.77
C LYS C 522 -25.08 -21.97 8.42
N ALA C 523 -24.97 -22.90 7.57
CA ALA C 523 -26.15 -23.66 7.20
C ALA C 523 -26.70 -24.36 8.41
N MET C 524 -25.83 -24.92 9.20
CA MET C 524 -26.26 -25.61 10.38
C MET C 524 -27.00 -24.69 11.26
N LEU C 525 -26.46 -23.53 11.46
CA LEU C 525 -27.10 -22.60 12.33
C LEU C 525 -28.42 -22.07 11.76
N MET C 526 -28.55 -22.00 10.48
CA MET C 526 -29.81 -21.62 9.92
C MET C 526 -30.84 -22.65 10.21
N ALA C 527 -30.42 -23.94 10.26
CA ALA C 527 -31.34 -25.01 10.63
C ALA C 527 -31.80 -24.78 12.05
N GLN C 528 -30.91 -24.38 12.87
CA GLN C 528 -31.22 -24.18 14.26
C GLN C 528 -32.14 -23.00 14.45
N ALA C 529 -32.01 -22.00 13.59
CA ALA C 529 -32.90 -20.83 13.64
C ALA C 529 -34.32 -21.23 13.32
N ILE C 530 -34.49 -22.05 12.31
CA ILE C 530 -35.82 -22.47 11.92
C ILE C 530 -36.38 -23.48 12.89
N THR C 531 -35.56 -24.42 13.30
CA THR C 531 -35.98 -25.44 14.22
C THR C 531 -35.86 -25.01 15.67
N GLU D 304 16.33 -8.44 17.71
CA GLU D 304 16.22 -7.87 16.37
C GLU D 304 16.18 -6.35 16.43
N ALA D 305 16.99 -5.76 17.30
CA ALA D 305 16.99 -4.31 17.40
C ALA D 305 18.20 -3.72 16.67
N ARG D 306 18.91 -2.78 17.30
CA ARG D 306 20.10 -2.09 16.78
C ARG D 306 19.87 -1.24 15.52
N TYR D 307 18.68 -0.68 15.36
CA TYR D 307 18.33 0.20 14.25
C TYR D 307 18.42 -0.40 12.82
N LYS D 308 19.64 -0.65 12.34
CA LYS D 308 19.87 -1.14 10.98
C LYS D 308 21.26 -1.77 10.78
N SER D 309 21.32 -2.95 10.14
CA SER D 309 22.59 -3.60 9.81
C SER D 309 22.83 -3.37 8.33
N PHE D 310 23.98 -3.79 7.80
CA PHE D 310 24.24 -3.67 6.38
C PHE D 310 23.33 -4.54 5.52
N SER D 311 22.54 -5.42 6.13
CA SER D 311 21.60 -6.24 5.38
C SER D 311 20.56 -6.84 6.29
N ILE D 312 19.29 -6.62 5.96
CA ILE D 312 18.20 -7.09 6.80
C ILE D 312 17.30 -8.14 6.19
N LYS D 313 16.74 -7.85 5.00
CA LYS D 313 15.74 -8.72 4.38
C LYS D 313 16.10 -10.19 4.42
N MET D 314 17.25 -10.54 3.87
CA MET D 314 17.68 -11.92 3.74
C MET D 314 17.77 -12.60 5.04
N LEU D 315 18.18 -11.88 6.06
CA LEU D 315 18.36 -12.49 7.34
C LEU D 315 16.95 -12.72 7.99
N LYS D 316 16.05 -11.80 7.71
CA LYS D 316 14.69 -11.90 8.23
C LYS D 316 14.00 -13.09 7.61
N ASP D 317 14.19 -13.22 6.32
CA ASP D 317 13.61 -14.30 5.55
C ASP D 317 14.11 -15.66 6.03
N MET D 318 15.41 -15.79 6.21
CA MET D 318 15.95 -17.04 6.60
C MET D 318 15.56 -17.40 7.96
N LYS D 319 15.50 -16.43 8.87
CA LYS D 319 15.07 -16.74 10.22
C LYS D 319 13.71 -17.35 10.22
N GLU D 320 12.81 -16.79 9.42
CA GLU D 320 11.47 -17.30 9.36
C GLU D 320 11.45 -18.63 8.72
N GLY D 321 12.27 -18.77 7.71
CA GLY D 321 12.39 -20.01 6.95
C GLY D 321 12.83 -21.19 7.81
N VAL D 322 13.77 -20.99 8.61
CA VAL D 322 14.20 -22.01 9.40
C VAL D 322 13.09 -22.40 10.34
N LYS D 323 12.46 -21.41 10.95
CA LYS D 323 11.33 -21.72 11.87
C LYS D 323 10.21 -22.51 11.21
N GLN D 324 9.85 -22.17 9.97
CA GLN D 324 8.71 -22.89 9.34
C GLN D 324 9.06 -24.01 8.41
N TYR D 325 10.29 -24.17 8.02
CA TYR D 325 10.57 -25.27 7.17
C TYR D 325 11.64 -26.20 7.76
N GLY D 326 12.54 -25.64 8.56
CA GLY D 326 13.62 -26.46 9.22
C GLY D 326 15.00 -26.15 8.59
N PRO D 327 16.09 -26.17 9.38
CA PRO D 327 17.48 -25.90 9.03
C PRO D 327 17.97 -26.68 7.81
N ASN D 328 17.55 -27.89 7.66
CA ASN D 328 18.00 -28.69 6.51
C ASN D 328 17.03 -28.79 5.41
N SER D 329 16.03 -27.98 5.43
CA SER D 329 15.01 -28.09 4.42
C SER D 329 15.53 -27.62 3.12
N PRO D 330 14.97 -28.09 2.00
CA PRO D 330 15.27 -27.74 0.62
C PRO D 330 15.23 -26.22 0.44
N TYR D 331 14.29 -25.59 1.03
CA TYR D 331 14.21 -24.18 0.97
C TYR D 331 15.41 -23.52 1.59
N MET D 332 15.71 -23.88 2.83
CA MET D 332 16.84 -23.24 3.47
C MET D 332 18.13 -23.61 2.81
N ARG D 333 18.23 -24.83 2.33
CA ARG D 333 19.46 -25.30 1.75
C ARG D 333 19.72 -24.62 0.48
N THR D 334 18.65 -24.30 -0.23
CA THR D 334 18.77 -23.53 -1.46
C THR D 334 19.29 -22.12 -1.19
N LEU D 335 18.76 -21.45 -0.18
CA LEU D 335 19.22 -20.10 0.08
C LEU D 335 20.60 -20.09 0.53
N LEU D 336 20.98 -21.09 1.37
CA LEU D 336 22.39 -21.18 1.82
C LEU D 336 23.31 -21.32 0.64
N ASP D 337 22.94 -22.18 -0.30
CA ASP D 337 23.77 -22.43 -1.44
C ASP D 337 23.94 -21.22 -2.22
N SER D 338 22.85 -20.50 -2.40
CA SER D 338 22.85 -19.25 -3.13
C SER D 338 23.73 -18.22 -2.51
N ILE D 339 23.55 -17.97 -1.28
CA ILE D 339 24.26 -16.96 -0.67
C ILE D 339 25.66 -17.27 -0.38
N ALA D 340 25.96 -18.54 -0.10
CA ALA D 340 27.32 -18.93 0.18
C ALA D 340 28.21 -18.86 -1.01
N HIS D 341 27.71 -19.27 -2.18
CA HIS D 341 28.57 -19.24 -3.36
C HIS D 341 28.72 -17.84 -3.92
N GLY D 342 27.71 -17.01 -3.66
CA GLY D 342 27.66 -15.65 -4.15
C GLY D 342 28.35 -14.62 -3.25
N HIS D 343 27.73 -14.24 -2.13
CA HIS D 343 28.29 -13.20 -1.28
C HIS D 343 29.38 -13.75 -0.41
N ARG D 344 30.58 -13.88 -0.93
CA ARG D 344 31.60 -14.58 -0.19
C ARG D 344 31.68 -14.06 1.24
N LEU D 345 31.73 -15.02 2.20
CA LEU D 345 31.65 -14.70 3.62
C LEU D 345 32.92 -14.93 4.43
N ILE D 346 33.05 -14.20 5.53
CA ILE D 346 34.16 -14.37 6.44
C ILE D 346 33.57 -15.04 7.69
N PRO D 347 34.34 -15.63 8.53
CA PRO D 347 33.94 -16.31 9.73
C PRO D 347 32.99 -15.41 10.55
N TYR D 348 33.25 -14.10 10.62
CA TYR D 348 32.32 -13.16 11.32
C TYR D 348 30.91 -13.21 10.74
N ASP D 349 30.83 -13.21 9.47
CA ASP D 349 29.61 -13.24 8.79
C ASP D 349 28.88 -14.45 9.08
N TRP D 350 29.56 -15.56 9.08
CA TRP D 350 28.90 -16.83 9.35
C TRP D 350 28.41 -16.84 10.77
N GLU D 351 29.13 -16.22 11.65
CA GLU D 351 28.75 -16.19 13.01
C GLU D 351 27.42 -15.51 13.11
N ILE D 352 27.27 -14.37 12.37
CA ILE D 352 25.98 -13.60 12.35
C ILE D 352 24.89 -14.32 11.62
N LEU D 353 25.22 -14.93 10.47
CA LEU D 353 24.22 -15.51 9.58
C LEU D 353 23.51 -16.61 10.32
N ALA D 354 24.28 -17.47 10.98
CA ALA D 354 23.70 -18.53 11.80
C ALA D 354 23.00 -17.96 13.06
N LYS D 355 23.65 -17.04 13.72
CA LYS D 355 23.11 -16.51 14.96
C LYS D 355 21.80 -15.87 14.78
N SER D 356 21.63 -15.21 13.65
CA SER D 356 20.40 -14.54 13.31
C SER D 356 19.33 -15.39 12.62
N SER D 357 19.64 -16.65 12.25
CA SER D 357 18.65 -17.46 11.54
C SER D 357 18.31 -18.78 12.24
N LEU D 358 19.21 -19.28 13.08
CA LEU D 358 18.96 -20.52 13.79
C LEU D 358 18.42 -20.25 15.17
N SER D 359 17.60 -21.18 15.66
CA SER D 359 17.05 -21.03 17.02
C SER D 359 18.21 -21.24 17.97
N PRO D 360 18.21 -20.67 19.13
CA PRO D 360 19.24 -20.71 20.11
C PRO D 360 19.88 -22.04 20.23
N SER D 361 19.09 -23.11 20.34
CA SER D 361 19.70 -24.39 20.51
C SER D 361 20.28 -24.91 19.27
N GLN D 362 19.72 -24.52 18.16
CA GLN D 362 20.18 -24.97 16.91
C GLN D 362 21.53 -24.35 16.60
N PHE D 363 21.63 -23.04 16.93
CA PHE D 363 22.92 -22.28 16.81
C PHE D 363 24.00 -22.93 17.58
N LEU D 364 23.71 -23.34 18.79
CA LEU D 364 24.72 -23.96 19.60
C LEU D 364 25.18 -25.24 19.01
N GLN D 365 24.28 -26.00 18.39
CA GLN D 365 24.76 -27.23 17.76
C GLN D 365 25.67 -26.83 16.53
N PHE D 366 25.26 -25.79 15.81
CA PHE D 366 26.00 -25.36 14.62
C PHE D 366 27.34 -25.04 14.93
N LYS D 367 27.52 -24.22 15.92
CA LYS D 367 28.85 -23.75 16.29
C LYS D 367 29.71 -24.87 16.86
N THR D 368 29.14 -25.78 17.58
CA THR D 368 29.92 -26.87 18.09
C THR D 368 30.46 -27.68 16.96
N TRP D 369 29.62 -27.95 15.99
CA TRP D 369 30.00 -28.69 14.84
C TRP D 369 31.01 -27.91 14.02
N TRP D 370 30.85 -26.60 14.01
CA TRP D 370 31.74 -25.75 13.25
C TRP D 370 33.05 -25.89 13.67
N ILE D 371 33.25 -25.84 14.97
CA ILE D 371 34.57 -25.96 15.54
C ILE D 371 35.16 -27.29 15.17
N ASP D 372 34.36 -28.35 15.25
CA ASP D 372 34.91 -29.64 14.93
C ASP D 372 35.36 -29.70 13.50
N GLY D 373 34.59 -29.11 12.61
CA GLY D 373 34.91 -29.11 11.21
C GLY D 373 36.25 -28.42 10.98
N VAL D 374 36.47 -27.32 11.69
CA VAL D 374 37.70 -26.60 11.58
C VAL D 374 38.81 -27.47 11.96
N GLN D 375 38.68 -28.19 13.02
CA GLN D 375 39.74 -29.00 13.45
C GLN D 375 40.12 -29.97 12.46
N GLU D 376 39.14 -30.52 11.76
CA GLU D 376 39.43 -31.46 10.72
C GLU D 376 40.30 -30.82 9.66
N GLN D 377 39.94 -29.61 9.23
CA GLN D 377 40.67 -28.99 8.14
C GLN D 377 41.98 -28.57 8.52
N VAL D 378 42.18 -28.23 9.77
CA VAL D 378 43.49 -27.88 10.25
C VAL D 378 44.42 -29.11 10.16
N ARG D 379 43.90 -30.29 10.47
CA ARG D 379 44.69 -31.47 10.32
C ARG D 379 45.13 -31.62 8.92
N ARG D 380 44.22 -31.38 8.00
CA ARG D 380 44.53 -31.51 6.58
C ARG D 380 45.54 -30.49 6.11
N ASN D 381 45.44 -29.29 6.63
CA ASN D 381 46.32 -28.23 6.22
C ASN D 381 47.73 -28.46 6.68
N ARG D 382 47.87 -29.02 7.85
CA ARG D 382 49.21 -29.38 8.34
C ARG D 382 49.74 -30.58 7.61
N ALA D 383 48.86 -31.41 7.12
CA ALA D 383 49.27 -32.58 6.38
C ALA D 383 49.50 -32.31 4.91
N ALA D 384 49.37 -31.06 4.48
CA ALA D 384 49.54 -30.74 3.08
C ALA D 384 51.02 -30.72 2.72
N ASN D 385 51.32 -30.93 1.45
CA ASN D 385 52.69 -30.85 0.95
C ASN D 385 52.69 -30.04 -0.35
N PRO D 386 53.04 -28.74 -0.28
CA PRO D 386 53.51 -27.94 0.84
C PRO D 386 52.39 -27.73 1.83
N PRO D 387 52.70 -27.41 3.10
CA PRO D 387 51.76 -27.15 4.16
C PRO D 387 51.02 -25.86 3.87
N VAL D 388 49.76 -25.82 4.27
CA VAL D 388 48.97 -24.61 4.05
C VAL D 388 48.88 -23.83 5.32
N ASN D 389 49.26 -22.56 5.27
CA ASN D 389 49.32 -21.73 6.49
C ASN D 389 47.96 -21.20 6.94
N ILE D 390 47.10 -22.09 7.37
CA ILE D 390 45.79 -21.72 7.86
C ILE D 390 45.49 -22.48 9.14
N ASP D 391 45.52 -21.76 10.25
CA ASP D 391 45.25 -22.32 11.58
C ASP D 391 43.82 -22.19 11.93
N ALA D 392 43.44 -22.89 13.00
CA ALA D 392 42.11 -22.92 13.50
C ALA D 392 41.58 -21.56 13.79
N ASP D 393 42.46 -20.69 14.23
CA ASP D 393 42.10 -19.33 14.56
C ASP D 393 41.59 -18.55 13.36
N GLN D 394 42.11 -18.85 12.21
CA GLN D 394 41.70 -18.20 11.02
C GLN D 394 40.42 -18.71 10.50
N LEU D 395 40.19 -19.98 10.65
CA LEU D 395 38.95 -20.55 10.19
C LEU D 395 37.76 -20.18 11.12
N LEU D 396 37.95 -20.18 12.42
CA LEU D 396 36.89 -19.74 13.32
C LEU D 396 36.73 -18.23 13.47
N GLY D 397 37.79 -17.46 13.27
CA GLY D 397 37.68 -15.98 13.46
C GLY D 397 37.84 -15.70 14.95
N ILE D 398 38.75 -16.43 15.55
CA ILE D 398 39.01 -16.33 16.95
C ILE D 398 40.48 -16.21 17.19
N GLY D 399 40.91 -15.13 17.81
CA GLY D 399 42.34 -15.00 18.14
C GLY D 399 42.88 -13.61 17.94
N GLN D 400 44.19 -13.47 18.11
CA GLN D 400 44.83 -12.18 17.99
C GLN D 400 44.95 -11.71 16.56
N ASN D 401 45.22 -12.63 15.66
CA ASN D 401 45.40 -12.27 14.26
C ASN D 401 44.13 -12.31 13.46
N TRP D 402 43.12 -13.05 13.91
CA TRP D 402 41.87 -13.09 13.18
C TRP D 402 40.68 -12.91 14.10
N SER D 403 40.48 -11.68 14.50
CA SER D 403 39.46 -11.28 15.45
C SER D 403 38.33 -10.54 14.76
N THR D 404 38.51 -9.24 14.63
CA THR D 404 37.51 -8.37 14.04
C THR D 404 37.48 -8.47 12.53
N ILE D 405 36.47 -7.83 11.95
CA ILE D 405 36.25 -7.86 10.51
C ILE D 405 37.47 -7.36 9.77
N SER D 406 38.11 -6.32 10.28
CA SER D 406 39.24 -5.78 9.61
C SER D 406 40.35 -6.79 9.38
N GLN D 407 40.51 -7.77 10.26
CA GLN D 407 41.55 -8.73 10.01
C GLN D 407 40.99 -9.83 9.15
N GLN D 408 39.70 -10.16 9.34
CA GLN D 408 39.16 -11.27 8.58
C GLN D 408 38.99 -10.90 7.15
N ALA D 409 38.87 -9.61 6.87
CA ALA D 409 38.77 -9.09 5.52
C ALA D 409 39.97 -9.35 4.68
N LEU D 410 41.06 -9.67 5.28
CA LEU D 410 42.25 -9.88 4.57
C LEU D 410 42.49 -11.36 4.30
N MET D 411 41.52 -12.21 4.61
CA MET D 411 41.69 -13.67 4.38
C MET D 411 41.78 -13.94 2.93
N GLN D 412 42.54 -14.95 2.58
CA GLN D 412 42.71 -15.35 1.22
C GLN D 412 41.61 -16.25 0.81
N ASN D 413 41.42 -16.40 -0.49
CA ASN D 413 40.34 -17.20 -0.99
C ASN D 413 40.48 -18.65 -0.59
N GLU D 414 41.67 -19.09 -0.34
CA GLU D 414 41.85 -20.44 0.09
C GLU D 414 41.21 -20.65 1.41
N ALA D 415 41.43 -19.68 2.31
CA ALA D 415 40.84 -19.74 3.67
C ALA D 415 39.33 -19.54 3.64
N ILE D 416 38.88 -18.63 2.84
CA ILE D 416 37.49 -18.34 2.75
C ILE D 416 36.73 -19.52 2.30
N GLU D 417 37.18 -20.13 1.26
CA GLU D 417 36.55 -21.27 0.74
C GLU D 417 36.50 -22.34 1.71
N GLN D 418 37.58 -22.54 2.41
CA GLN D 418 37.64 -23.59 3.32
C GLN D 418 36.68 -23.39 4.40
N VAL D 419 36.52 -22.15 4.86
CA VAL D 419 35.49 -21.86 5.83
C VAL D 419 34.10 -22.18 5.30
N ARG D 420 33.82 -21.79 4.06
CA ARG D 420 32.51 -22.03 3.46
C ARG D 420 32.17 -23.50 3.46
N ALA D 421 33.13 -24.31 3.09
CA ALA D 421 32.91 -25.69 3.03
C ALA D 421 32.60 -26.22 4.34
N ILE D 422 33.32 -25.76 5.35
CA ILE D 422 33.14 -26.23 6.66
C ILE D 422 31.82 -25.93 7.20
N CYS D 423 31.38 -24.70 7.04
CA CYS D 423 30.11 -24.28 7.54
C CYS D 423 29.00 -24.92 6.93
N LEU D 424 29.02 -25.13 5.65
CA LEU D 424 27.92 -25.75 5.04
C LEU D 424 27.77 -27.18 5.50
N ARG D 425 28.89 -27.84 5.74
CA ARG D 425 28.86 -29.15 6.29
C ARG D 425 28.32 -29.13 7.66
N ALA D 426 28.74 -28.14 8.44
CA ALA D 426 28.30 -28.01 9.78
C ALA D 426 26.82 -27.79 9.83
N TRP D 427 26.32 -27.02 8.89
CA TRP D 427 24.91 -26.71 8.83
C TRP D 427 24.14 -27.90 8.62
N GLU D 428 24.56 -28.72 7.72
CA GLU D 428 23.88 -29.94 7.47
C GLU D 428 23.89 -30.88 8.66
N LYS D 429 24.88 -30.75 9.52
CA LYS D 429 24.91 -31.58 10.71
C LYS D 429 23.90 -31.11 11.82
N ILE D 430 23.12 -30.05 11.56
CA ILE D 430 22.12 -29.58 12.60
C ILE D 430 20.99 -30.58 12.69
N GLN D 431 20.69 -31.00 13.91
CA GLN D 431 19.62 -31.99 14.13
C GLN D 431 18.27 -31.52 13.62
N ASP D 432 17.64 -32.35 12.77
CA ASP D 432 16.30 -32.02 12.22
C ASP D 432 15.30 -31.94 13.29
N PRO D 433 14.53 -30.90 13.36
CA PRO D 433 13.44 -30.72 14.25
C PRO D 433 12.38 -31.72 13.95
N GLY D 434 11.93 -32.44 14.98
CA GLY D 434 10.81 -33.37 14.83
C GLY D 434 9.51 -32.77 15.33
N SER D 435 9.59 -31.52 15.76
CA SER D 435 8.45 -30.82 16.34
C SER D 435 8.25 -29.39 15.87
N THR D 436 9.32 -28.66 15.55
CA THR D 436 9.17 -27.24 15.21
C THR D 436 8.39 -27.14 13.93
N CYS D 437 7.33 -26.32 13.95
CA CYS D 437 6.46 -26.09 12.80
C CYS D 437 6.75 -26.94 11.56
N PRO D 438 6.46 -28.24 11.57
CA PRO D 438 6.64 -29.13 10.45
C PRO D 438 5.53 -28.73 9.54
N SER D 439 5.75 -27.68 8.75
CA SER D 439 4.69 -26.99 8.05
C SER D 439 3.90 -27.83 7.08
N PHE D 440 4.46 -28.93 6.60
CA PHE D 440 3.64 -29.78 5.80
C PHE D 440 2.44 -30.30 6.53
N ASN D 441 2.43 -30.27 7.88
CA ASN D 441 1.25 -30.64 8.63
C ASN D 441 0.78 -29.55 9.56
N THR D 442 1.07 -28.30 9.22
CA THR D 442 0.50 -27.21 9.96
C THR D 442 -0.38 -26.42 9.12
N VAL D 443 -0.17 -26.49 7.83
CA VAL D 443 -1.04 -25.81 6.91
C VAL D 443 -2.32 -26.43 6.81
N ARG D 444 -3.33 -25.68 7.11
CA ARG D 444 -4.65 -26.16 7.09
C ARG D 444 -5.52 -25.28 6.29
N GLN D 445 -6.53 -25.84 5.75
CA GLN D 445 -7.42 -25.08 4.92
C GLN D 445 -8.26 -24.16 5.78
N GLY D 446 -8.32 -22.88 5.42
CA GLY D 446 -9.18 -21.96 6.21
C GLY D 446 -10.61 -22.14 5.86
N SER D 447 -11.50 -21.66 6.72
CA SER D 447 -12.92 -21.94 6.59
C SER D 447 -13.51 -21.44 5.31
N LYS D 448 -12.96 -20.45 4.75
CA LYS D 448 -13.49 -19.90 3.55
C LYS D 448 -12.53 -19.95 2.41
N GLU D 449 -11.46 -20.72 2.53
CA GLU D 449 -10.45 -20.68 1.47
C GLU D 449 -10.80 -21.61 0.38
N PRO D 450 -10.72 -21.21 -0.91
CA PRO D 450 -10.93 -22.07 -2.05
C PRO D 450 -9.99 -23.24 -1.98
N TYR D 451 -10.48 -24.43 -2.32
CA TYR D 451 -9.63 -25.59 -2.25
C TYR D 451 -8.41 -25.43 -3.17
N PRO D 452 -8.52 -24.96 -4.42
CA PRO D 452 -7.36 -24.77 -5.28
C PRO D 452 -6.25 -23.92 -4.65
N ASP D 453 -6.59 -22.96 -3.79
CA ASP D 453 -5.54 -22.14 -3.21
C ASP D 453 -4.84 -22.95 -2.16
N PHE D 454 -5.63 -23.65 -1.36
CA PHE D 454 -5.12 -24.50 -0.37
C PHE D 454 -4.12 -25.43 -0.86
N VAL D 455 -4.46 -26.07 -1.97
CA VAL D 455 -3.64 -27.13 -2.48
C VAL D 455 -2.35 -26.52 -2.93
N ALA D 456 -2.42 -25.38 -3.60
CA ALA D 456 -1.22 -24.78 -4.11
C ALA D 456 -0.35 -24.43 -3.01
N ARG D 457 -0.92 -23.90 -1.95
CA ARG D 457 -0.15 -23.57 -0.78
C ARG D 457 0.53 -24.79 -0.21
N LEU D 458 -0.19 -25.85 -0.13
CA LEU D 458 0.32 -27.07 0.41
C LEU D 458 1.47 -27.54 -0.38
N GLN D 459 1.35 -27.53 -1.69
CA GLN D 459 2.41 -27.98 -2.51
C GLN D 459 3.57 -27.13 -2.39
N ASP D 460 3.37 -25.82 -2.25
CA ASP D 460 4.45 -24.93 -2.15
C ASP D 460 5.26 -25.25 -0.97
N VAL D 461 4.60 -25.48 0.14
CA VAL D 461 5.27 -25.87 1.34
C VAL D 461 5.96 -27.16 1.22
N ALA D 462 5.32 -28.12 0.56
CA ALA D 462 5.95 -29.41 0.38
C ALA D 462 7.23 -29.26 -0.43
N GLN D 463 7.25 -28.41 -1.42
CA GLN D 463 8.47 -28.17 -2.20
C GLN D 463 9.52 -27.56 -1.37
N LYS D 464 9.13 -26.78 -0.44
CA LYS D 464 10.02 -26.11 0.40
C LYS D 464 10.46 -26.93 1.67
N SER D 465 9.79 -28.03 1.96
CA SER D 465 10.19 -28.79 3.13
C SER D 465 10.52 -30.22 2.90
N ILE D 466 9.86 -30.88 2.00
CA ILE D 466 10.16 -32.26 1.78
C ILE D 466 11.13 -32.45 0.67
N ALA D 467 12.24 -33.15 0.94
CA ALA D 467 13.30 -33.22 -0.09
C ALA D 467 13.04 -34.25 -1.19
N ASP D 468 12.69 -35.49 -0.86
CA ASP D 468 12.46 -36.44 -1.93
C ASP D 468 11.08 -36.37 -2.52
N GLU D 469 11.01 -35.97 -3.78
CA GLU D 469 9.81 -35.84 -4.54
C GLU D 469 8.86 -36.99 -4.43
N LYS D 470 9.36 -38.18 -4.37
CA LYS D 470 8.50 -39.32 -4.24
C LYS D 470 7.66 -39.23 -3.00
N ALA D 471 8.31 -38.97 -1.89
CA ALA D 471 7.66 -38.85 -0.64
C ALA D 471 6.82 -37.63 -0.59
N ARG D 472 7.31 -36.60 -1.21
CA ARG D 472 6.63 -35.33 -1.27
C ARG D 472 5.26 -35.47 -1.86
N LYS D 473 5.18 -36.15 -2.95
CA LYS D 473 3.95 -36.43 -3.59
C LYS D 473 2.99 -37.12 -2.68
N VAL D 474 3.45 -38.18 -1.98
CA VAL D 474 2.55 -38.92 -1.05
C VAL D 474 2.03 -38.02 0.03
N ILE D 475 2.89 -37.23 0.60
CA ILE D 475 2.50 -36.39 1.68
C ILE D 475 1.51 -35.39 1.27
N VAL D 476 1.71 -34.75 0.12
CA VAL D 476 0.72 -33.81 -0.36
C VAL D 476 -0.64 -34.46 -0.56
N GLU D 477 -0.67 -35.60 -1.12
CA GLU D 477 -1.91 -36.28 -1.32
C GLU D 477 -2.65 -36.57 0.02
N LEU D 478 -1.91 -37.02 0.99
CA LEU D 478 -2.48 -37.35 2.24
C LEU D 478 -2.99 -36.12 2.94
N MET D 479 -2.16 -35.07 2.98
CA MET D 479 -2.50 -33.82 3.64
C MET D 479 -3.59 -33.06 2.90
N ALA D 480 -3.65 -33.23 1.57
CA ALA D 480 -4.67 -32.57 0.77
C ALA D 480 -6.04 -32.98 1.30
N TYR D 481 -6.18 -34.24 1.71
CA TYR D 481 -7.44 -34.70 2.37
C TYR D 481 -7.51 -34.32 3.82
N GLU D 482 -6.49 -34.68 4.55
CA GLU D 482 -6.52 -34.58 6.00
C GLU D 482 -6.66 -33.19 6.55
N ASN D 483 -6.02 -32.24 5.94
CA ASN D 483 -6.11 -30.90 6.47
C ASN D 483 -7.13 -30.05 5.78
N ALA D 484 -8.02 -30.65 5.03
CA ALA D 484 -9.01 -29.89 4.34
C ALA D 484 -10.12 -29.53 5.29
N ASN D 485 -10.88 -28.51 4.98
CA ASN D 485 -11.97 -28.16 5.86
C ASN D 485 -13.07 -29.07 5.60
N PRO D 486 -14.03 -29.21 6.49
CA PRO D 486 -15.18 -30.09 6.44
C PRO D 486 -15.97 -29.97 5.18
N GLU D 487 -16.06 -28.81 4.66
CA GLU D 487 -16.79 -28.58 3.47
C GLU D 487 -16.21 -29.36 2.31
N CYS D 488 -14.89 -29.48 2.29
CA CYS D 488 -14.25 -30.16 1.21
C CYS D 488 -14.03 -31.56 1.53
N GLN D 489 -13.89 -31.92 2.81
CA GLN D 489 -13.66 -33.34 3.10
C GLN D 489 -14.84 -34.13 2.72
N SER D 490 -15.97 -33.59 2.83
CA SER D 490 -17.13 -34.30 2.47
C SER D 490 -17.19 -34.58 0.98
N ALA D 491 -16.45 -33.82 0.19
CA ALA D 491 -16.40 -34.02 -1.24
C ALA D 491 -15.31 -34.98 -1.58
N ILE D 492 -14.26 -35.01 -0.77
CA ILE D 492 -13.16 -35.87 -1.06
C ILE D 492 -13.30 -37.22 -0.53
N LYS D 493 -13.91 -37.38 0.62
CA LYS D 493 -14.10 -38.66 1.24
C LYS D 493 -14.63 -39.77 0.40
N PRO D 494 -15.61 -39.59 -0.42
CA PRO D 494 -16.14 -40.60 -1.31
C PRO D 494 -15.22 -40.91 -2.50
N LEU D 495 -14.22 -40.06 -2.69
CA LEU D 495 -13.24 -40.16 -3.83
C LEU D 495 -11.93 -40.82 -3.31
N LYS D 496 -11.53 -40.44 -2.11
CA LYS D 496 -10.30 -40.88 -1.51
C LYS D 496 -10.12 -42.32 -1.52
N GLY D 497 -9.06 -42.76 -2.11
CA GLY D 497 -8.75 -44.14 -2.15
C GLY D 497 -9.33 -44.86 -3.35
N LYS D 498 -10.20 -44.18 -4.09
CA LYS D 498 -10.81 -44.77 -5.26
C LYS D 498 -10.33 -44.11 -6.53
N VAL D 499 -9.36 -43.25 -6.40
CA VAL D 499 -8.83 -42.57 -7.54
C VAL D 499 -8.09 -43.55 -8.39
N PRO D 500 -8.39 -43.64 -9.67
CA PRO D 500 -7.81 -44.54 -10.64
C PRO D 500 -6.40 -44.16 -10.93
N ALA D 501 -5.63 -45.14 -11.33
CA ALA D 501 -4.24 -44.92 -11.64
C ALA D 501 -4.13 -44.02 -12.81
N GLY D 502 -2.99 -43.35 -12.93
CA GLY D 502 -2.75 -42.46 -14.06
C GLY D 502 -3.20 -41.06 -13.75
N SER D 503 -4.47 -40.89 -13.50
CA SER D 503 -4.96 -39.59 -13.12
C SER D 503 -4.37 -39.15 -11.83
N ASP D 504 -3.91 -37.91 -11.80
CA ASP D 504 -3.30 -37.36 -10.62
C ASP D 504 -4.32 -37.19 -9.51
N VAL D 505 -3.92 -37.54 -8.30
CA VAL D 505 -4.81 -37.58 -7.22
C VAL D 505 -5.29 -36.27 -6.81
N ILE D 506 -4.37 -35.30 -6.64
CA ILE D 506 -4.82 -33.97 -6.22
C ILE D 506 -5.49 -33.24 -7.34
N SER D 507 -5.26 -33.66 -8.54
CA SER D 507 -5.98 -33.12 -9.63
C SER D 507 -7.46 -33.47 -9.48
N GLU D 508 -7.73 -34.73 -9.13
CA GLU D 508 -9.15 -35.17 -8.93
C GLU D 508 -9.72 -34.51 -7.74
N TYR D 509 -8.95 -34.30 -6.77
CA TYR D 509 -9.46 -33.73 -5.62
C TYR D 509 -9.95 -32.31 -5.87
N VAL D 510 -9.19 -31.55 -6.70
CA VAL D 510 -9.64 -30.20 -7.09
C VAL D 510 -10.92 -30.25 -7.83
N LYS D 511 -11.04 -31.21 -8.75
CA LYS D 511 -12.27 -31.31 -9.50
C LYS D 511 -13.41 -31.57 -8.62
N ALA D 512 -13.26 -32.47 -7.70
CA ALA D 512 -14.32 -32.82 -6.82
C ALA D 512 -14.77 -31.66 -6.01
N CYS D 513 -13.88 -30.83 -5.60
CA CYS D 513 -14.26 -29.72 -4.79
C CYS D 513 -14.57 -28.49 -5.56
N ASP D 514 -14.66 -28.59 -6.89
CA ASP D 514 -14.87 -27.42 -7.69
C ASP D 514 -16.20 -26.93 -7.55
N GLY D 515 -16.32 -25.79 -6.97
CA GLY D 515 -17.56 -25.20 -6.76
C GLY D 515 -17.81 -24.88 -5.33
N ILE D 516 -17.05 -25.51 -4.42
CA ILE D 516 -17.30 -25.29 -3.04
C ILE D 516 -16.88 -23.95 -2.61
N GLY D 517 -17.79 -23.25 -1.98
CA GLY D 517 -17.54 -21.93 -1.49
C GLY D 517 -18.30 -20.91 -2.27
N GLY D 518 -18.90 -21.31 -3.38
CA GLY D 518 -19.66 -20.31 -4.20
C GLY D 518 -21.14 -20.24 -3.78
N ALA D 519 -21.94 -19.54 -4.59
CA ALA D 519 -23.35 -19.33 -4.28
C ALA D 519 -24.09 -20.64 -4.41
N MET D 520 -23.73 -21.39 -5.42
CA MET D 520 -24.35 -22.66 -5.68
C MET D 520 -24.26 -23.56 -4.50
N HIS D 521 -23.05 -23.65 -3.93
CA HIS D 521 -22.78 -24.48 -2.79
C HIS D 521 -23.59 -24.06 -1.65
N LYS D 522 -23.67 -22.75 -1.39
CA LYS D 522 -24.48 -22.29 -0.29
C LYS D 522 -25.92 -22.60 -0.46
N ALA D 523 -26.41 -22.49 -1.62
CA ALA D 523 -27.80 -22.77 -1.83
C ALA D 523 -28.09 -24.21 -1.47
N MET D 524 -27.21 -25.09 -1.89
CA MET D 524 -27.39 -26.47 -1.60
C MET D 524 -27.46 -26.68 -0.15
N LEU D 525 -26.55 -26.09 0.57
CA LEU D 525 -26.52 -26.27 1.98
C LEU D 525 -27.74 -25.63 2.68
N MET D 526 -28.28 -24.58 2.14
CA MET D 526 -29.48 -24.05 2.70
C MET D 526 -30.59 -25.02 2.57
N ALA D 527 -30.60 -25.79 1.46
CA ALA D 527 -31.61 -26.83 1.28
C ALA D 527 -31.45 -27.85 2.37
N GLN D 528 -30.25 -28.16 2.68
CA GLN D 528 -29.97 -29.18 3.68
C GLN D 528 -30.35 -28.70 5.05
N ALA D 529 -30.24 -27.40 5.28
CA ALA D 529 -30.65 -26.81 6.57
C ALA D 529 -32.15 -26.95 6.77
N ILE D 530 -32.90 -26.68 5.73
CA ILE D 530 -34.34 -26.77 5.82
C ILE D 530 -34.81 -28.19 5.82
N THR D 531 -34.22 -29.01 4.97
CA THR D 531 -34.58 -30.39 4.88
C THR D 531 -33.83 -31.27 5.87
N GLU E 304 18.13 -17.38 -4.63
CA GLU E 304 17.73 -15.98 -4.82
C GLU E 304 18.17 -15.11 -3.67
N ALA E 305 19.38 -15.36 -3.17
CA ALA E 305 19.85 -14.55 -2.05
C ALA E 305 20.85 -13.49 -2.55
N ARG E 306 21.99 -13.34 -1.85
CA ARG E 306 23.06 -12.38 -2.16
C ARG E 306 22.68 -10.90 -2.08
N TYR E 307 21.74 -10.57 -1.20
CA TYR E 307 21.30 -9.18 -0.96
C TYR E 307 20.70 -8.42 -2.16
N LYS E 308 21.55 -8.06 -3.13
CA LYS E 308 21.12 -7.27 -4.30
C LYS E 308 22.08 -7.35 -5.49
N SER E 309 21.54 -7.56 -6.69
CA SER E 309 22.35 -7.56 -7.93
C SER E 309 22.10 -6.23 -8.61
N PHE E 310 22.82 -5.96 -9.71
CA PHE E 310 22.58 -4.73 -10.45
C PHE E 310 21.21 -4.68 -11.12
N SER E 311 20.45 -5.78 -11.09
CA SER E 311 19.12 -5.78 -11.65
C SER E 311 18.33 -6.97 -11.15
N ILE E 312 17.15 -6.71 -10.59
CA ILE E 312 16.35 -7.79 -10.01
C ILE E 312 15.00 -8.02 -10.68
N LYS E 313 14.19 -6.97 -10.81
CA LYS E 313 12.82 -7.11 -11.31
C LYS E 313 12.70 -8.00 -12.53
N MET E 314 13.41 -7.67 -13.59
CA MET E 314 13.34 -8.36 -14.86
C MET E 314 13.66 -9.78 -14.74
N LEU E 315 14.61 -10.11 -13.89
CA LEU E 315 15.03 -11.46 -13.77
C LEU E 315 13.94 -12.25 -12.97
N LYS E 316 13.33 -11.57 -12.03
CA LYS E 316 12.27 -12.20 -11.22
C LYS E 316 11.09 -12.49 -12.10
N ASP E 317 10.76 -11.53 -12.93
CA ASP E 317 9.65 -11.66 -13.85
C ASP E 317 9.84 -12.81 -14.83
N MET E 318 11.01 -12.89 -15.43
CA MET E 318 11.26 -13.91 -16.39
C MET E 318 11.28 -15.24 -15.78
N LYS E 319 11.84 -15.36 -14.57
CA LYS E 319 11.84 -16.66 -13.93
C LYS E 319 10.44 -17.17 -13.77
N GLU E 320 9.54 -16.29 -13.35
CA GLU E 320 8.17 -16.71 -13.15
C GLU E 320 7.54 -17.00 -14.42
N GLY E 321 7.86 -16.21 -15.42
CA GLY E 321 7.32 -16.35 -16.78
C GLY E 321 7.65 -17.70 -17.40
N VAL E 322 8.83 -18.12 -17.27
CA VAL E 322 9.17 -19.31 -17.82
C VAL E 322 8.40 -20.40 -17.12
N LYS E 323 8.36 -20.34 -15.79
CA LYS E 323 7.61 -21.38 -15.04
C LYS E 323 6.13 -21.45 -15.46
N GLN E 324 5.48 -20.31 -15.66
CA GLN E 324 4.03 -20.37 -15.99
C GLN E 324 3.67 -20.27 -17.45
N TYR E 325 4.57 -19.94 -18.32
CA TYR E 325 4.18 -19.92 -19.69
C TYR E 325 5.05 -20.83 -20.55
N GLY E 326 6.31 -21.02 -20.15
CA GLY E 326 7.24 -21.93 -20.90
C GLY E 326 8.33 -21.11 -21.63
N PRO E 327 9.58 -21.63 -21.72
CA PRO E 327 10.76 -21.04 -22.35
C PRO E 327 10.54 -20.51 -23.76
N ASN E 328 9.73 -21.17 -24.53
CA ASN E 328 9.49 -20.70 -25.90
C ASN E 328 8.21 -20.01 -26.10
N SER E 329 7.58 -19.63 -25.04
CA SER E 329 6.29 -19.01 -25.16
C SER E 329 6.44 -17.64 -25.72
N PRO E 330 5.39 -17.12 -26.38
CA PRO E 330 5.28 -15.77 -26.95
C PRO E 330 5.64 -14.72 -25.92
N TYR E 331 5.22 -14.90 -24.73
CA TYR E 331 5.56 -14.00 -23.69
C TYR E 331 7.04 -13.95 -23.43
N MET E 332 7.63 -15.12 -23.19
CA MET E 332 9.05 -15.12 -22.93
C MET E 332 9.85 -14.69 -24.11
N ARG E 333 9.39 -15.04 -25.30
CA ARG E 333 10.14 -14.74 -26.50
C ARG E 333 10.12 -13.29 -26.75
N THR E 334 9.02 -12.65 -26.39
CA THR E 334 8.93 -11.22 -26.50
C THR E 334 9.92 -10.52 -25.57
N LEU E 335 10.01 -10.95 -24.33
CA LEU E 335 10.92 -10.30 -23.42
C LEU E 335 12.31 -10.50 -23.80
N LEU E 336 12.64 -11.72 -24.29
CA LEU E 336 14.00 -11.98 -24.76
C LEU E 336 14.37 -11.05 -25.88
N ASP E 337 13.44 -10.88 -26.82
CA ASP E 337 13.70 -10.03 -27.96
C ASP E 337 13.95 -8.68 -27.54
N SER E 338 13.14 -8.21 -26.60
CA SER E 338 13.25 -6.88 -26.06
C SER E 338 14.56 -6.65 -25.40
N ILE E 339 14.92 -7.48 -24.51
CA ILE E 339 16.07 -7.26 -23.78
C ILE E 339 17.31 -7.54 -24.50
N ALA E 340 17.30 -8.49 -25.42
CA ALA E 340 18.48 -8.82 -26.19
C ALA E 340 18.88 -7.75 -27.15
N HIS E 341 17.90 -7.12 -27.81
CA HIS E 341 18.25 -6.10 -28.78
C HIS E 341 18.60 -4.78 -28.09
N GLY E 342 18.06 -4.59 -26.90
CA GLY E 342 18.25 -3.38 -26.12
C GLY E 342 19.50 -3.38 -25.23
N HIS E 343 19.46 -4.11 -24.11
CA HIS E 343 20.57 -4.08 -23.16
C HIS E 343 21.67 -5.00 -23.63
N ARG E 344 22.52 -4.53 -24.52
CA ARG E 344 23.47 -5.45 -25.12
C ARG E 344 24.20 -6.25 -24.05
N LEU E 345 24.29 -7.57 -24.29
CA LEU E 345 24.81 -8.50 -23.30
C LEU E 345 26.15 -9.15 -23.65
N ILE E 346 26.88 -9.55 -22.61
CA ILE E 346 28.13 -10.27 -22.77
C ILE E 346 27.85 -11.71 -22.36
N PRO E 347 28.64 -12.65 -22.72
CA PRO E 347 28.50 -14.06 -22.43
C PRO E 347 28.21 -14.25 -20.92
N TYR E 348 28.88 -13.48 -20.04
CA TYR E 348 28.58 -13.56 -18.57
C TYR E 348 27.13 -13.27 -18.27
N ASP E 349 26.60 -12.27 -18.88
CA ASP E 349 25.27 -11.90 -18.69
C ASP E 349 24.36 -12.93 -19.10
N TRP E 350 24.62 -13.54 -20.23
CA TRP E 350 23.75 -14.58 -20.71
C TRP E 350 23.81 -15.78 -19.77
N GLU E 351 24.95 -16.01 -19.21
CA GLU E 351 25.10 -17.10 -18.32
C GLU E 351 24.16 -16.90 -17.16
N ILE E 352 24.12 -15.64 -16.64
CA ILE E 352 23.20 -15.28 -15.50
C ILE E 352 21.76 -15.27 -15.91
N LEU E 353 21.47 -14.70 -17.08
CA LEU E 353 20.09 -14.45 -17.52
C LEU E 353 19.37 -15.78 -17.63
N ALA E 354 20.04 -16.74 -18.25
CA ALA E 354 19.49 -18.09 -18.36
C ALA E 354 19.50 -18.81 -16.98
N LYS E 355 20.57 -18.71 -16.26
CA LYS E 355 20.69 -19.42 -15.00
C LYS E 355 19.67 -19.02 -14.04
N SER E 356 19.32 -17.74 -14.05
CA SER E 356 18.33 -17.20 -13.15
C SER E 356 16.88 -17.30 -13.63
N SER E 357 16.63 -17.74 -14.87
CA SER E 357 15.25 -17.79 -15.36
C SER E 357 14.80 -19.17 -15.82
N LEU E 358 15.73 -20.03 -16.22
CA LEU E 358 15.39 -21.37 -16.67
C LEU E 358 15.47 -22.33 -15.52
N SER E 359 14.65 -23.37 -15.58
CA SER E 359 14.68 -24.41 -14.53
C SER E 359 15.99 -25.17 -14.74
N PRO E 360 16.56 -25.74 -13.72
CA PRO E 360 17.81 -26.41 -13.73
C PRO E 360 18.01 -27.26 -14.93
N SER E 361 17.03 -28.08 -15.30
CA SER E 361 17.23 -28.93 -16.42
C SER E 361 17.15 -28.21 -17.70
N GLN E 362 16.38 -27.15 -17.72
CA GLN E 362 16.21 -26.39 -18.89
C GLN E 362 17.48 -25.63 -19.20
N PHE E 363 18.10 -25.10 -18.13
CA PHE E 363 19.43 -24.40 -18.21
C PHE E 363 20.45 -25.29 -18.80
N LEU E 364 20.49 -26.52 -18.35
CA LEU E 364 21.48 -27.44 -18.85
C LEU E 364 21.29 -27.70 -20.29
N GLN E 365 20.05 -27.76 -20.76
CA GLN E 365 19.88 -27.96 -22.19
C GLN E 365 20.37 -26.66 -22.94
N PHE E 366 20.07 -25.50 -22.37
CA PHE E 366 20.44 -24.23 -22.98
C PHE E 366 21.83 -24.14 -23.20
N LYS E 367 22.59 -24.40 -22.17
CA LYS E 367 24.04 -24.27 -22.24
C LYS E 367 24.67 -25.30 -23.17
N THR E 368 24.12 -26.49 -23.21
CA THR E 368 24.67 -27.48 -24.10
C THR E 368 24.50 -27.01 -25.52
N TRP E 369 23.34 -26.52 -25.82
CA TRP E 369 23.05 -26.01 -27.12
C TRP E 369 23.88 -24.79 -27.42
N TRP E 370 24.14 -24.00 -26.40
CA TRP E 370 24.92 -22.79 -26.56
C TRP E 370 26.18 -23.07 -27.05
N ILE E 371 26.84 -24.05 -26.45
CA ILE E 371 28.17 -24.41 -26.85
C ILE E 371 28.12 -24.84 -28.29
N ASP E 372 27.15 -25.68 -28.64
CA ASP E 372 27.13 -26.15 -30.01
C ASP E 372 27.00 -25.02 -30.98
N GLY E 373 26.19 -24.03 -30.64
CA GLY E 373 25.98 -22.91 -31.49
C GLY E 373 27.29 -22.17 -31.71
N VAL E 374 28.07 -22.03 -30.65
CA VAL E 374 29.34 -21.38 -30.74
C VAL E 374 30.20 -22.09 -31.68
N GLN E 375 30.23 -23.38 -31.62
CA GLN E 375 31.08 -24.10 -32.48
C GLN E 375 30.77 -23.87 -33.86
N GLU E 376 29.50 -23.76 -34.18
CA GLU E 376 29.09 -23.48 -35.51
C GLU E 376 29.68 -22.16 -35.98
N GLN E 377 29.59 -21.13 -35.15
CA GLN E 377 30.03 -19.81 -35.58
C GLN E 377 31.46 -19.72 -35.67
N VAL E 378 32.18 -20.48 -34.88
CA VAL E 378 33.62 -20.50 -34.98
C VAL E 378 34.03 -21.08 -36.34
N ARG E 379 33.31 -22.10 -36.81
CA ARG E 379 33.61 -22.63 -38.11
C ARG E 379 33.46 -21.57 -39.14
N ARG E 380 32.40 -20.79 -39.02
CA ARG E 380 32.13 -19.72 -39.96
C ARG E 380 33.17 -18.62 -39.92
N ASN E 381 33.64 -18.31 -38.73
CA ASN E 381 34.59 -17.25 -38.57
C ASN E 381 35.93 -17.60 -39.13
N ARG E 382 36.30 -18.85 -39.02
CA ARG E 382 37.55 -19.32 -39.64
C ARG E 382 37.39 -19.43 -41.13
N ALA E 383 36.19 -19.64 -41.59
CA ALA E 383 35.94 -19.73 -43.01
C ALA E 383 35.71 -18.38 -43.66
N ALA E 384 35.83 -17.29 -42.90
CA ALA E 384 35.60 -15.97 -43.46
C ALA E 384 36.80 -15.54 -44.29
N ASN E 385 36.57 -14.63 -45.23
CA ASN E 385 37.64 -14.08 -46.04
C ASN E 385 37.46 -12.56 -46.12
N PRO E 386 38.18 -11.78 -45.30
CA PRO E 386 39.22 -12.13 -44.35
C PRO E 386 38.63 -12.88 -43.17
N PRO E 387 39.42 -13.66 -42.44
CA PRO E 387 39.01 -14.41 -41.27
C PRO E 387 38.65 -13.48 -40.14
N VAL E 388 37.68 -13.90 -39.34
CA VAL E 388 37.28 -13.07 -38.21
C VAL E 388 37.87 -13.61 -36.95
N ASN E 389 38.59 -12.74 -36.22
CA ASN E 389 39.32 -13.19 -35.03
C ASN E 389 38.44 -13.37 -33.78
N ILE E 390 37.56 -14.34 -33.83
CA ILE E 390 36.69 -14.64 -32.71
C ILE E 390 36.63 -16.14 -32.48
N ASP E 391 37.27 -16.58 -31.41
CA ASP E 391 37.33 -17.99 -31.02
C ASP E 391 36.23 -18.34 -30.10
N ALA E 392 36.07 -19.63 -29.91
CA ALA E 392 35.05 -20.19 -29.07
C ALA E 392 35.09 -19.64 -27.69
N ASP E 393 36.30 -19.37 -27.22
CA ASP E 393 36.51 -18.84 -25.89
C ASP E 393 35.86 -17.48 -25.70
N GLN E 394 35.83 -16.70 -26.73
CA GLN E 394 35.25 -15.40 -26.68
C GLN E 394 33.78 -15.45 -26.73
N LEU E 395 33.25 -16.36 -27.49
CA LEU E 395 31.80 -16.47 -27.58
C LEU E 395 31.18 -17.10 -26.29
N LEU E 396 31.83 -18.11 -25.72
CA LEU E 396 31.33 -18.65 -24.46
C LEU E 396 31.71 -17.88 -23.21
N GLY E 397 32.81 -17.13 -23.23
CA GLY E 397 33.23 -16.39 -21.99
C GLY E 397 33.97 -17.37 -21.11
N ILE E 398 34.76 -18.22 -21.75
CA ILE E 398 35.53 -19.21 -21.08
C ILE E 398 36.95 -19.18 -21.54
N GLY E 399 37.88 -18.97 -20.62
CA GLY E 399 39.29 -19.01 -21.01
C GLY E 399 40.13 -17.94 -20.34
N GLN E 400 41.39 -17.86 -20.74
CA GLN E 400 42.31 -16.91 -20.15
C GLN E 400 42.05 -15.48 -20.59
N ASN E 401 41.70 -15.31 -21.84
CA ASN E 401 41.47 -13.97 -22.38
C ASN E 401 40.05 -13.49 -22.23
N TRP E 402 39.09 -14.40 -22.08
CA TRP E 402 37.71 -13.99 -21.92
C TRP E 402 37.05 -14.72 -20.79
N SER E 403 37.39 -14.31 -19.58
CA SER E 403 36.93 -14.92 -18.35
C SER E 403 35.91 -14.04 -17.64
N THR E 404 36.42 -13.13 -16.83
CA THR E 404 35.60 -12.24 -16.04
C THR E 404 35.00 -11.11 -16.87
N ILE E 405 34.10 -10.37 -16.24
CA ILE E 405 33.39 -9.28 -16.88
C ILE E 405 34.36 -8.27 -17.44
N SER E 406 35.43 -7.99 -16.72
CA SER E 406 36.35 -7.00 -17.18
C SER E 406 36.94 -7.32 -18.54
N GLN E 407 37.10 -8.59 -18.88
CA GLN E 407 37.64 -8.87 -20.17
C GLN E 407 36.50 -8.93 -21.17
N GLN E 408 35.34 -9.42 -20.73
CA GLN E 408 34.25 -9.54 -21.69
C GLN E 408 33.70 -8.20 -22.06
N ALA E 409 33.90 -7.22 -21.20
CA ALA E 409 33.48 -5.84 -21.46
C ALA E 409 34.18 -5.22 -22.62
N LEU E 410 35.26 -5.78 -23.04
CA LEU E 410 35.99 -5.22 -24.10
C LEU E 410 35.67 -5.87 -25.43
N MET E 411 34.65 -6.75 -25.46
CA MET E 411 34.27 -7.43 -26.71
C MET E 411 33.76 -6.43 -27.69
N GLN E 412 34.01 -6.71 -28.95
CA GLN E 412 33.56 -5.86 -30.01
C GLN E 412 32.17 -6.20 -30.38
N ASN E 413 31.50 -5.29 -31.06
CA ASN E 413 30.12 -5.50 -31.42
C ASN E 413 29.94 -6.67 -32.35
N GLU E 414 30.94 -7.01 -33.08
CA GLU E 414 30.85 -8.15 -33.94
C GLU E 414 30.69 -9.40 -33.12
N ALA E 415 31.49 -9.49 -32.06
CA ALA E 415 31.43 -10.65 -31.14
C ALA E 415 30.15 -10.66 -30.32
N ILE E 416 29.73 -9.53 -29.86
CA ILE E 416 28.57 -9.43 -29.06
C ILE E 416 27.38 -9.86 -29.81
N GLU E 417 27.23 -9.37 -31.00
CA GLU E 417 26.13 -9.72 -31.80
C GLU E 417 26.10 -11.14 -32.07
N GLN E 418 27.24 -11.70 -32.36
CA GLN E 418 27.29 -13.05 -32.69
C GLN E 418 26.90 -13.88 -31.56
N VAL E 419 27.29 -13.51 -30.35
CA VAL E 419 26.80 -14.19 -29.17
C VAL E 419 25.29 -14.12 -29.04
N ARG E 420 24.74 -12.93 -29.27
CA ARG E 420 23.28 -12.75 -29.15
C ARG E 420 22.54 -13.67 -30.07
N ALA E 421 23.01 -13.79 -31.28
CA ALA E 421 22.37 -14.60 -32.23
C ALA E 421 22.40 -15.98 -31.81
N ILE E 422 23.53 -16.41 -31.29
CA ILE E 422 23.69 -17.75 -30.89
C ILE E 422 22.80 -18.13 -29.80
N CYS E 423 22.74 -17.30 -28.78
CA CYS E 423 21.91 -17.58 -27.63
C CYS E 423 20.51 -17.60 -27.91
N LEU E 424 20.03 -16.72 -28.72
CA LEU E 424 18.66 -16.72 -28.99
C LEU E 424 18.24 -17.97 -29.75
N ARG E 425 19.12 -18.45 -30.61
CA ARG E 425 18.88 -19.69 -31.28
C ARG E 425 18.90 -20.81 -30.32
N ALA E 426 19.84 -20.76 -29.39
CA ALA E 426 19.96 -21.79 -28.41
C ALA E 426 18.74 -21.85 -27.56
N TRP E 427 18.19 -20.70 -27.25
CA TRP E 427 17.03 -20.61 -26.42
C TRP E 427 15.90 -21.25 -27.04
N GLU E 428 15.71 -20.99 -28.29
CA GLU E 428 14.66 -21.61 -29.00
C GLU E 428 14.80 -23.11 -29.09
N LYS E 429 16.01 -23.61 -29.01
CA LYS E 429 16.20 -25.05 -29.03
C LYS E 429 15.84 -25.74 -27.66
N ILE E 430 15.38 -24.98 -26.65
CA ILE E 430 15.02 -25.60 -25.34
C ILE E 430 13.74 -26.41 -25.51
N GLN E 431 13.77 -27.65 -25.06
CA GLN E 431 12.60 -28.55 -25.20
C GLN E 431 11.38 -27.98 -24.50
N ASP E 432 10.26 -27.89 -25.24
CA ASP E 432 8.97 -27.40 -24.68
C ASP E 432 8.49 -28.30 -23.61
N PRO E 433 8.16 -27.80 -22.47
CA PRO E 433 7.55 -28.50 -21.40
C PRO E 433 6.21 -28.99 -21.80
N GLY E 434 5.95 -30.28 -21.58
CA GLY E 434 4.63 -30.84 -21.81
C GLY E 434 3.88 -31.04 -20.50
N SER E 435 4.47 -30.57 -19.42
CA SER E 435 3.90 -30.76 -18.09
C SER E 435 3.97 -29.53 -17.18
N THR E 436 5.04 -28.75 -17.25
CA THR E 436 5.19 -27.63 -16.34
C THR E 436 4.09 -26.63 -16.60
N CYS E 437 3.38 -26.23 -15.53
CA CYS E 437 2.28 -25.28 -15.58
C CYS E 437 1.86 -24.78 -16.96
N PRO E 438 1.20 -25.61 -17.78
CA PRO E 438 0.70 -25.25 -19.08
C PRO E 438 -0.49 -24.41 -18.74
N SER E 439 -0.25 -23.12 -18.47
CA SER E 439 -1.23 -22.25 -17.84
C SER E 439 -2.52 -22.10 -18.59
N PHE E 440 -2.53 -22.33 -19.88
CA PHE E 440 -3.79 -22.30 -20.54
C PHE E 440 -4.76 -23.31 -20.01
N ASN E 441 -4.30 -24.33 -19.26
CA ASN E 441 -5.24 -25.26 -18.65
C ASN E 441 -5.05 -25.34 -17.16
N THR E 442 -4.43 -24.35 -16.55
CA THR E 442 -4.33 -24.34 -15.12
C THR E 442 -5.17 -23.29 -14.58
N VAL E 443 -5.45 -22.30 -15.38
CA VAL E 443 -6.34 -21.24 -14.95
C VAL E 443 -7.70 -21.68 -14.86
N ARG E 444 -8.25 -21.56 -13.71
CA ARG E 444 -9.58 -21.97 -13.47
C ARG E 444 -10.37 -20.90 -12.84
N GLN E 445 -11.62 -20.92 -13.07
CA GLN E 445 -12.48 -19.89 -12.52
C GLN E 445 -12.63 -20.09 -11.03
N GLY E 446 -12.43 -19.05 -10.25
CA GLY E 446 -12.62 -19.19 -8.78
C GLY E 446 -14.07 -19.19 -8.45
N SER E 447 -14.40 -19.66 -7.25
CA SER E 447 -15.79 -19.87 -6.88
C SER E 447 -16.62 -18.63 -6.89
N LYS E 448 -16.03 -17.52 -6.70
CA LYS E 448 -16.75 -16.30 -6.67
C LYS E 448 -16.32 -15.33 -7.73
N GLU E 449 -15.56 -15.78 -8.70
CA GLU E 449 -15.03 -14.82 -9.68
C GLU E 449 -16.01 -14.57 -10.74
N PRO E 450 -16.25 -13.29 -11.15
CA PRO E 450 -17.11 -12.95 -12.26
C PRO E 450 -16.60 -13.62 -13.51
N TYR E 451 -17.52 -14.13 -14.34
CA TYR E 451 -17.11 -14.79 -15.55
C TYR E 451 -16.29 -13.85 -16.44
N PRO E 452 -16.69 -12.57 -16.67
CA PRO E 452 -15.92 -11.66 -17.50
C PRO E 452 -14.45 -11.53 -17.06
N ASP E 453 -14.16 -11.66 -15.75
CA ASP E 453 -12.77 -11.51 -15.33
C ASP E 453 -12.03 -12.76 -15.72
N PHE E 454 -12.66 -13.91 -15.47
CA PHE E 454 -12.12 -15.15 -15.83
C PHE E 454 -11.69 -15.22 -17.21
N VAL E 455 -12.57 -14.78 -18.09
CA VAL E 455 -12.32 -14.95 -19.49
C VAL E 455 -11.15 -14.08 -19.83
N ALA E 456 -11.13 -12.85 -19.34
CA ALA E 456 -10.07 -11.97 -19.69
C ALA E 456 -8.81 -12.52 -19.27
N ARG E 457 -8.78 -13.09 -18.09
CA ARG E 457 -7.58 -13.74 -17.60
C ARG E 457 -7.15 -14.84 -18.52
N LEU E 458 -8.08 -15.64 -18.93
CA LEU E 458 -7.81 -16.75 -19.78
C LEU E 458 -7.21 -16.30 -21.05
N GLN E 459 -7.78 -15.28 -21.65
CA GLN E 459 -7.26 -14.79 -22.86
C GLN E 459 -5.95 -14.25 -22.71
N ASP E 460 -5.68 -13.59 -21.60
CA ASP E 460 -4.40 -13.02 -21.38
C ASP E 460 -3.38 -14.05 -21.39
N VAL E 461 -3.64 -15.13 -20.69
CA VAL E 461 -2.74 -16.23 -20.67
C VAL E 461 -2.56 -16.86 -21.99
N ALA E 462 -3.65 -16.99 -22.75
CA ALA E 462 -3.55 -17.57 -24.07
C ALA E 462 -2.65 -16.71 -24.94
N GLN E 463 -2.74 -15.41 -24.83
CA GLN E 463 -1.86 -14.53 -25.61
C GLN E 463 -0.45 -14.70 -25.22
N LYS E 464 -0.23 -14.99 -23.99
CA LYS E 464 1.06 -15.15 -23.48
C LYS E 464 1.64 -16.61 -23.64
N SER E 465 0.82 -17.57 -23.99
CA SER E 465 1.35 -18.92 -24.14
C SER E 465 1.12 -19.58 -25.46
N ILE E 466 0.03 -19.33 -26.09
CA ILE E 466 -0.21 -19.96 -27.35
C ILE E 466 0.21 -19.11 -28.51
N ALA E 467 1.07 -19.63 -29.39
CA ALA E 467 1.62 -18.76 -30.42
C ALA E 467 0.69 -18.54 -31.62
N ASP E 468 0.13 -19.60 -32.21
CA ASP E 468 -0.75 -19.35 -33.34
C ASP E 468 -2.15 -18.99 -32.97
N GLU E 469 -2.53 -17.76 -33.27
CA GLU E 469 -3.83 -17.21 -33.03
C GLU E 469 -4.98 -18.09 -33.40
N LYS E 470 -4.88 -18.82 -34.45
CA LYS E 470 -5.94 -19.70 -34.83
C LYS E 470 -6.22 -20.71 -33.75
N ALA E 471 -5.16 -21.36 -33.30
CA ALA E 471 -5.27 -22.33 -32.27
C ALA E 471 -5.63 -21.71 -30.99
N ARG E 472 -5.10 -20.54 -30.76
CA ARG E 472 -5.33 -19.80 -29.55
C ARG E 472 -6.79 -19.57 -29.33
N LYS E 473 -7.46 -19.12 -30.35
CA LYS E 473 -8.85 -18.92 -30.31
C LYS E 473 -9.60 -20.16 -29.92
N VAL E 474 -9.26 -21.31 -30.56
CA VAL E 474 -9.96 -22.58 -30.22
C VAL E 474 -9.77 -22.93 -28.77
N ILE E 475 -8.57 -22.81 -28.30
CA ILE E 475 -8.27 -23.19 -26.95
C ILE E 475 -8.98 -22.36 -25.98
N VAL E 476 -9.03 -21.05 -26.20
CA VAL E 476 -9.79 -20.20 -25.29
C VAL E 476 -11.25 -20.58 -25.25
N GLU E 477 -11.82 -20.85 -26.36
CA GLU E 477 -13.20 -21.22 -26.40
C GLU E 477 -13.47 -22.53 -25.60
N LEU E 478 -12.61 -23.49 -25.77
CA LEU E 478 -12.78 -24.75 -25.11
C LEU E 478 -12.60 -24.59 -23.63
N MET E 479 -11.54 -23.90 -23.22
CA MET E 479 -11.23 -23.70 -21.81
C MET E 479 -12.22 -22.77 -21.14
N ALA E 480 -12.80 -21.83 -21.91
CA ALA E 480 -13.78 -20.91 -21.37
C ALA E 480 -14.93 -21.71 -20.78
N TYR E 481 -15.29 -22.82 -21.42
CA TYR E 481 -16.31 -23.75 -20.87
C TYR E 481 -15.75 -24.66 -19.81
N GLU E 482 -14.69 -25.34 -20.17
CA GLU E 482 -14.19 -26.43 -19.35
C GLU E 482 -13.70 -26.03 -17.99
N ASN E 483 -13.05 -24.91 -17.88
CA ASN E 483 -12.54 -24.52 -16.60
C ASN E 483 -13.42 -23.57 -15.86
N ALA E 484 -14.65 -23.44 -16.29
CA ALA E 484 -15.55 -22.53 -15.62
C ALA E 484 -16.08 -23.18 -14.38
N ASN E 485 -16.56 -22.39 -13.44
CA ASN E 485 -17.10 -22.99 -12.24
C ASN E 485 -18.45 -23.44 -12.55
N PRO E 486 -19.03 -24.33 -11.76
CA PRO E 486 -20.33 -24.94 -11.90
C PRO E 486 -21.44 -23.96 -12.10
N GLU E 487 -21.34 -22.86 -11.46
CA GLU E 487 -22.34 -21.85 -11.58
C GLU E 487 -22.47 -21.36 -13.00
N CYS E 488 -21.35 -21.29 -13.70
CA CYS E 488 -21.37 -20.78 -15.02
C CYS E 488 -21.49 -21.86 -16.00
N GLN E 489 -21.02 -23.07 -15.67
CA GLN E 489 -21.15 -24.14 -16.67
C GLN E 489 -22.57 -24.43 -16.91
N SER E 490 -23.36 -24.32 -15.94
CA SER E 490 -24.74 -24.58 -16.13
C SER E 490 -25.39 -23.58 -17.06
N ALA E 491 -24.79 -22.42 -17.23
CA ALA E 491 -25.31 -21.42 -18.13
C ALA E 491 -24.76 -21.63 -19.49
N ILE E 492 -23.55 -22.16 -19.58
CA ILE E 492 -22.94 -22.35 -20.86
C ILE E 492 -23.29 -23.61 -21.52
N LYS E 493 -23.47 -24.67 -20.77
CA LYS E 493 -23.81 -25.95 -21.31
C LYS E 493 -24.93 -26.02 -22.32
N PRO E 494 -26.02 -25.36 -22.15
CA PRO E 494 -27.11 -25.35 -23.11
C PRO E 494 -26.80 -24.50 -24.36
N LEU E 495 -25.72 -23.72 -24.28
CA LEU E 495 -25.29 -22.80 -25.37
C LEU E 495 -24.15 -23.45 -26.19
N LYS E 496 -23.26 -24.13 -25.49
CA LYS E 496 -22.09 -24.74 -26.06
C LYS E 496 -22.38 -25.59 -27.19
N GLY E 497 -21.78 -25.29 -28.31
CA GLY E 497 -21.94 -26.07 -29.48
C GLY E 497 -23.09 -25.62 -30.34
N LYS E 498 -23.92 -24.72 -29.84
CA LYS E 498 -25.06 -24.21 -30.58
C LYS E 498 -24.87 -22.76 -30.95
N VAL E 499 -23.70 -22.24 -30.71
CA VAL E 499 -23.43 -20.87 -31.02
C VAL E 499 -23.38 -20.73 -32.51
N PRO E 500 -24.12 -19.80 -33.08
CA PRO E 500 -24.21 -19.53 -34.50
C PRO E 500 -22.95 -18.93 -35.01
N ALA E 501 -22.71 -19.12 -36.28
CA ALA E 501 -21.53 -18.60 -36.91
C ALA E 501 -21.57 -17.12 -36.89
N GLY E 502 -20.40 -16.51 -36.97
CA GLY E 502 -20.31 -15.04 -37.01
C GLY E 502 -20.18 -14.48 -35.61
N SER E 503 -21.16 -14.71 -34.79
CA SER E 503 -21.07 -14.27 -33.42
C SER E 503 -19.95 -14.96 -32.71
N ASP E 504 -19.15 -14.18 -32.00
CA ASP E 504 -18.04 -14.72 -31.27
C ASP E 504 -18.50 -15.59 -30.12
N VAL E 505 -17.82 -16.70 -29.96
CA VAL E 505 -18.23 -17.68 -29.03
C VAL E 505 -18.12 -17.25 -27.64
N ILE E 506 -16.95 -16.70 -27.25
CA ILE E 506 -16.80 -16.27 -25.87
C ILE E 506 -17.56 -15.01 -25.60
N SER E 507 -17.91 -14.30 -26.61
CA SER E 507 -18.77 -13.18 -26.45
C SER E 507 -20.13 -13.67 -25.95
N GLU E 508 -20.63 -14.73 -26.58
CA GLU E 508 -21.94 -15.32 -26.14
C GLU E 508 -21.84 -15.91 -24.82
N TYR E 509 -20.75 -16.46 -24.51
CA TYR E 509 -20.61 -17.07 -23.28
C TYR E 509 -20.70 -16.07 -22.15
N VAL E 510 -20.10 -14.87 -22.35
CA VAL E 510 -20.22 -13.78 -21.36
C VAL E 510 -21.64 -13.37 -21.19
N LYS E 511 -22.36 -13.25 -22.30
CA LYS E 511 -23.74 -12.84 -22.20
C LYS E 511 -24.51 -13.81 -21.42
N ALA E 512 -24.33 -15.07 -21.70
CA ALA E 512 -25.06 -16.09 -21.01
C ALA E 512 -24.84 -16.06 -19.56
N CYS E 513 -23.63 -15.79 -19.14
CA CYS E 513 -23.36 -15.78 -17.75
C CYS E 513 -23.54 -14.46 -17.09
N ASP E 514 -24.11 -13.49 -17.79
CA ASP E 514 -24.21 -12.17 -17.25
C ASP E 514 -25.20 -12.12 -16.22
N GLY E 515 -24.75 -11.90 -15.03
CA GLY E 515 -25.59 -11.82 -13.93
C GLY E 515 -25.22 -12.79 -12.86
N ILE E 516 -24.41 -13.80 -13.20
CA ILE E 516 -24.08 -14.78 -12.22
C ILE E 516 -23.14 -14.27 -11.21
N GLY E 517 -23.51 -14.43 -9.98
CA GLY E 517 -22.73 -13.98 -8.87
C GLY E 517 -23.36 -12.83 -8.18
N GLY E 518 -24.40 -12.26 -8.76
CA GLY E 518 -25.07 -11.09 -8.09
C GLY E 518 -26.19 -11.53 -7.17
N ALA E 519 -26.99 -10.55 -6.69
CA ALA E 519 -28.06 -10.81 -5.75
C ALA E 519 -29.16 -11.58 -6.44
N MET E 520 -29.44 -11.21 -7.67
CA MET E 520 -30.44 -11.84 -8.44
C MET E 520 -30.23 -13.31 -8.54
N HIS E 521 -28.98 -13.68 -8.87
CA HIS E 521 -28.60 -15.06 -9.02
C HIS E 521 -28.79 -15.78 -7.76
N LYS E 522 -28.36 -15.19 -6.64
CA LYS E 522 -28.55 -15.87 -5.38
C LYS E 522 -29.99 -16.08 -5.04
N ALA E 523 -30.79 -15.14 -5.32
CA ALA E 523 -32.19 -15.29 -5.01
C ALA E 523 -32.75 -16.48 -5.75
N MET E 524 -32.39 -16.60 -6.99
CA MET E 524 -32.86 -17.69 -7.79
C MET E 524 -32.47 -18.97 -7.18
N LEU E 525 -31.24 -19.07 -6.79
CA LEU E 525 -30.77 -20.28 -6.22
C LEU E 525 -31.41 -20.57 -4.85
N MET E 526 -31.75 -19.57 -4.11
CA MET E 526 -32.46 -19.81 -2.89
C MET E 526 -33.79 -20.41 -3.15
N ALA E 527 -34.41 -20.01 -4.28
CA ALA E 527 -35.70 -20.61 -4.68
C ALA E 527 -35.48 -22.07 -4.95
N GLN E 528 -34.41 -22.38 -5.56
CA GLN E 528 -34.11 -23.75 -5.93
C GLN E 528 -33.82 -24.58 -4.71
N ALA E 529 -33.25 -23.97 -3.70
CA ALA E 529 -32.98 -24.66 -2.41
C ALA E 529 -34.28 -25.06 -1.74
N ILE E 530 -35.23 -24.16 -1.73
CA ILE E 530 -36.50 -24.43 -1.09
C ILE E 530 -37.34 -25.35 -1.93
N THR E 531 -37.37 -25.12 -3.22
CA THR E 531 -38.14 -25.91 -4.12
C THR E 531 -37.39 -27.15 -4.59
N GLU F 304 9.12 -5.05 -23.30
CA GLU F 304 9.11 -4.09 -22.21
C GLU F 304 10.18 -4.43 -21.19
N ALA F 305 11.35 -4.85 -21.66
CA ALA F 305 12.41 -5.19 -20.71
C ALA F 305 13.43 -4.06 -20.64
N ARG F 306 14.73 -4.40 -20.69
CA ARG F 306 15.88 -3.47 -20.64
C ARG F 306 16.01 -2.67 -19.35
N TYR F 307 15.59 -3.25 -18.23
CA TYR F 307 15.71 -2.64 -16.89
C TYR F 307 14.96 -1.31 -16.69
N LYS F 308 15.46 -0.24 -17.31
CA LYS F 308 14.91 1.11 -17.15
C LYS F 308 15.35 2.11 -18.23
N SER F 309 14.40 2.89 -18.76
CA SER F 309 14.71 3.97 -19.71
C SER F 309 14.63 5.28 -18.97
N PHE F 310 14.96 6.39 -19.64
CA PHE F 310 14.86 7.69 -19.02
C PHE F 310 13.43 8.10 -18.69
N SER F 311 12.44 7.34 -19.14
CA SER F 311 11.05 7.64 -18.82
C SER F 311 10.17 6.44 -19.08
N ILE F 312 9.41 6.02 -18.06
CA ILE F 312 8.55 4.85 -18.22
C ILE F 312 7.06 5.10 -18.10
N LYS F 313 6.62 5.75 -17.03
CA LYS F 313 5.20 5.91 -16.75
C LYS F 313 4.39 6.31 -17.98
N MET F 314 4.75 7.42 -18.59
CA MET F 314 4.02 8.00 -19.71
C MET F 314 3.93 7.08 -20.84
N LEU F 315 4.96 6.30 -21.08
CA LEU F 315 4.96 5.42 -22.20
C LEU F 315 4.05 4.21 -21.89
N LYS F 316 4.04 3.81 -20.63
CA LYS F 316 3.20 2.69 -20.19
C LYS F 316 1.75 3.07 -20.32
N ASP F 317 1.45 4.28 -19.89
CA ASP F 317 0.11 4.81 -19.95
C ASP F 317 -0.41 4.90 -21.37
N MET F 318 0.38 5.45 -22.26
CA MET F 318 -0.05 5.61 -23.60
C MET F 318 -0.22 4.32 -24.28
N LYS F 319 0.67 3.36 -24.02
CA LYS F 319 0.50 2.06 -24.65
C LYS F 319 -0.83 1.47 -24.31
N GLU F 320 -1.21 1.59 -23.04
CA GLU F 320 -2.48 1.03 -22.62
C GLU F 320 -3.59 1.79 -23.19
N GLY F 321 -3.41 3.10 -23.27
CA GLY F 321 -4.41 4.01 -23.82
C GLY F 321 -4.74 3.73 -25.26
N VAL F 322 -3.78 3.49 -26.04
CA VAL F 322 -4.03 3.23 -27.35
C VAL F 322 -4.79 1.94 -27.44
N LYS F 323 -4.36 0.92 -26.71
CA LYS F 323 -5.07 -0.38 -26.74
C LYS F 323 -6.55 -0.24 -26.34
N GLN F 324 -6.86 0.55 -25.30
CA GLN F 324 -8.26 0.62 -24.86
C GLN F 324 -9.07 1.79 -25.37
N TYR F 325 -8.48 2.76 -25.97
CA TYR F 325 -9.29 3.82 -26.47
C TYR F 325 -9.11 4.03 -27.97
N GLY F 326 -7.91 3.72 -28.48
CA GLY F 326 -7.63 3.86 -29.96
C GLY F 326 -6.67 5.05 -30.22
N PRO F 327 -5.76 4.94 -31.21
CA PRO F 327 -4.74 5.90 -31.64
C PRO F 327 -5.29 7.31 -31.84
N ASN F 328 -6.47 7.44 -32.36
CA ASN F 328 -7.03 8.78 -32.61
C ASN F 328 -8.01 9.21 -31.61
N SER F 329 -8.09 8.55 -30.52
CA SER F 329 -9.08 8.89 -29.53
C SER F 329 -8.73 10.18 -28.88
N PRO F 330 -9.72 10.91 -28.36
CA PRO F 330 -9.61 12.16 -27.62
C PRO F 330 -8.61 12.02 -26.47
N TYR F 331 -8.62 10.94 -25.83
CA TYR F 331 -7.68 10.71 -24.79
C TYR F 331 -6.27 10.68 -25.30
N MET F 332 -6.01 9.85 -26.29
CA MET F 332 -4.65 9.78 -26.81
C MET F 332 -4.25 11.06 -27.45
N ARG F 333 -5.18 11.73 -28.11
CA ARG F 333 -4.84 12.93 -28.83
C ARG F 333 -4.51 14.01 -27.89
N THR F 334 -5.16 14.00 -26.74
CA THR F 334 -4.84 14.96 -25.71
C THR F 334 -3.43 14.76 -25.17
N LEU F 335 -3.04 13.51 -24.90
CA LEU F 335 -1.72 13.30 -24.37
C LEU F 335 -0.69 13.61 -25.35
N LEU F 336 -0.93 13.30 -26.63
CA LEU F 336 0.03 13.65 -27.69
C LEU F 336 0.24 15.14 -27.74
N ASP F 337 -0.86 15.88 -27.67
CA ASP F 337 -0.78 17.32 -27.74
C ASP F 337 0.01 17.85 -26.64
N SER F 338 -0.24 17.32 -25.46
CA SER F 338 0.46 17.70 -24.26
C SER F 338 1.92 17.45 -24.34
N ILE F 339 2.30 16.28 -24.67
CA ILE F 339 3.65 15.97 -24.67
C ILE F 339 4.41 16.49 -25.80
N ALA F 340 3.77 16.63 -26.95
CA ALA F 340 4.44 17.16 -28.12
C ALA F 340 4.79 18.61 -28.00
N HIS F 341 3.88 19.41 -27.43
CA HIS F 341 4.16 20.83 -27.32
C HIS F 341 5.12 21.13 -26.18
N GLY F 342 5.11 20.25 -25.18
CA GLY F 342 5.93 20.39 -24.00
C GLY F 342 7.35 19.83 -24.12
N HIS F 343 7.49 18.50 -24.05
CA HIS F 343 8.81 17.89 -24.06
C HIS F 343 9.33 17.80 -25.47
N ARG F 344 9.91 18.88 -25.97
CA ARG F 344 10.27 18.89 -27.36
C ARG F 344 11.05 17.64 -27.74
N LEU F 345 10.63 17.03 -28.88
CA LEU F 345 11.17 15.74 -29.29
C LEU F 345 12.03 15.76 -30.55
N ILE F 346 12.92 14.77 -30.64
CA ILE F 346 13.75 14.59 -31.82
C ILE F 346 13.21 13.38 -32.55
N PRO F 347 13.50 13.17 -33.78
CA PRO F 347 13.05 12.06 -34.60
C PRO F 347 13.27 10.72 -33.84
N TYR F 348 14.40 10.57 -33.14
CA TYR F 348 14.63 9.34 -32.32
C TYR F 348 13.54 9.12 -31.29
N ASP F 349 13.16 10.16 -30.64
CA ASP F 349 12.17 10.09 -29.66
C ASP F 349 10.89 9.69 -30.21
N TRP F 350 10.54 10.22 -31.34
CA TRP F 350 9.28 9.90 -31.96
C TRP F 350 9.31 8.45 -32.38
N GLU F 351 10.44 7.97 -32.79
CA GLU F 351 10.56 6.62 -33.21
C GLU F 351 10.19 5.73 -32.05
N ILE F 352 10.72 6.08 -30.84
CA ILE F 352 10.42 5.32 -29.59
C ILE F 352 9.01 5.50 -29.13
N LEU F 353 8.50 6.74 -29.17
CA LEU F 353 7.21 7.07 -28.58
C LEU F 353 6.14 6.28 -29.29
N ALA F 354 6.21 6.27 -30.62
CA ALA F 354 5.28 5.47 -31.40
C ALA F 354 5.55 3.94 -31.24
N LYS F 355 6.79 3.55 -31.29
CA LYS F 355 7.12 2.14 -31.22
C LYS F 355 6.68 1.52 -29.98
N SER F 356 6.74 2.27 -28.89
CA SER F 356 6.34 1.79 -27.59
C SER F 356 4.86 1.99 -27.25
N SER F 357 4.07 2.67 -28.10
CA SER F 357 2.66 2.90 -27.75
C SER F 357 1.68 2.37 -28.80
N LEU F 358 2.12 2.22 -30.04
CA LEU F 358 1.25 1.72 -31.10
C LEU F 358 1.43 0.24 -31.26
N SER F 359 0.36 -0.44 -31.67
CA SER F 359 0.44 -1.89 -31.92
C SER F 359 1.30 -2.05 -33.17
N PRO F 360 1.99 -3.14 -33.34
CA PRO F 360 2.89 -3.42 -34.40
C PRO F 360 2.38 -2.96 -35.72
N SER F 361 1.14 -3.28 -36.07
CA SER F 361 0.66 -2.88 -37.35
C SER F 361 0.36 -1.44 -37.43
N GLN F 362 0.00 -0.86 -36.32
CA GLN F 362 -0.34 0.50 -36.27
C GLN F 362 0.91 1.34 -36.45
N PHE F 363 1.99 0.88 -35.80
CA PHE F 363 3.35 1.51 -35.93
C PHE F 363 3.78 1.53 -37.34
N LEU F 364 3.60 0.43 -38.04
CA LEU F 364 4.03 0.37 -39.40
C LEU F 364 3.27 1.33 -40.25
N GLN F 365 1.99 1.54 -39.97
CA GLN F 365 1.27 2.53 -40.76
C GLN F 365 1.84 3.95 -40.40
N PHE F 366 2.12 4.17 -39.13
CA PHE F 366 2.62 5.47 -38.68
C PHE F 366 3.80 5.84 -39.36
N LYS F 367 4.75 4.95 -39.37
CA LYS F 367 6.05 5.24 -39.96
C LYS F 367 5.97 5.40 -41.48
N THR F 368 5.11 4.66 -42.12
CA THR F 368 4.98 4.82 -43.55
C THR F 368 4.48 6.19 -43.86
N TRP F 369 3.50 6.62 -43.11
CA TRP F 369 2.93 7.92 -43.28
C TRP F 369 3.94 8.98 -42.90
N TRP F 370 4.77 8.68 -41.92
CA TRP F 370 5.76 9.62 -41.48
C TRP F 370 6.62 9.98 -42.50
N ILE F 371 7.12 8.98 -43.21
CA ILE F 371 8.04 9.19 -44.29
C ILE F 371 7.38 10.03 -45.34
N ASP F 372 6.13 9.74 -45.66
CA ASP F 372 5.48 10.52 -46.68
C ASP F 372 5.38 11.97 -46.29
N GLY F 373 5.08 12.22 -45.03
CA GLY F 373 4.93 13.55 -44.54
C GLY F 373 6.24 14.30 -44.70
N VAL F 374 7.34 13.64 -44.42
CA VAL F 374 8.64 14.24 -44.56
C VAL F 374 8.84 14.64 -45.95
N GLN F 375 8.50 13.80 -46.88
CA GLN F 375 8.74 14.12 -48.22
C GLN F 375 8.04 15.33 -48.62
N GLU F 376 6.84 15.51 -48.11
CA GLU F 376 6.09 16.68 -48.40
C GLU F 376 6.85 17.92 -47.94
N GLN F 377 7.38 17.89 -46.72
CA GLN F 377 8.02 19.07 -46.18
C GLN F 377 9.28 19.35 -46.81
N VAL F 378 9.97 18.33 -47.29
CA VAL F 378 11.19 18.55 -48.01
C VAL F 378 10.90 19.31 -49.32
N ARG F 379 9.80 18.99 -49.97
CA ARG F 379 9.44 19.72 -51.15
C ARG F 379 9.27 21.15 -50.83
N ARG F 380 8.61 21.43 -49.71
CA ARG F 380 8.36 22.80 -49.29
C ARG F 380 9.64 23.53 -48.92
N ASN F 381 10.56 22.83 -48.32
CA ASN F 381 11.79 23.44 -47.88
C ASN F 381 12.67 23.82 -49.04
N ARG F 382 12.65 23.01 -50.07
CA ARG F 382 13.39 23.34 -51.28
C ARG F 382 12.69 24.44 -52.05
N ALA F 383 11.41 24.54 -51.88
CA ALA F 383 10.66 25.58 -52.56
C ALA F 383 10.63 26.89 -51.79
N ALA F 384 11.33 26.97 -50.67
CA ALA F 384 11.33 28.19 -49.89
C ALA F 384 12.25 29.22 -50.53
N ASN F 385 11.98 30.49 -50.24
CA ASN F 385 12.82 31.58 -50.73
C ASN F 385 13.09 32.55 -49.58
N PRO F 386 14.26 32.45 -48.92
CA PRO F 386 15.41 31.59 -49.16
C PRO F 386 15.06 30.16 -48.85
N PRO F 387 15.80 29.18 -49.40
CA PRO F 387 15.61 27.76 -49.19
C PRO F 387 15.96 27.40 -47.76
N VAL F 388 15.27 26.43 -47.21
CA VAL F 388 15.56 26.00 -45.85
C VAL F 388 16.37 24.74 -45.88
N ASN F 389 17.52 24.76 -45.20
CA ASN F 389 18.45 23.61 -45.26
C ASN F 389 18.06 22.45 -44.36
N ILE F 390 16.96 21.79 -44.69
CA ILE F 390 16.49 20.64 -43.95
C ILE F 390 16.07 19.55 -44.91
N ASP F 391 16.89 18.50 -44.98
CA ASP F 391 16.63 17.35 -45.84
C ASP F 391 15.88 16.30 -45.14
N ALA F 392 15.41 15.33 -45.92
CA ALA F 392 14.64 14.23 -45.44
C ALA F 392 15.34 13.49 -44.35
N ASP F 393 16.64 13.40 -44.46
CA ASP F 393 17.45 12.71 -43.50
C ASP F 393 17.37 13.32 -42.11
N GLN F 394 17.22 14.61 -42.04
CA GLN F 394 17.12 15.29 -40.80
C GLN F 394 15.78 15.15 -40.20
N LEU F 395 14.76 15.14 -41.01
CA LEU F 395 13.43 14.98 -40.48
C LEU F 395 13.13 13.53 -40.01
N LEU F 396 13.61 12.53 -40.75
CA LEU F 396 13.45 11.16 -40.28
C LEU F 396 14.44 10.69 -39.26
N GLY F 397 15.63 11.26 -39.22
CA GLY F 397 16.68 10.79 -38.23
C GLY F 397 17.34 9.57 -38.85
N ILE F 398 17.56 9.65 -40.15
CA ILE F 398 18.17 8.59 -40.89
C ILE F 398 19.28 9.12 -41.74
N GLY F 399 20.49 8.62 -41.54
CA GLY F 399 21.59 9.06 -42.41
C GLY F 399 22.90 9.27 -41.66
N GLN F 400 23.89 9.77 -42.38
CA GLN F 400 25.20 9.96 -41.80
C GLN F 400 25.26 11.16 -40.86
N ASN F 401 24.54 12.21 -41.20
CA ASN F 401 24.57 13.42 -40.39
C ASN F 401 23.51 13.44 -39.32
N TRP F 402 22.44 12.69 -39.49
CA TRP F 402 21.40 12.66 -38.47
C TRP F 402 20.98 11.26 -38.13
N SER F 403 21.84 10.60 -37.37
CA SER F 403 21.69 9.20 -36.99
C SER F 403 21.30 9.07 -35.54
N THR F 404 22.31 9.05 -34.67
CA THR F 404 22.13 8.88 -33.25
C THR F 404 21.66 10.15 -32.58
N ILE F 405 21.31 10.01 -31.31
CA ILE F 405 20.78 11.11 -30.51
C ILE F 405 21.75 12.27 -30.49
N SER F 406 23.04 11.99 -30.40
CA SER F 406 24.00 13.03 -30.33
C SER F 406 23.94 13.98 -31.52
N GLN F 407 23.58 13.49 -32.69
CA GLN F 407 23.50 14.39 -33.80
C GLN F 407 22.14 15.02 -33.84
N GLN F 408 21.10 14.26 -33.44
CA GLN F 408 19.78 14.81 -33.52
C GLN F 408 19.57 15.87 -32.49
N ALA F 409 20.34 15.81 -31.41
CA ALA F 409 20.30 16.81 -30.35
C ALA F 409 20.70 18.17 -30.80
N LEU F 410 21.33 18.28 -31.90
CA LEU F 410 21.78 19.52 -32.37
C LEU F 410 20.83 20.14 -33.37
N MET F 411 19.65 19.53 -33.57
CA MET F 411 18.66 20.06 -34.53
C MET F 411 18.17 21.38 -34.07
N GLN F 412 17.86 22.24 -35.02
CA GLN F 412 17.36 23.54 -34.73
C GLN F 412 15.89 23.48 -34.53
N ASN F 413 15.32 24.49 -33.91
CA ASN F 413 13.93 24.51 -33.63
C ASN F 413 13.08 24.51 -34.87
N GLU F 414 13.60 24.97 -35.94
CA GLU F 414 12.87 24.95 -37.17
C GLU F 414 12.63 23.54 -37.59
N ALA F 415 13.70 22.73 -37.49
CA ALA F 415 13.61 21.30 -37.85
C ALA F 415 12.75 20.51 -36.86
N ILE F 416 12.90 20.79 -35.61
CA ILE F 416 12.18 20.10 -34.59
C ILE F 416 10.73 20.31 -34.75
N GLU F 417 10.33 21.52 -34.93
CA GLU F 417 8.97 21.83 -35.10
C GLU F 417 8.41 21.18 -36.26
N GLN F 418 9.15 21.17 -37.33
CA GLN F 418 8.67 20.63 -38.51
C GLN F 418 8.46 19.19 -38.37
N VAL F 419 9.35 18.50 -37.67
CA VAL F 419 9.13 17.10 -37.35
C VAL F 419 7.86 16.89 -36.55
N ARG F 420 7.65 17.73 -35.53
CA ARG F 420 6.46 17.60 -34.67
C ARG F 420 5.20 17.68 -35.48
N ALA F 421 5.15 18.63 -36.39
CA ALA F 421 4.00 18.81 -37.18
C ALA F 421 3.76 17.65 -37.99
N ILE F 422 4.81 17.09 -38.56
CA ILE F 422 4.68 15.97 -39.41
C ILE F 422 4.16 14.79 -38.74
N CYS F 423 4.73 14.49 -37.58
CA CYS F 423 4.31 13.33 -36.83
C CYS F 423 2.96 13.40 -36.36
N LEU F 424 2.52 14.52 -35.90
CA LEU F 424 1.21 14.58 -35.41
C LEU F 424 0.21 14.37 -36.52
N ARG F 425 0.53 14.85 -37.71
CA ARG F 425 -0.29 14.60 -38.85
C ARG F 425 -0.29 13.16 -39.18
N ALA F 426 0.88 12.56 -39.12
CA ALA F 426 1.03 11.18 -39.43
C ALA F 426 0.23 10.34 -38.48
N TRP F 427 0.21 10.74 -37.23
CA TRP F 427 -0.50 10.01 -36.22
C TRP F 427 -1.91 10.00 -36.50
N GLU F 428 -2.45 11.12 -36.85
CA GLU F 428 -3.83 11.20 -37.18
C GLU F 428 -4.19 10.37 -38.40
N LYS F 429 -3.24 10.13 -39.27
CA LYS F 429 -3.51 9.29 -40.42
C LYS F 429 -3.55 7.75 -40.08
N ILE F 430 -3.37 7.38 -38.79
CA ILE F 430 -3.44 5.93 -38.42
C ILE F 430 -4.86 5.44 -38.52
N GLN F 431 -5.06 4.33 -39.21
CA GLN F 431 -6.41 3.78 -39.41
C GLN F 431 -7.08 3.44 -38.09
N ASP F 432 -8.30 3.97 -37.90
CA ASP F 432 -9.09 3.68 -36.67
C ASP F 432 -9.42 2.26 -36.56
N PRO F 433 -9.15 1.62 -35.46
CA PRO F 433 -9.53 0.29 -35.16
C PRO F 433 -11.01 0.17 -35.12
N GLY F 434 -11.55 -0.80 -35.85
CA GLY F 434 -12.99 -1.07 -35.79
C GLY F 434 -13.29 -2.26 -34.90
N SER F 435 -12.24 -2.81 -34.29
CA SER F 435 -12.36 -4.00 -33.47
C SER F 435 -11.59 -3.96 -32.16
N THR F 436 -10.44 -3.27 -32.11
CA THR F 436 -9.61 -3.32 -30.91
C THR F 436 -10.36 -2.65 -29.77
N CYS F 437 -10.46 -3.36 -28.64
CA CYS F 437 -11.15 -2.87 -27.44
C CYS F 437 -11.87 -1.53 -27.59
N PRO F 438 -13.00 -1.46 -28.31
CA PRO F 438 -13.79 -0.28 -28.48
C PRO F 438 -14.46 -0.15 -27.15
N SER F 439 -13.75 0.45 -26.20
CA SER F 439 -14.13 0.38 -24.79
C SER F 439 -15.50 0.93 -24.47
N PHE F 440 -16.04 1.80 -25.30
CA PHE F 440 -17.38 2.21 -25.04
C PHE F 440 -18.36 1.07 -25.07
N ASN F 441 -17.99 -0.09 -25.64
CA ASN F 441 -18.89 -1.23 -25.58
C ASN F 441 -18.22 -2.44 -24.98
N THR F 442 -17.16 -2.24 -24.23
CA THR F 442 -16.57 -3.35 -23.53
C THR F 442 -16.80 -3.23 -22.11
N VAL F 443 -17.04 -2.03 -21.66
CA VAL F 443 -17.34 -1.81 -20.27
C VAL F 443 -18.65 -2.29 -19.93
N ARG F 444 -18.70 -3.18 -19.01
CA ARG F 444 -19.91 -3.76 -18.59
C ARG F 444 -20.06 -3.69 -17.12
N GLN F 445 -21.25 -3.64 -16.68
CA GLN F 445 -21.50 -3.54 -15.27
C GLN F 445 -21.19 -4.86 -14.59
N GLY F 446 -20.40 -4.81 -13.51
CA GLY F 446 -20.11 -6.07 -12.80
C GLY F 446 -21.27 -6.48 -11.96
N SER F 447 -21.28 -7.74 -11.56
CA SER F 447 -22.45 -8.31 -10.88
C SER F 447 -22.81 -7.64 -9.61
N LYS F 448 -21.88 -7.05 -8.97
CA LYS F 448 -22.14 -6.41 -7.73
C LYS F 448 -21.83 -4.94 -7.75
N GLU F 449 -21.64 -4.36 -8.92
CA GLU F 449 -21.22 -2.96 -8.95
C GLU F 449 -22.38 -2.06 -8.85
N PRO F 450 -22.36 -1.01 -8.02
CA PRO F 450 -23.41 0.00 -7.94
C PRO F 450 -23.59 0.63 -9.29
N TYR F 451 -24.85 0.87 -9.67
CA TYR F 451 -25.11 1.46 -10.96
C TYR F 451 -24.42 2.83 -11.09
N PRO F 452 -24.47 3.74 -10.09
CA PRO F 452 -23.80 5.02 -10.20
C PRO F 452 -22.31 4.91 -10.54
N ASP F 453 -21.62 3.83 -10.11
CA ASP F 453 -20.21 3.75 -10.42
C ASP F 453 -20.07 3.36 -11.85
N PHE F 454 -20.89 2.40 -12.28
CA PHE F 454 -20.92 1.99 -13.62
C PHE F 454 -21.05 3.07 -14.57
N VAL F 455 -22.00 3.94 -14.30
CA VAL F 455 -22.31 4.96 -15.24
C VAL F 455 -21.13 5.88 -15.30
N ALA F 456 -20.57 6.25 -14.16
CA ALA F 456 -19.49 7.17 -14.18
C ALA F 456 -18.40 6.63 -14.95
N ARG F 457 -18.12 5.36 -14.79
CA ARG F 457 -17.09 4.71 -15.55
C ARG F 457 -17.38 4.80 -17.02
N LEU F 458 -18.58 4.55 -17.39
CA LEU F 458 -18.98 4.58 -18.76
C LEU F 458 -18.76 5.90 -19.34
N GLN F 459 -19.16 6.94 -18.63
CA GLN F 459 -18.99 8.25 -19.13
C GLN F 459 -17.60 8.59 -19.26
N ASP F 460 -16.77 8.15 -18.33
CA ASP F 460 -15.39 8.45 -18.38
C ASP F 460 -14.80 7.94 -19.61
N VAL F 461 -15.11 6.70 -19.93
CA VAL F 461 -14.65 6.11 -21.14
C VAL F 461 -15.14 6.79 -22.34
N ALA F 462 -16.41 7.19 -22.32
CA ALA F 462 -16.97 7.89 -23.46
C ALA F 462 -16.22 9.19 -23.69
N GLN F 463 -15.86 9.89 -22.63
CA GLN F 463 -15.09 11.12 -22.78
C GLN F 463 -13.75 10.85 -23.34
N LYS F 464 -13.22 9.74 -23.04
CA LYS F 464 -11.94 9.38 -23.49
C LYS F 464 -11.92 8.67 -24.89
N SER F 465 -13.07 8.28 -25.41
CA SER F 465 -13.07 7.63 -26.71
C SER F 465 -13.93 8.25 -27.77
N ILE F 466 -15.05 8.78 -27.40
CA ILE F 466 -15.90 9.37 -28.40
C ILE F 466 -15.67 10.83 -28.54
N ALA F 467 -15.37 11.29 -29.76
CA ALA F 467 -14.98 12.70 -29.91
C ALA F 467 -16.16 13.68 -29.93
N ASP F 468 -17.20 13.44 -30.74
CA ASP F 468 -18.30 14.39 -30.74
C ASP F 468 -19.29 14.17 -29.64
N GLU F 469 -19.37 15.12 -28.73
CA GLU F 469 -20.26 15.13 -27.60
C GLU F 469 -21.68 14.75 -27.92
N LYS F 470 -22.18 15.16 -29.04
CA LYS F 470 -23.52 14.81 -29.39
C LYS F 470 -23.70 13.32 -29.46
N ALA F 471 -22.80 12.67 -30.18
CA ALA F 471 -22.83 11.27 -30.33
C ALA F 471 -22.51 10.60 -29.07
N ARG F 472 -21.60 11.18 -28.33
CA ARG F 472 -21.15 10.65 -27.06
C ARG F 472 -22.30 10.48 -26.13
N LYS F 473 -23.10 11.48 -26.02
CA LYS F 473 -24.27 11.43 -25.22
C LYS F 473 -25.17 10.28 -25.58
N VAL F 474 -25.45 10.12 -26.90
CA VAL F 474 -26.33 9.02 -27.35
C VAL F 474 -25.77 7.68 -26.96
N ILE F 475 -24.49 7.51 -27.18
CA ILE F 475 -23.87 6.25 -26.90
C ILE F 475 -23.91 5.91 -25.49
N VAL F 476 -23.62 6.87 -24.61
CA VAL F 476 -23.72 6.60 -23.19
C VAL F 476 -25.11 6.18 -22.77
N GLU F 477 -26.09 6.83 -23.27
CA GLU F 477 -27.44 6.50 -22.94
C GLU F 477 -27.79 5.04 -23.38
N LEU F 478 -27.40 4.68 -24.56
CA LEU F 478 -27.69 3.39 -25.06
C LEU F 478 -26.96 2.33 -24.28
N MET F 479 -25.66 2.54 -24.04
CA MET F 479 -24.83 1.58 -23.33
C MET F 479 -25.19 1.52 -21.85
N ALA F 480 -25.69 2.63 -21.30
CA ALA F 480 -26.08 2.67 -19.90
C ALA F 480 -27.13 1.60 -19.67
N TYR F 481 -28.03 1.40 -20.65
CA TYR F 481 -29.02 0.29 -20.57
C TYR F 481 -28.43 -1.04 -20.97
N GLU F 482 -27.82 -1.07 -22.14
CA GLU F 482 -27.41 -2.32 -22.74
C GLU F 482 -26.38 -3.10 -21.98
N ASN F 483 -25.44 -2.44 -21.40
CA ASN F 483 -24.41 -3.16 -20.70
C ASN F 483 -24.64 -3.25 -19.22
N ALA F 484 -25.83 -2.96 -18.78
CA ALA F 484 -26.12 -3.03 -17.38
C ALA F 484 -26.35 -4.45 -16.98
N ASN F 485 -26.21 -4.76 -15.71
CA ASN F 485 -26.44 -6.13 -15.29
C ASN F 485 -27.89 -6.30 -15.17
N PRO F 486 -28.39 -7.53 -15.17
CA PRO F 486 -29.78 -7.92 -15.10
C PRO F 486 -30.53 -7.28 -13.97
N GLU F 487 -29.89 -7.10 -12.88
CA GLU F 487 -30.50 -6.51 -11.75
C GLU F 487 -30.96 -5.10 -12.05
N CYS F 488 -30.20 -4.39 -12.86
CA CYS F 488 -30.52 -3.03 -13.14
C CYS F 488 -31.31 -2.94 -14.38
N GLN F 489 -31.15 -3.89 -15.31
CA GLN F 489 -31.94 -3.76 -16.54
C GLN F 489 -33.37 -3.90 -16.23
N SER F 490 -33.69 -4.67 -15.30
CA SER F 490 -35.06 -4.82 -14.97
C SER F 490 -35.65 -3.56 -14.40
N ALA F 491 -34.83 -2.65 -13.92
CA ALA F 491 -35.30 -1.39 -13.39
C ALA F 491 -35.36 -0.39 -14.49
N ILE F 492 -34.48 -0.52 -15.49
CA ILE F 492 -34.46 0.44 -16.54
C ILE F 492 -35.38 0.15 -17.64
N LYS F 493 -35.59 -1.09 -17.96
CA LYS F 493 -36.48 -1.48 -19.02
C LYS F 493 -37.84 -0.86 -19.07
N PRO F 494 -38.55 -0.69 -18.01
CA PRO F 494 -39.84 -0.06 -17.99
C PRO F 494 -39.76 1.49 -18.14
N LEU F 495 -38.55 2.01 -18.01
CA LEU F 495 -38.26 3.48 -18.09
C LEU F 495 -37.73 3.83 -19.51
N LYS F 496 -36.91 2.95 -20.05
CA LYS F 496 -36.26 3.17 -21.32
C LYS F 496 -37.17 3.50 -22.39
N GLY F 497 -36.94 4.63 -23.00
CA GLY F 497 -37.73 5.06 -24.09
C GLY F 497 -38.92 5.90 -23.68
N LYS F 498 -39.20 5.97 -22.38
CA LYS F 498 -40.31 6.74 -21.87
C LYS F 498 -39.84 7.93 -21.08
N VAL F 499 -38.56 8.17 -21.11
CA VAL F 499 -38.02 9.29 -20.39
C VAL F 499 -38.44 10.55 -21.05
N PRO F 500 -39.02 11.48 -20.33
CA PRO F 500 -39.53 12.76 -20.82
C PRO F 500 -38.41 13.65 -21.20
N ALA F 501 -38.69 14.56 -22.09
CA ALA F 501 -37.72 15.49 -22.57
C ALA F 501 -37.29 16.37 -21.45
N GLY F 502 -36.10 16.94 -21.58
CA GLY F 502 -35.59 17.85 -20.56
C GLY F 502 -34.80 17.12 -19.51
N SER F 503 -35.45 16.23 -18.81
CA SER F 503 -34.76 15.44 -17.83
C SER F 503 -33.73 14.58 -18.48
N ASP F 504 -32.54 14.56 -17.91
CA ASP F 504 -31.45 13.79 -18.45
C ASP F 504 -31.72 12.29 -18.30
N VAL F 505 -31.41 11.55 -19.33
CA VAL F 505 -31.75 10.20 -19.39
C VAL F 505 -31.02 9.38 -18.42
N ILE F 506 -29.68 9.53 -18.36
CA ILE F 506 -28.93 8.72 -17.41
C ILE F 506 -29.13 9.19 -16.01
N SER F 507 -29.58 10.38 -15.84
CA SER F 507 -29.94 10.83 -14.55
C SER F 507 -31.12 10.02 -14.04
N GLU F 508 -32.11 9.81 -14.91
CA GLU F 508 -33.30 8.98 -14.52
C GLU F 508 -32.91 7.58 -14.33
N TYR F 509 -32.01 7.12 -15.07
CA TYR F 509 -31.64 5.80 -14.96
C TYR F 509 -31.01 5.50 -13.61
N VAL F 510 -30.18 6.46 -13.11
CA VAL F 510 -29.62 6.33 -11.75
C VAL F 510 -30.69 6.30 -10.72
N LYS F 511 -31.67 7.17 -10.87
CA LYS F 511 -32.75 7.19 -9.89
C LYS F 511 -33.44 5.91 -9.86
N ALA F 512 -33.76 5.38 -11.01
CA ALA F 512 -34.48 4.15 -11.07
C ALA F 512 -33.76 3.05 -10.41
N CYS F 513 -32.46 3.00 -10.54
CA CYS F 513 -31.73 1.93 -9.97
C CYS F 513 -31.25 2.21 -8.58
N ASP F 514 -31.71 3.29 -7.97
CA ASP F 514 -31.21 3.66 -6.67
C ASP F 514 -31.70 2.77 -5.67
N GLY F 515 -30.82 2.02 -5.11
CA GLY F 515 -31.15 1.10 -4.11
C GLY F 515 -30.74 -0.28 -4.45
N ILE F 516 -30.46 -0.54 -5.72
CA ILE F 516 -30.12 -1.88 -6.11
C ILE F 516 -28.78 -2.26 -5.64
N GLY F 517 -28.72 -3.37 -4.97
CA GLY F 517 -27.50 -3.87 -4.44
C GLY F 517 -27.46 -3.79 -2.95
N GLY F 518 -28.41 -3.10 -2.35
CA GLY F 518 -28.41 -2.98 -0.86
C GLY F 518 -29.22 -4.10 -0.20
N ALA F 519 -29.45 -3.96 1.13
CA ALA F 519 -30.15 -4.97 1.89
C ALA F 519 -31.60 -5.01 1.48
N MET F 520 -32.16 -3.84 1.26
CA MET F 520 -33.52 -3.72 0.86
C MET F 520 -33.81 -4.52 -0.37
N HIS F 521 -32.93 -4.35 -1.37
CA HIS F 521 -33.08 -5.03 -2.63
C HIS F 521 -33.02 -6.48 -2.44
N LYS F 522 -32.07 -6.96 -1.64
CA LYS F 522 -31.99 -8.38 -1.40
C LYS F 522 -33.21 -8.92 -0.73
N ALA F 523 -33.73 -8.23 0.17
CA ALA F 523 -34.91 -8.70 0.86
C ALA F 523 -36.03 -8.90 -0.14
N MET F 524 -36.18 -7.95 -1.02
CA MET F 524 -37.22 -8.04 -2.00
C MET F 524 -37.04 -9.26 -2.80
N LEU F 525 -35.85 -9.50 -3.24
CA LEU F 525 -35.61 -10.65 -4.06
C LEU F 525 -35.77 -11.96 -3.28
N MET F 526 -35.51 -11.97 -2.02
CA MET F 526 -35.78 -13.15 -1.26
C MET F 526 -37.24 -13.44 -1.23
N ALA F 527 -38.06 -12.38 -1.22
CA ALA F 527 -39.51 -12.55 -1.28
C ALA F 527 -39.86 -13.22 -2.58
N GLN F 528 -39.22 -12.81 -3.62
CA GLN F 528 -39.51 -13.33 -4.93
C GLN F 528 -39.08 -14.75 -5.05
N ALA F 529 -38.03 -15.12 -4.35
CA ALA F 529 -37.55 -16.52 -4.34
C ALA F 529 -38.58 -17.43 -3.70
N ILE F 530 -39.14 -16.99 -2.59
CA ILE F 530 -40.12 -17.80 -1.90
C ILE F 530 -41.44 -17.78 -2.61
N THR F 531 -41.86 -16.62 -3.08
CA THR F 531 -43.10 -16.49 -3.78
C THR F 531 -42.98 -16.79 -5.26
#